data_6SNL
#
_entry.id   6SNL
#
_cell.length_a   115.113
_cell.length_b   301.521
_cell.length_c   140.657
_cell.angle_alpha   90.00
_cell.angle_beta   90.00
_cell.angle_gamma   90.00
#
_symmetry.space_group_name_H-M   'C 2 2 21'
#
loop_
_entity.id
_entity.type
_entity.pdbx_description
1 polymer 'amine transaminase'
2 non-polymer "PYRIDOXAL-5'-PHOSPHATE"
3 non-polymer GLYCEROL
4 non-polymer 'CHLORIDE ION'
5 non-polymer 'HEXAETHYLENE GLYCOL'
6 water water
#
_entity_poly.entity_id   1
_entity_poly.type   'polypeptide(L)'
_entity_poly.pdbx_seq_one_letter_code
;MATMDEIFAAYEKRQAVLEESSNPLSKGIAWVFGELVPLAEARIPLMDQGFMHSDLTYDVPSVWDGRFFRLDDHIARLEA
SCAKMRLQLPLPREEVKQILVDMVAKSEIKDAFVELIVTRGLKGVRGHTPGETFKNHLYMFVQPYVWVMDPDIQKTGGKA
IIARTVRRIPPGSIDPTVKNLQWGDLTRGLFEAADRGATYPFLTDGDANLTEGSGFNVLLVKDGVIYTPDRGVLQGVTRK
SCIDVAKSLGIEVRVQFVPIQMAYDADEIFMATTAGGIMPITTLDDKPIQSGKVGPITKKIWDGYWAIHYDDAYSFEIQY
GASTNGTSKNGQVSGVNGHLEHHHHHH
;
_entity_poly.pdbx_strand_id   A,B,C,D,E,F
#
# COMPACT_ATOMS: atom_id res chain seq x y z
N THR A 3 26.91 -14.51 -25.71
CA THR A 3 26.14 -15.40 -24.85
C THR A 3 26.46 -15.13 -23.38
N MET A 4 26.62 -16.21 -22.60
CA MET A 4 26.86 -16.06 -21.17
C MET A 4 28.20 -15.37 -20.90
N ASP A 5 29.27 -15.85 -21.53
CA ASP A 5 30.59 -15.28 -21.27
C ASP A 5 30.64 -13.81 -21.70
N GLU A 6 30.06 -13.48 -22.85
CA GLU A 6 30.04 -12.09 -23.31
C GLU A 6 29.29 -11.19 -22.34
N ILE A 7 28.08 -11.59 -21.95
CA ILE A 7 27.26 -10.77 -21.06
C ILE A 7 27.93 -10.62 -19.71
N PHE A 8 28.47 -11.71 -19.16
CA PHE A 8 29.11 -11.66 -17.85
C PHE A 8 30.40 -10.84 -17.90
N ALA A 9 31.17 -10.97 -18.97
CA ALA A 9 32.41 -10.21 -19.09
C ALA A 9 32.14 -8.70 -19.12
N ALA A 10 31.15 -8.29 -19.92
CA ALA A 10 30.80 -6.87 -19.97
C ALA A 10 30.31 -6.38 -18.62
N TYR A 11 29.57 -7.22 -17.89
CA TYR A 11 29.10 -6.83 -16.56
C TYR A 11 30.26 -6.63 -15.59
N GLU A 12 31.19 -7.59 -15.57
CA GLU A 12 32.31 -7.49 -14.63
C GLU A 12 33.17 -6.27 -14.90
N LYS A 13 33.25 -5.86 -16.17
CA LYS A 13 33.93 -4.61 -16.51
C LYS A 13 33.16 -3.41 -15.97
N ARG A 14 31.83 -3.39 -16.18
CA ARG A 14 31.01 -2.31 -15.66
C ARG A 14 31.04 -2.27 -14.13
N GLN A 15 31.08 -3.44 -13.49
CA GLN A 15 31.14 -3.47 -12.03
C GLN A 15 32.48 -2.97 -11.50
N ALA A 16 33.57 -3.24 -12.23
CA ALA A 16 34.87 -2.71 -11.83
C ALA A 16 34.88 -1.20 -11.82
N VAL A 17 34.24 -0.57 -12.82
CA VAL A 17 34.13 0.88 -12.84
C VAL A 17 33.32 1.38 -11.66
N LEU A 18 32.23 0.69 -11.33
CA LEU A 18 31.37 1.13 -10.24
C LEU A 18 32.03 0.93 -8.88
N GLU A 19 32.83 -0.13 -8.72
CA GLU A 19 33.41 -0.44 -7.42
C GLU A 19 34.50 0.54 -7.00
N GLU A 20 35.10 1.27 -7.96
CA GLU A 20 36.12 2.27 -7.65
C GLU A 20 35.61 3.69 -7.92
N SER A 21 34.31 3.91 -7.74
CA SER A 21 33.72 5.22 -7.95
C SER A 21 33.77 6.04 -6.67
N SER A 22 33.82 7.36 -6.84
CA SER A 22 33.87 8.27 -5.71
C SER A 22 32.48 8.73 -5.27
N ASN A 23 31.49 8.62 -6.13
CA ASN A 23 30.12 9.01 -5.81
C ASN A 23 29.63 8.23 -4.59
N PRO A 24 29.24 8.90 -3.51
CA PRO A 24 28.69 8.17 -2.35
C PRO A 24 27.36 7.49 -2.65
N LEU A 25 26.64 7.93 -3.68
CA LEU A 25 25.38 7.33 -4.06
C LEU A 25 25.55 6.07 -4.90
N SER A 26 26.78 5.77 -5.35
CA SER A 26 27.02 4.57 -6.15
C SER A 26 26.78 3.30 -5.34
N LYS A 27 26.77 3.38 -4.02
CA LYS A 27 26.43 2.22 -3.20
C LYS A 27 24.92 2.03 -3.07
N GLY A 28 24.14 3.04 -3.38
CA GLY A 28 22.70 2.97 -3.31
C GLY A 28 22.10 4.34 -3.02
N ILE A 29 20.86 4.52 -3.44
CA ILE A 29 20.11 5.76 -3.26
C ILE A 29 18.66 5.41 -2.97
N ALA A 30 18.03 6.19 -2.09
CA ALA A 30 16.66 5.93 -1.66
C ALA A 30 15.82 7.18 -1.75
N TRP A 31 14.52 6.99 -1.97
CA TRP A 31 13.54 8.06 -2.06
C TRP A 31 12.56 7.92 -0.89
N VAL A 32 12.60 8.88 0.03
CA VAL A 32 11.72 8.89 1.20
C VAL A 32 11.03 10.25 1.27
N PHE A 33 9.73 10.27 1.02
CA PHE A 33 8.90 11.48 1.14
C PHE A 33 9.49 12.67 0.37
N GLY A 34 9.96 12.40 -0.84
CA GLY A 34 10.45 13.44 -1.71
C GLY A 34 11.92 13.78 -1.59
N GLU A 35 12.61 13.23 -0.60
CA GLU A 35 14.04 13.51 -0.41
C GLU A 35 14.86 12.33 -0.90
N LEU A 36 15.98 12.62 -1.56
CA LEU A 36 16.92 11.62 -2.01
C LEU A 36 18.09 11.52 -1.03
N VAL A 37 18.35 10.32 -0.53
CA VAL A 37 19.39 10.08 0.47
C VAL A 37 20.14 8.81 0.10
N PRO A 38 21.39 8.69 0.56
CA PRO A 38 22.10 7.42 0.40
C PRO A 38 21.32 6.28 1.03
N LEU A 39 21.31 5.13 0.34
CA LEU A 39 20.48 4.01 0.76
C LEU A 39 20.79 3.59 2.20
N ALA A 40 22.06 3.68 2.61
CA ALA A 40 22.42 3.35 3.99
C ALA A 40 21.80 4.32 4.97
N GLU A 41 21.53 5.55 4.52
CA GLU A 41 20.96 6.61 5.37
C GLU A 41 19.46 6.75 5.17
N ALA A 42 18.78 5.68 4.74
CA ALA A 42 17.35 5.68 4.51
C ALA A 42 16.60 5.25 5.77
N ARG A 43 15.68 6.09 6.23
CA ARG A 43 14.94 5.82 7.44
C ARG A 43 13.45 5.95 7.18
N ILE A 44 12.67 5.01 7.70
CA ILE A 44 11.22 5.04 7.57
C ILE A 44 10.62 5.16 8.97
N PRO A 45 9.40 5.68 9.08
CA PRO A 45 8.75 5.76 10.40
C PRO A 45 8.54 4.38 11.00
N LEU A 46 8.83 4.27 12.30
CA LEU A 46 8.63 3.01 13.01
C LEU A 46 7.17 2.60 13.00
N MET A 47 6.26 3.58 13.06
CA MET A 47 4.83 3.29 13.12
C MET A 47 4.23 3.01 11.75
N ASP A 48 5.03 3.00 10.68
CA ASP A 48 4.52 2.68 9.36
C ASP A 48 3.96 1.27 9.32
N GLN A 49 2.71 1.14 8.90
CA GLN A 49 2.04 -0.15 8.85
C GLN A 49 2.69 -1.12 7.85
N GLY A 50 3.62 -0.65 7.03
CA GLY A 50 4.39 -1.56 6.20
C GLY A 50 5.43 -2.34 6.96
N PHE A 51 5.88 -1.82 8.09
CA PHE A 51 6.71 -2.53 9.05
C PHE A 51 5.88 -3.14 10.16
N MET A 52 4.84 -2.45 10.59
CA MET A 52 4.00 -2.90 11.71
C MET A 52 3.36 -4.25 11.40
N HIS A 53 2.65 -4.36 10.27
CA HIS A 53 1.98 -5.60 9.92
C HIS A 53 2.29 -6.06 8.50
N SER A 54 3.40 -5.59 7.93
CA SER A 54 3.77 -5.90 6.54
C SER A 54 2.56 -5.73 5.62
N ASP A 55 1.85 -4.61 5.81
CA ASP A 55 0.63 -4.32 5.06
C ASP A 55 1.01 -3.45 3.87
N LEU A 56 1.53 -4.11 2.84
CA LEU A 56 2.10 -3.40 1.70
C LEU A 56 2.13 -4.33 0.50
N THR A 57 2.53 -3.76 -0.63
CA THR A 57 2.97 -4.51 -1.79
C THR A 57 4.25 -3.87 -2.31
N TYR A 58 4.95 -4.60 -3.18
CA TYR A 58 6.18 -4.08 -3.74
C TYR A 58 6.37 -4.67 -5.13
N ASP A 59 7.39 -4.16 -5.84
CA ASP A 59 7.75 -4.70 -7.15
C ASP A 59 9.16 -4.25 -7.49
N VAL A 60 9.84 -5.06 -8.29
CA VAL A 60 11.27 -4.86 -8.54
C VAL A 60 11.55 -4.85 -10.04
N PRO A 61 11.70 -3.68 -10.66
CA PRO A 61 12.28 -3.62 -12.01
C PRO A 61 13.79 -3.66 -11.95
N SER A 62 14.40 -3.74 -13.13
CA SER A 62 15.85 -3.83 -13.25
C SER A 62 16.34 -2.96 -14.40
N VAL A 63 17.58 -2.52 -14.29
CA VAL A 63 18.28 -1.82 -15.36
C VAL A 63 19.59 -2.53 -15.61
N TRP A 64 19.82 -2.95 -16.87
CA TRP A 64 21.02 -3.66 -17.26
C TRP A 64 21.75 -2.86 -18.32
N ASP A 65 23.05 -2.67 -18.12
CA ASP A 65 23.90 -1.89 -19.02
C ASP A 65 23.31 -0.53 -19.33
N GLY A 66 22.73 0.10 -18.29
CA GLY A 66 22.11 1.40 -18.46
C GLY A 66 20.78 1.39 -19.16
N ARG A 67 20.06 0.26 -19.18
CA ARG A 67 18.78 0.15 -19.85
C ARG A 67 17.76 -0.43 -18.88
N PHE A 68 16.71 0.34 -18.59
CA PHE A 68 15.60 -0.18 -17.79
C PHE A 68 14.90 -1.29 -18.56
N PHE A 69 14.72 -2.44 -17.92
CA PHE A 69 14.17 -3.62 -18.58
C PHE A 69 12.72 -3.81 -18.16
N ARG A 70 11.81 -3.61 -19.12
CA ARG A 70 10.37 -3.83 -18.94
C ARG A 70 9.84 -3.07 -17.72
N LEU A 71 10.08 -1.76 -17.71
CA LEU A 71 9.62 -0.94 -16.60
C LEU A 71 8.09 -0.80 -16.61
N ASP A 72 7.50 -0.65 -17.79
CA ASP A 72 6.05 -0.53 -17.89
C ASP A 72 5.34 -1.74 -17.29
N ASP A 73 5.87 -2.94 -17.55
CA ASP A 73 5.24 -4.15 -17.02
C ASP A 73 5.27 -4.18 -15.49
N HIS A 74 6.39 -3.77 -14.89
CA HIS A 74 6.50 -3.84 -13.43
C HIS A 74 5.61 -2.80 -12.76
N ILE A 75 5.58 -1.58 -13.28
CA ILE A 75 4.72 -0.55 -12.69
C ILE A 75 3.26 -0.92 -12.86
N ALA A 76 2.91 -1.53 -14.00
CA ALA A 76 1.54 -2.01 -14.19
C ALA A 76 1.19 -3.10 -13.18
N ARG A 77 2.12 -4.02 -12.93
CA ARG A 77 1.88 -5.06 -11.94
C ARG A 77 1.79 -4.46 -10.53
N LEU A 78 2.60 -3.44 -10.25
CA LEU A 78 2.53 -2.76 -8.97
C LEU A 78 1.15 -2.11 -8.77
N GLU A 79 0.62 -1.50 -9.83
CA GLU A 79 -0.70 -0.89 -9.76
C GLU A 79 -1.78 -1.94 -9.54
N ALA A 80 -1.66 -3.09 -10.21
CA ALA A 80 -2.63 -4.17 -10.01
C ALA A 80 -2.57 -4.71 -8.59
N SER A 81 -1.36 -4.86 -8.05
CA SER A 81 -1.22 -5.33 -6.66
C SER A 81 -1.81 -4.32 -5.68
N CYS A 82 -1.58 -3.03 -5.92
CA CYS A 82 -2.17 -2.00 -5.07
C CYS A 82 -3.69 -2.07 -5.10
N ALA A 83 -4.28 -2.23 -6.28
CA ALA A 83 -5.73 -2.30 -6.40
C ALA A 83 -6.29 -3.50 -5.62
N LYS A 84 -5.60 -4.64 -5.67
CA LYS A 84 -6.09 -5.84 -4.99
C LYS A 84 -6.10 -5.67 -3.48
N MET A 85 -5.14 -4.94 -2.92
CA MET A 85 -5.08 -4.71 -1.49
C MET A 85 -5.65 -3.35 -1.08
N ARG A 86 -6.51 -2.76 -1.90
CA ARG A 86 -7.19 -1.50 -1.56
C ARG A 86 -6.17 -0.39 -1.28
N LEU A 87 -5.07 -0.40 -2.03
CA LEU A 87 -4.02 0.60 -1.92
C LEU A 87 -4.00 1.47 -3.17
N GLN A 88 -3.39 2.64 -3.04
CA GLN A 88 -3.25 3.59 -4.13
C GLN A 88 -1.78 3.93 -4.35
N LEU A 89 -1.36 3.95 -5.60
CA LEU A 89 -0.02 4.39 -5.94
C LEU A 89 0.10 5.88 -5.61
N PRO A 90 0.92 6.27 -4.63
CA PRO A 90 0.90 7.65 -4.15
C PRO A 90 1.38 8.69 -5.16
N LEU A 91 1.89 8.28 -6.32
CA LEU A 91 2.37 9.20 -7.32
C LEU A 91 1.93 8.74 -8.70
N PRO A 92 1.79 9.67 -9.66
CA PRO A 92 1.42 9.27 -11.02
C PRO A 92 2.46 8.33 -11.62
N ARG A 93 1.97 7.39 -12.43
CA ARG A 93 2.84 6.35 -12.98
C ARG A 93 4.00 6.95 -13.76
N GLU A 94 3.75 8.01 -14.54
CA GLU A 94 4.81 8.60 -15.33
C GLU A 94 5.81 9.34 -14.45
N GLU A 95 5.34 9.97 -13.37
CA GLU A 95 6.26 10.63 -12.46
C GLU A 95 7.13 9.62 -11.73
N VAL A 96 6.55 8.48 -11.34
CA VAL A 96 7.33 7.42 -10.71
C VAL A 96 8.42 6.94 -11.66
N LYS A 97 8.08 6.80 -12.94
CA LYS A 97 9.09 6.41 -13.93
C LYS A 97 10.22 7.44 -13.98
N GLN A 98 9.87 8.72 -14.00
CA GLN A 98 10.88 9.77 -14.12
C GLN A 98 11.78 9.84 -12.89
N ILE A 99 11.20 9.66 -11.69
CA ILE A 99 12.01 9.68 -10.48
C ILE A 99 12.97 8.48 -10.46
N LEU A 100 12.53 7.34 -10.99
CA LEU A 100 13.41 6.17 -11.02
C LEU A 100 14.60 6.40 -11.94
N VAL A 101 14.38 6.97 -13.11
CA VAL A 101 15.49 7.27 -14.02
C VAL A 101 16.42 8.30 -13.39
N ASP A 102 15.86 9.30 -12.71
CA ASP A 102 16.70 10.31 -12.07
C ASP A 102 17.55 9.70 -10.96
N MET A 103 16.98 8.79 -10.17
CA MET A 103 17.75 8.14 -9.12
C MET A 103 18.87 7.29 -9.71
N VAL A 104 18.57 6.51 -10.75
CA VAL A 104 19.58 5.69 -11.40
C VAL A 104 20.67 6.56 -12.01
N ALA A 105 20.27 7.67 -12.64
CA ALA A 105 21.24 8.56 -13.27
C ALA A 105 22.20 9.15 -12.23
N LYS A 106 21.66 9.62 -11.10
CA LYS A 106 22.52 10.17 -10.05
C LYS A 106 23.41 9.10 -9.43
N SER A 107 22.93 7.86 -9.34
CA SER A 107 23.70 6.80 -8.73
C SER A 107 24.86 6.32 -9.61
N GLU A 108 24.83 6.66 -10.90
CA GLU A 108 25.80 6.21 -11.90
C GLU A 108 25.82 4.71 -12.10
N ILE A 109 24.89 3.99 -11.46
CA ILE A 109 24.86 2.54 -11.56
C ILE A 109 24.24 2.13 -12.89
N LYS A 110 24.93 1.27 -13.64
CA LYS A 110 24.41 0.76 -14.89
C LYS A 110 23.69 -0.58 -14.72
N ASP A 111 24.09 -1.39 -13.74
CA ASP A 111 23.43 -2.66 -13.44
C ASP A 111 22.89 -2.55 -12.02
N ALA A 112 21.58 -2.28 -11.90
CA ALA A 112 20.99 -1.87 -10.63
C ALA A 112 19.77 -2.70 -10.28
N PHE A 113 19.58 -2.90 -8.98
CA PHE A 113 18.37 -3.50 -8.42
C PHE A 113 17.48 -2.38 -7.92
N VAL A 114 16.30 -2.24 -8.51
CA VAL A 114 15.36 -1.17 -8.21
C VAL A 114 14.12 -1.76 -7.55
N GLU A 115 13.69 -1.18 -6.43
CA GLU A 115 12.53 -1.65 -5.70
C GLU A 115 11.60 -0.50 -5.33
N LEU A 116 10.30 -0.72 -5.53
CA LEU A 116 9.26 0.22 -5.14
C LEU A 116 8.37 -0.45 -4.09
N ILE A 117 8.04 0.28 -3.03
CA ILE A 117 7.24 -0.24 -1.94
C ILE A 117 6.10 0.73 -1.64
N VAL A 118 4.87 0.23 -1.62
CA VAL A 118 3.68 1.01 -1.29
C VAL A 118 3.05 0.39 -0.04
N THR A 119 3.09 1.11 1.08
CA THR A 119 2.60 0.62 2.35
C THR A 119 1.32 1.34 2.77
N ARG A 120 0.62 0.74 3.73
CA ARG A 120 -0.68 1.25 4.16
C ARG A 120 -0.59 2.63 4.80
N GLY A 121 0.54 2.96 5.43
CA GLY A 121 0.69 4.23 6.12
C GLY A 121 0.89 4.07 7.61
N LEU A 122 0.68 5.14 8.39
CA LEU A 122 0.85 5.03 9.84
C LEU A 122 -0.37 4.46 10.54
N LYS A 123 -1.57 4.62 9.96
CA LYS A 123 -2.79 4.14 10.58
C LYS A 123 -3.20 2.82 9.94
N GLY A 124 -3.56 1.85 10.79
CA GLY A 124 -3.92 0.52 10.35
C GLY A 124 -5.36 0.39 9.92
N VAL A 125 -5.74 -0.85 9.62
CA VAL A 125 -7.09 -1.15 9.14
C VAL A 125 -8.04 -1.43 10.30
N ARG A 126 -7.51 -1.71 11.49
CA ARG A 126 -8.33 -2.09 12.63
C ARG A 126 -9.32 -0.99 12.97
N GLY A 127 -8.82 0.18 13.35
CA GLY A 127 -9.67 1.32 13.64
C GLY A 127 -9.82 2.25 12.46
N HIS A 128 -10.68 1.87 11.51
CA HIS A 128 -10.89 2.66 10.30
C HIS A 128 -12.36 2.99 10.16
N THR A 129 -12.66 4.28 10.13
CA THR A 129 -14.02 4.76 9.90
C THR A 129 -14.36 4.68 8.41
N PRO A 130 -15.42 3.96 8.03
CA PRO A 130 -15.75 3.87 6.60
C PRO A 130 -16.02 5.24 6.00
N GLY A 131 -15.84 5.34 4.69
CA GLY A 131 -15.92 6.59 3.97
C GLY A 131 -14.60 7.29 3.77
N GLU A 132 -13.58 6.93 4.55
CA GLU A 132 -12.25 7.46 4.40
C GLU A 132 -11.33 6.45 3.71
N THR A 133 -10.34 6.96 2.99
CA THR A 133 -9.29 6.14 2.41
C THR A 133 -8.04 6.27 3.28
N PHE A 134 -7.04 5.46 2.98
CA PHE A 134 -5.82 5.46 3.78
C PHE A 134 -4.79 6.40 3.18
N LYS A 135 -3.89 6.89 4.03
CA LYS A 135 -2.77 7.72 3.58
C LYS A 135 -1.59 6.79 3.32
N ASN A 136 -1.64 6.13 2.17
CA ASN A 136 -0.61 5.18 1.80
C ASN A 136 0.72 5.89 1.56
N HIS A 137 1.81 5.16 1.81
CA HIS A 137 3.15 5.69 1.68
C HIS A 137 3.89 5.03 0.52
N LEU A 138 4.86 5.74 -0.02
CA LEU A 138 5.68 5.25 -1.13
C LEU A 138 7.14 5.32 -0.75
N TYR A 139 7.85 4.21 -0.92
CA TYR A 139 9.28 4.15 -0.73
C TYR A 139 9.91 3.52 -1.96
N MET A 140 11.05 4.07 -2.39
CA MET A 140 11.75 3.60 -3.58
C MET A 140 13.25 3.70 -3.34
N PHE A 141 14.00 2.79 -3.95
CA PHE A 141 15.44 2.84 -3.82
C PHE A 141 16.10 2.09 -4.97
N VAL A 142 17.32 2.51 -5.30
CA VAL A 142 18.15 1.87 -6.31
C VAL A 142 19.38 1.31 -5.62
N GLN A 143 19.81 0.12 -6.06
CA GLN A 143 20.88 -0.63 -5.40
C GLN A 143 21.63 -1.40 -6.47
N PRO A 144 22.93 -1.66 -6.28
CA PRO A 144 23.67 -2.46 -7.25
C PRO A 144 23.00 -3.79 -7.54
N TYR A 145 23.14 -4.25 -8.78
CA TYR A 145 22.45 -5.43 -9.26
C TYR A 145 22.68 -6.63 -8.34
N VAL A 146 21.57 -7.23 -7.90
CA VAL A 146 21.60 -8.34 -6.96
C VAL A 146 21.53 -9.65 -7.75
N TRP A 147 22.36 -10.61 -7.34
CA TRP A 147 22.42 -11.92 -7.98
C TRP A 147 21.89 -12.98 -7.02
N VAL A 148 20.71 -13.52 -7.32
CA VAL A 148 20.25 -14.70 -6.61
C VAL A 148 21.13 -15.90 -6.95
N MET A 149 21.72 -15.88 -8.15
CA MET A 149 22.67 -16.89 -8.58
C MET A 149 23.85 -16.18 -9.24
N ASP A 150 25.05 -16.36 -8.69
CA ASP A 150 26.22 -15.70 -9.23
C ASP A 150 26.48 -16.15 -10.67
N PRO A 151 27.07 -15.28 -11.49
CA PRO A 151 27.33 -15.66 -12.90
C PRO A 151 28.15 -16.92 -13.05
N ASP A 152 29.19 -17.10 -12.23
CA ASP A 152 30.01 -18.30 -12.32
C ASP A 152 29.19 -19.56 -12.06
N ILE A 153 28.21 -19.46 -11.14
CA ILE A 153 27.38 -20.62 -10.85
C ILE A 153 26.36 -20.86 -11.95
N GLN A 154 25.91 -19.77 -12.61
CA GLN A 154 24.97 -19.91 -13.72
C GLN A 154 25.56 -20.71 -14.87
N LYS A 155 26.89 -20.66 -15.03
CA LYS A 155 27.54 -21.43 -16.08
C LYS A 155 27.37 -22.93 -15.86
N THR A 156 27.37 -23.37 -14.60
CA THR A 156 27.31 -24.78 -14.27
C THR A 156 26.00 -25.23 -13.66
N GLY A 157 25.12 -24.32 -13.27
CA GLY A 157 23.89 -24.67 -12.61
C GLY A 157 24.04 -24.84 -11.11
N GLY A 158 22.91 -24.73 -10.41
CA GLY A 158 22.87 -24.74 -8.97
C GLY A 158 22.20 -25.98 -8.39
N LYS A 159 22.15 -25.99 -7.06
CA LYS A 159 21.57 -27.08 -6.29
C LYS A 159 20.20 -26.66 -5.75
N ALA A 160 19.20 -27.50 -5.97
CA ALA A 160 17.84 -27.24 -5.51
C ALA A 160 17.31 -28.46 -4.78
N ILE A 161 16.37 -28.22 -3.86
CA ILE A 161 15.66 -29.29 -3.15
C ILE A 161 14.17 -29.03 -3.23
N ILE A 162 13.39 -30.10 -3.14
CA ILE A 162 11.95 -30.01 -3.00
C ILE A 162 11.67 -29.97 -1.51
N ALA A 163 11.24 -28.81 -1.02
CA ALA A 163 11.07 -28.60 0.42
C ALA A 163 10.08 -29.59 1.00
N ARG A 164 10.49 -30.29 2.06
CA ARG A 164 9.61 -31.22 2.75
C ARG A 164 9.04 -30.67 4.05
N THR A 165 9.73 -29.74 4.69
CA THR A 165 9.33 -29.26 6.01
C THR A 165 8.42 -28.03 5.97
N VAL A 166 8.22 -27.43 4.80
CA VAL A 166 7.43 -26.20 4.69
C VAL A 166 6.65 -26.24 3.38
N ARG A 167 5.44 -25.68 3.42
CA ARG A 167 4.59 -25.55 2.24
C ARG A 167 4.41 -24.09 1.89
N ARG A 168 3.98 -23.85 0.65
CA ARG A 168 3.72 -22.49 0.19
C ARG A 168 2.43 -21.96 0.82
N ILE A 169 2.43 -20.70 1.20
CA ILE A 169 1.25 -20.04 1.74
C ILE A 169 0.13 -20.09 0.70
N PRO A 170 -1.01 -20.69 1.02
CA PRO A 170 -2.06 -20.86 0.01
C PRO A 170 -2.68 -19.54 -0.39
N PRO A 171 -3.26 -19.45 -1.59
CA PRO A 171 -3.90 -18.20 -2.00
C PRO A 171 -5.06 -17.78 -1.11
N GLY A 172 -5.77 -18.73 -0.51
CA GLY A 172 -6.86 -18.40 0.39
C GLY A 172 -6.40 -17.67 1.64
N SER A 173 -5.11 -17.71 1.95
CA SER A 173 -4.53 -16.94 3.03
C SER A 173 -3.88 -15.65 2.53
N ILE A 174 -3.01 -15.76 1.52
CA ILE A 174 -2.35 -14.61 0.92
C ILE A 174 -2.30 -14.86 -0.59
N ASP A 175 -2.83 -13.94 -1.36
CA ASP A 175 -2.87 -14.10 -2.81
C ASP A 175 -1.45 -13.99 -3.38
N PRO A 176 -0.89 -15.07 -3.94
CA PRO A 176 0.50 -14.99 -4.42
C PRO A 176 0.68 -14.07 -5.62
N THR A 177 -0.38 -13.77 -6.36
CA THR A 177 -0.28 -12.82 -7.45
C THR A 177 0.00 -11.39 -6.98
N VAL A 178 -0.19 -11.12 -5.69
CA VAL A 178 0.11 -9.82 -5.10
C VAL A 178 1.50 -9.92 -4.48
N LYS A 179 2.48 -9.27 -5.11
CA LYS A 179 3.86 -9.32 -4.64
C LYS A 179 3.97 -8.77 -3.23
N ASN A 180 4.17 -9.65 -2.26
CA ASN A 180 4.22 -9.29 -0.85
C ASN A 180 5.57 -9.68 -0.26
N LEU A 181 5.89 -9.06 0.88
CA LEU A 181 7.15 -9.30 1.57
C LEU A 181 7.00 -10.20 2.78
N GLN A 182 5.88 -10.90 2.91
CA GLN A 182 5.66 -11.82 4.02
C GLN A 182 6.29 -13.16 3.65
N TRP A 183 7.59 -13.29 3.94
CA TRP A 183 8.40 -14.42 3.51
C TRP A 183 8.56 -15.47 4.61
N GLY A 184 7.51 -15.73 5.38
CA GLY A 184 7.58 -16.75 6.41
C GLY A 184 7.90 -18.13 5.87
N ASP A 185 7.11 -18.60 4.90
CA ASP A 185 7.36 -19.90 4.29
C ASP A 185 8.65 -19.91 3.48
N LEU A 186 8.95 -18.80 2.79
CA LEU A 186 10.13 -18.76 1.93
C LEU A 186 11.41 -18.79 2.75
N THR A 187 11.46 -18.02 3.85
CA THR A 187 12.64 -18.05 4.72
C THR A 187 12.84 -19.44 5.31
N ARG A 188 11.74 -20.10 5.70
CA ARG A 188 11.84 -21.48 6.18
C ARG A 188 12.40 -22.41 5.11
N GLY A 189 12.01 -22.18 3.84
CA GLY A 189 12.55 -22.99 2.76
C GLY A 189 14.03 -22.77 2.55
N LEU A 190 14.48 -21.51 2.67
CA LEU A 190 15.91 -21.21 2.56
C LEU A 190 16.69 -21.91 3.66
N PHE A 191 16.18 -21.87 4.89
CA PHE A 191 16.86 -22.55 6.00
C PHE A 191 16.93 -24.05 5.75
N GLU A 192 15.85 -24.65 5.23
CA GLU A 192 15.86 -26.09 4.95
C GLU A 192 16.86 -26.42 3.85
N ALA A 193 16.93 -25.58 2.81
CA ALA A 193 17.89 -25.80 1.73
C ALA A 193 19.32 -25.75 2.26
N ALA A 194 19.61 -24.79 3.14
CA ALA A 194 20.94 -24.73 3.74
C ALA A 194 21.23 -25.96 4.59
N ASP A 195 20.21 -26.44 5.32
CA ASP A 195 20.40 -27.62 6.15
C ASP A 195 20.61 -28.88 5.33
N ARG A 196 20.06 -28.93 4.11
CA ARG A 196 20.15 -30.10 3.26
C ARG A 196 21.25 -29.98 2.21
N GLY A 197 22.21 -29.08 2.41
CA GLY A 197 23.32 -28.94 1.49
C GLY A 197 22.95 -28.43 0.12
N ALA A 198 21.92 -27.60 0.02
CA ALA A 198 21.47 -27.02 -1.24
C ALA A 198 21.43 -25.51 -1.11
N THR A 199 21.00 -24.84 -2.19
CA THR A 199 20.95 -23.39 -2.23
C THR A 199 19.58 -22.83 -2.59
N TYR A 200 18.69 -23.62 -3.18
CA TYR A 200 17.40 -23.10 -3.65
C TYR A 200 16.27 -24.05 -3.25
N PRO A 201 15.25 -23.55 -2.55
CA PRO A 201 14.11 -24.40 -2.19
C PRO A 201 12.97 -24.28 -3.18
N PHE A 202 12.38 -25.44 -3.49
CA PHE A 202 11.14 -25.52 -4.27
C PHE A 202 10.02 -25.93 -3.32
N LEU A 203 9.02 -25.06 -3.18
CA LEU A 203 7.94 -25.29 -2.23
C LEU A 203 6.77 -25.97 -2.93
N THR A 204 6.13 -26.89 -2.21
CA THR A 204 4.96 -27.61 -2.71
C THR A 204 3.69 -26.81 -2.43
N ASP A 205 2.66 -27.07 -3.24
CA ASP A 205 1.36 -26.45 -3.10
C ASP A 205 0.59 -26.95 -1.88
N GLY A 206 1.13 -27.93 -1.15
CA GLY A 206 0.39 -28.59 -0.11
C GLY A 206 -0.58 -29.62 -0.62
N ASP A 207 -0.67 -29.79 -1.93
CA ASP A 207 -1.57 -30.72 -2.59
C ASP A 207 -0.82 -31.53 -3.65
N ALA A 208 0.48 -31.74 -3.42
CA ALA A 208 1.35 -32.50 -4.32
C ALA A 208 1.52 -31.79 -5.67
N ASN A 209 1.58 -30.47 -5.65
CA ASN A 209 1.81 -29.66 -6.84
C ASN A 209 2.95 -28.69 -6.60
N LEU A 210 3.64 -28.33 -7.68
CA LEU A 210 4.74 -27.37 -7.61
C LEU A 210 4.21 -25.94 -7.59
N THR A 211 4.92 -25.07 -6.88
CA THR A 211 4.56 -23.66 -6.80
C THR A 211 5.71 -22.77 -7.25
N GLU A 212 6.52 -22.32 -6.30
CA GLU A 212 7.66 -21.44 -6.57
C GLU A 212 8.65 -21.57 -5.43
N GLY A 213 9.67 -20.72 -5.45
CA GLY A 213 10.71 -20.76 -4.43
C GLY A 213 10.91 -19.44 -3.74
N SER A 214 12.10 -19.24 -3.16
CA SER A 214 12.43 -18.05 -2.39
C SER A 214 12.70 -16.87 -3.34
N GLY A 215 11.61 -16.36 -3.92
CA GLY A 215 11.70 -15.20 -4.79
C GLY A 215 11.96 -15.48 -6.24
N PHE A 216 11.56 -16.65 -6.74
CA PHE A 216 11.81 -17.00 -8.13
C PHE A 216 10.75 -17.99 -8.60
N ASN A 217 10.46 -17.94 -9.91
CA ASN A 217 9.58 -18.92 -10.53
C ASN A 217 10.39 -20.12 -10.99
N VAL A 218 9.74 -21.28 -11.02
CA VAL A 218 10.38 -22.53 -11.42
C VAL A 218 9.80 -22.96 -12.76
N LEU A 219 10.67 -23.35 -13.68
CA LEU A 219 10.26 -23.82 -15.01
C LEU A 219 10.92 -25.15 -15.29
N LEU A 220 10.10 -26.14 -15.64
CA LEU A 220 10.58 -27.46 -16.01
C LEU A 220 10.56 -27.60 -17.53
N VAL A 221 11.51 -28.37 -18.05
CA VAL A 221 11.60 -28.68 -19.47
C VAL A 221 11.51 -30.19 -19.62
N LYS A 222 10.52 -30.66 -20.37
CA LYS A 222 10.28 -32.09 -20.53
C LYS A 222 9.84 -32.38 -21.96
N ASP A 223 10.63 -33.18 -22.66
CA ASP A 223 10.31 -33.62 -24.02
C ASP A 223 10.00 -32.43 -24.94
N GLY A 224 10.87 -31.42 -24.88
CA GLY A 224 10.78 -30.26 -25.75
C GLY A 224 9.71 -29.25 -25.40
N VAL A 225 8.98 -29.44 -24.31
CA VAL A 225 7.91 -28.52 -23.91
C VAL A 225 8.23 -27.98 -22.53
N ILE A 226 7.96 -26.70 -22.32
CA ILE A 226 8.21 -26.02 -21.04
C ILE A 226 6.93 -26.03 -20.21
N TYR A 227 7.08 -26.34 -18.93
CA TYR A 227 5.97 -26.33 -17.98
C TYR A 227 6.30 -25.45 -16.80
N THR A 228 5.31 -24.69 -16.32
CA THR A 228 5.49 -23.85 -15.15
C THR A 228 4.17 -23.76 -14.39
N PRO A 229 4.20 -23.73 -13.06
CA PRO A 229 2.96 -23.67 -12.29
C PRO A 229 2.19 -22.38 -12.54
N ASP A 230 0.86 -22.51 -12.62
CA ASP A 230 -0.04 -21.39 -12.82
C ASP A 230 -0.53 -20.80 -11.48
N ARG A 231 -1.13 -21.64 -10.66
CA ARG A 231 -1.74 -21.22 -9.40
C ARG A 231 -0.75 -21.37 -8.25
N GLY A 232 -0.95 -20.57 -7.21
CA GLY A 232 -0.08 -20.61 -6.06
C GLY A 232 1.23 -19.88 -6.25
N VAL A 233 1.41 -19.19 -7.39
CA VAL A 233 2.66 -18.59 -7.78
C VAL A 233 2.41 -17.13 -8.12
N LEU A 234 3.48 -16.35 -8.08
CA LEU A 234 3.45 -14.99 -8.60
C LEU A 234 3.73 -15.00 -10.09
N GLN A 235 2.95 -14.23 -10.84
CA GLN A 235 3.15 -14.12 -12.29
C GLN A 235 4.37 -13.24 -12.54
N GLY A 236 5.53 -13.88 -12.59
CA GLY A 236 6.77 -13.14 -12.69
C GLY A 236 6.98 -12.52 -14.06
N VAL A 237 7.65 -11.37 -14.07
CA VAL A 237 7.97 -10.71 -15.33
C VAL A 237 9.02 -11.49 -16.10
N THR A 238 9.99 -12.07 -15.40
CA THR A 238 10.98 -12.91 -16.07
C THR A 238 10.34 -14.16 -16.66
N ARG A 239 9.36 -14.74 -15.96
CA ARG A 239 8.59 -15.83 -16.54
C ARG A 239 7.83 -15.35 -17.77
N LYS A 240 7.29 -14.14 -17.71
CA LYS A 240 6.63 -13.56 -18.89
C LYS A 240 7.63 -13.36 -20.02
N SER A 241 8.86 -12.99 -19.69
CA SER A 241 9.91 -12.87 -20.70
C SER A 241 10.28 -14.23 -21.27
N CYS A 242 10.29 -15.27 -20.44
CA CYS A 242 10.57 -16.62 -20.93
C CYS A 242 9.54 -17.06 -21.95
N ILE A 243 8.26 -16.78 -21.69
CA ILE A 243 7.21 -17.14 -22.64
C ILE A 243 7.37 -16.35 -23.94
N ASP A 244 7.74 -15.07 -23.83
CA ASP A 244 7.99 -14.27 -25.02
C ASP A 244 9.15 -14.83 -25.83
N VAL A 245 10.26 -15.13 -25.17
CA VAL A 245 11.44 -15.66 -25.87
C VAL A 245 11.12 -17.01 -26.49
N ALA A 246 10.45 -17.88 -25.74
CA ALA A 246 10.13 -19.22 -26.24
C ALA A 246 9.22 -19.14 -27.46
N LYS A 247 8.21 -18.27 -27.41
CA LYS A 247 7.32 -18.12 -28.56
C LYS A 247 8.08 -17.69 -29.81
N SER A 248 9.08 -16.82 -29.65
CA SER A 248 9.90 -16.42 -30.78
C SER A 248 10.81 -17.56 -31.24
N LEU A 249 11.15 -18.48 -30.35
CA LEU A 249 12.00 -19.62 -30.67
C LEU A 249 11.22 -20.84 -31.13
N GLY A 250 9.89 -20.74 -31.20
CA GLY A 250 9.05 -21.86 -31.54
C GLY A 250 8.83 -22.85 -30.42
N ILE A 251 9.29 -22.55 -29.21
CA ILE A 251 9.02 -23.40 -28.05
C ILE A 251 7.79 -22.86 -27.35
N GLU A 252 6.86 -23.75 -27.02
CA GLU A 252 5.64 -23.34 -26.34
C GLU A 252 5.77 -23.61 -24.84
N VAL A 253 5.35 -22.63 -24.04
CA VAL A 253 5.36 -22.74 -22.59
C VAL A 253 3.92 -22.94 -22.12
N ARG A 254 3.73 -23.86 -21.17
CA ARG A 254 2.41 -24.21 -20.67
C ARG A 254 2.35 -23.82 -19.20
N VAL A 255 1.67 -22.71 -18.91
CA VAL A 255 1.38 -22.31 -17.55
C VAL A 255 0.17 -23.08 -17.07
N GLN A 256 0.41 -24.21 -16.41
CA GLN A 256 -0.64 -25.14 -16.01
C GLN A 256 -0.30 -25.68 -14.62
N PHE A 257 -1.14 -26.57 -14.12
CA PHE A 257 -0.86 -27.23 -12.86
C PHE A 257 0.22 -28.29 -13.06
N VAL A 258 1.29 -28.19 -12.28
CA VAL A 258 2.45 -29.05 -12.44
C VAL A 258 2.56 -29.98 -11.23
N PRO A 259 2.22 -31.26 -11.38
CA PRO A 259 2.47 -32.21 -10.30
C PRO A 259 3.95 -32.26 -9.95
N ILE A 260 4.25 -32.40 -8.65
CA ILE A 260 5.62 -32.32 -8.19
C ILE A 260 6.50 -33.40 -8.81
N GLN A 261 5.90 -34.52 -9.24
CA GLN A 261 6.68 -35.59 -9.84
C GLN A 261 7.34 -35.13 -11.14
N MET A 262 6.75 -34.15 -11.82
CA MET A 262 7.33 -33.66 -13.08
C MET A 262 8.71 -33.05 -12.85
N ALA A 263 8.98 -32.52 -11.65
CA ALA A 263 10.29 -31.96 -11.36
C ALA A 263 11.37 -33.03 -11.34
N TYR A 264 11.03 -34.24 -10.92
CA TYR A 264 12.01 -35.33 -10.88
C TYR A 264 12.14 -36.04 -12.22
N ASP A 265 11.14 -35.92 -13.10
CA ASP A 265 11.19 -36.55 -14.42
C ASP A 265 11.54 -35.57 -15.52
N ALA A 266 11.85 -34.33 -15.19
CA ALA A 266 12.10 -33.30 -16.19
C ALA A 266 13.49 -33.47 -16.81
N ASP A 267 13.63 -32.97 -18.04
CA ASP A 267 14.92 -33.00 -18.72
C ASP A 267 15.80 -31.85 -18.26
N GLU A 268 15.23 -30.66 -18.09
CA GLU A 268 15.96 -29.50 -17.60
C GLU A 268 15.09 -28.72 -16.62
N ILE A 269 15.75 -27.98 -15.74
CA ILE A 269 15.10 -27.13 -14.75
C ILE A 269 15.87 -25.82 -14.67
N PHE A 270 15.14 -24.70 -14.64
CA PHE A 270 15.77 -23.40 -14.45
C PHE A 270 14.80 -22.45 -13.76
N MET A 271 15.35 -21.56 -12.94
CA MET A 271 14.60 -20.55 -12.22
C MET A 271 14.62 -19.21 -12.96
N ALA A 272 13.69 -18.34 -12.60
CA ALA A 272 13.55 -17.03 -13.24
C ALA A 272 13.18 -15.98 -12.21
N THR A 273 13.92 -14.87 -12.20
CA THR A 273 13.62 -13.73 -11.35
C THR A 273 14.38 -12.52 -11.88
N THR A 274 13.91 -11.32 -11.47
CA THR A 274 14.52 -10.04 -11.91
C THR A 274 15.94 -9.90 -11.36
N ALA A 275 16.21 -10.49 -10.19
CA ALA A 275 17.54 -10.38 -9.57
C ALA A 275 18.54 -11.25 -10.32
N GLY A 276 18.36 -12.57 -10.28
CA GLY A 276 19.32 -13.45 -10.92
C GLY A 276 19.19 -13.56 -12.42
N GLY A 277 17.98 -13.38 -12.94
CA GLY A 277 17.73 -13.57 -14.36
C GLY A 277 17.31 -15.00 -14.62
N ILE A 278 17.94 -15.63 -15.61
CA ILE A 278 17.72 -17.05 -15.89
C ILE A 278 18.75 -17.83 -15.09
N MET A 279 18.29 -18.75 -14.25
CA MET A 279 19.15 -19.46 -13.30
C MET A 279 18.98 -20.97 -13.43
N PRO A 280 19.86 -21.65 -14.15
CA PRO A 280 19.69 -23.09 -14.36
C PRO A 280 19.96 -23.89 -13.09
N ILE A 281 19.20 -24.97 -12.93
CA ILE A 281 19.38 -25.91 -11.83
C ILE A 281 19.85 -27.23 -12.42
N THR A 282 21.01 -27.72 -11.96
CA THR A 282 21.60 -28.95 -12.45
C THR A 282 21.67 -30.06 -11.42
N THR A 283 21.35 -29.79 -10.15
CA THR A 283 21.36 -30.80 -9.11
C THR A 283 20.06 -30.70 -8.31
N LEU A 284 19.32 -31.81 -8.23
CA LEU A 284 18.05 -31.89 -7.51
C LEU A 284 18.13 -32.99 -6.48
N ASP A 285 17.90 -32.62 -5.21
CA ASP A 285 17.95 -33.58 -4.10
C ASP A 285 19.27 -34.33 -4.08
N ASP A 286 20.37 -33.57 -4.13
CA ASP A 286 21.73 -34.11 -4.09
C ASP A 286 21.97 -35.10 -5.21
N LYS A 287 21.33 -34.89 -6.35
CA LYS A 287 21.47 -35.74 -7.53
C LYS A 287 21.37 -34.90 -8.79
N PRO A 288 22.24 -35.14 -9.77
CA PRO A 288 22.18 -34.38 -11.02
C PRO A 288 20.88 -34.59 -11.76
N ILE A 289 20.47 -33.57 -12.51
CA ILE A 289 19.21 -33.64 -13.26
C ILE A 289 19.29 -34.70 -14.35
N GLN A 290 20.18 -34.50 -15.32
CA GLN A 290 20.39 -35.47 -16.37
C GLN A 290 21.87 -35.74 -16.56
N SER A 291 22.58 -34.79 -17.17
CA SER A 291 24.03 -34.88 -17.34
C SER A 291 24.79 -34.04 -16.32
N GLY A 292 24.09 -33.35 -15.44
CA GLY A 292 24.74 -32.43 -14.51
C GLY A 292 25.16 -31.10 -15.10
N LYS A 293 24.91 -30.87 -16.39
CA LYS A 293 25.26 -29.63 -17.05
C LYS A 293 24.00 -28.89 -17.48
N VAL A 294 24.16 -27.58 -17.72
CA VAL A 294 23.03 -26.76 -18.13
C VAL A 294 22.50 -27.26 -19.47
N GLY A 295 21.18 -27.35 -19.58
CA GLY A 295 20.54 -27.95 -20.73
C GLY A 295 20.52 -27.03 -21.94
N PRO A 296 20.16 -27.62 -23.09
CA PRO A 296 20.13 -26.85 -24.33
C PRO A 296 19.01 -25.82 -24.38
N ILE A 297 17.79 -26.24 -24.05
CA ILE A 297 16.66 -25.32 -24.03
C ILE A 297 16.89 -24.22 -23.01
N THR A 298 17.48 -24.56 -21.86
CA THR A 298 17.83 -23.56 -20.87
C THR A 298 18.78 -22.51 -21.44
N LYS A 299 19.75 -22.95 -22.25
CA LYS A 299 20.71 -22.01 -22.83
C LYS A 299 20.04 -21.10 -23.86
N LYS A 300 19.17 -21.66 -24.70
CA LYS A 300 18.48 -20.83 -25.70
C LYS A 300 17.61 -19.77 -25.04
N ILE A 301 16.93 -20.13 -23.95
CA ILE A 301 16.13 -19.15 -23.23
C ILE A 301 17.03 -18.14 -22.53
N TRP A 302 18.16 -18.62 -21.99
CA TRP A 302 19.13 -17.71 -21.38
C TRP A 302 19.62 -16.67 -22.38
N ASP A 303 20.01 -17.11 -23.57
CA ASP A 303 20.48 -16.17 -24.59
C ASP A 303 19.37 -15.21 -25.01
N GLY A 304 18.16 -15.73 -25.23
CA GLY A 304 17.06 -14.88 -25.66
C GLY A 304 16.66 -13.87 -24.61
N TYR A 305 16.69 -14.27 -23.33
CA TYR A 305 16.34 -13.36 -22.25
C TYR A 305 17.27 -12.15 -22.22
N TRP A 306 18.58 -12.40 -22.22
CA TRP A 306 19.55 -11.31 -22.23
C TRP A 306 19.67 -10.65 -23.59
N ALA A 307 19.13 -11.25 -24.65
CA ALA A 307 19.10 -10.59 -25.96
C ALA A 307 18.07 -9.47 -25.98
N ILE A 308 16.85 -9.77 -25.51
CA ILE A 308 15.80 -8.75 -25.48
C ILE A 308 16.05 -7.68 -24.44
N HIS A 309 17.09 -7.82 -23.61
CA HIS A 309 17.48 -6.75 -22.71
C HIS A 309 18.00 -5.53 -23.46
N TYR A 310 18.41 -5.70 -24.72
CA TYR A 310 18.85 -4.60 -25.57
C TYR A 310 17.83 -4.27 -26.66
N ASP A 311 16.63 -4.85 -26.60
CA ASP A 311 15.58 -4.56 -27.56
C ASP A 311 14.77 -3.36 -27.09
N ASP A 312 14.58 -2.38 -27.98
CA ASP A 312 13.81 -1.19 -27.64
C ASP A 312 12.36 -1.51 -27.29
N ALA A 313 11.85 -2.65 -27.75
CA ALA A 313 10.49 -3.05 -27.41
C ALA A 313 10.37 -3.48 -25.96
N TYR A 314 11.46 -3.90 -25.33
CA TYR A 314 11.45 -4.39 -23.97
C TYR A 314 12.22 -3.50 -23.00
N SER A 315 12.89 -2.46 -23.49
CA SER A 315 13.77 -1.66 -22.64
C SER A 315 13.93 -0.27 -23.25
N PHE A 316 14.48 0.64 -22.45
CA PHE A 316 14.82 1.98 -22.91
C PHE A 316 16.10 2.43 -22.22
N GLU A 317 16.85 3.30 -22.91
CA GLU A 317 18.18 3.70 -22.45
C GLU A 317 18.11 4.83 -21.45
N ILE A 318 18.95 4.74 -20.42
CA ILE A 318 19.06 5.77 -19.38
C ILE A 318 20.24 6.67 -19.70
N GLN A 319 20.05 7.98 -19.56
CA GLN A 319 21.09 8.95 -19.83
C GLN A 319 21.74 9.37 -18.53
N TYR A 320 23.07 9.23 -18.44
CA TYR A 320 23.83 9.65 -17.27
C TYR A 320 24.56 10.96 -17.51
N THR B 3 29.74 4.18 4.66
CA THR B 3 29.41 4.99 5.82
C THR B 3 29.76 4.27 7.12
N MET B 4 29.26 4.77 8.25
CA MET B 4 29.68 4.27 9.54
C MET B 4 29.12 2.86 9.81
N ASP B 5 27.82 2.65 9.59
CA ASP B 5 27.22 1.35 9.89
C ASP B 5 27.86 0.25 9.05
N GLU B 6 28.16 0.53 7.79
CA GLU B 6 28.80 -0.46 6.93
C GLU B 6 30.18 -0.84 7.46
N ILE B 7 31.03 0.15 7.72
CA ILE B 7 32.39 -0.11 8.17
C ILE B 7 32.40 -0.79 9.53
N PHE B 8 31.58 -0.30 10.47
CA PHE B 8 31.59 -0.86 11.82
C PHE B 8 31.03 -2.28 11.84
N ALA B 9 29.99 -2.56 11.05
CA ALA B 9 29.43 -3.90 11.01
C ALA B 9 30.45 -4.92 10.53
N ALA B 10 31.16 -4.60 9.44
CA ALA B 10 32.19 -5.50 8.94
C ALA B 10 33.31 -5.68 9.96
N TYR B 11 33.64 -4.62 10.70
CA TYR B 11 34.69 -4.71 11.71
C TYR B 11 34.27 -5.64 12.84
N GLU B 12 33.05 -5.48 13.35
CA GLU B 12 32.58 -6.30 14.45
C GLU B 12 32.50 -7.77 14.06
N LYS B 13 32.21 -8.06 12.79
CA LYS B 13 32.21 -9.44 12.32
C LYS B 13 33.62 -10.01 12.28
N ARG B 14 34.58 -9.26 11.72
CA ARG B 14 35.95 -9.74 11.68
C ARG B 14 36.54 -9.88 13.08
N GLN B 15 36.20 -8.97 13.99
CA GLN B 15 36.73 -9.08 15.35
C GLN B 15 36.11 -10.27 16.07
N ALA B 16 34.85 -10.60 15.78
CA ALA B 16 34.26 -11.80 16.35
C ALA B 16 35.03 -13.04 15.93
N VAL B 17 35.48 -13.09 14.68
CA VAL B 17 36.31 -14.19 14.21
C VAL B 17 37.63 -14.22 14.98
N LEU B 18 38.22 -13.04 15.21
CA LEU B 18 39.49 -12.97 15.92
C LEU B 18 39.31 -13.30 17.40
N GLU B 19 38.18 -12.88 17.97
CA GLU B 19 37.96 -13.09 19.40
C GLU B 19 37.71 -14.56 19.75
N GLU B 20 37.37 -15.39 18.77
CA GLU B 20 37.15 -16.81 18.98
C GLU B 20 38.28 -17.64 18.37
N SER B 21 39.48 -17.08 18.31
CA SER B 21 40.64 -17.78 17.77
C SER B 21 41.40 -18.50 18.88
N SER B 22 42.03 -19.62 18.52
CA SER B 22 42.84 -20.39 19.45
C SER B 22 44.31 -20.00 19.41
N ASN B 23 44.76 -19.40 18.31
CA ASN B 23 46.14 -18.94 18.16
C ASN B 23 46.51 -17.98 19.27
N PRO B 24 47.56 -18.27 20.07
CA PRO B 24 47.97 -17.32 21.10
C PRO B 24 48.49 -16.00 20.55
N LEU B 25 48.89 -15.95 19.29
CA LEU B 25 49.37 -14.71 18.69
C LEU B 25 48.25 -13.78 18.27
N SER B 26 46.99 -14.24 18.32
CA SER B 26 45.87 -13.38 17.97
C SER B 26 45.69 -12.23 18.96
N LYS B 27 46.27 -12.34 20.16
CA LYS B 27 46.24 -11.25 21.12
C LYS B 27 47.31 -10.20 20.83
N GLY B 28 48.33 -10.54 20.08
CA GLY B 28 49.40 -9.62 19.74
C GLY B 28 50.70 -10.38 19.53
N ILE B 29 51.59 -9.78 18.74
CA ILE B 29 52.89 -10.36 18.43
C ILE B 29 53.91 -9.23 18.38
N ALA B 30 55.12 -9.51 18.85
CA ALA B 30 56.18 -8.51 18.96
C ALA B 30 57.47 -9.02 18.36
N TRP B 31 58.29 -8.09 17.87
CA TRP B 31 59.59 -8.38 17.29
C TRP B 31 60.66 -7.77 18.19
N VAL B 32 61.45 -8.63 18.84
CA VAL B 32 62.52 -8.19 19.74
C VAL B 32 63.81 -8.87 19.31
N PHE B 33 64.74 -8.09 18.77
CA PHE B 33 66.10 -8.56 18.44
C PHE B 33 66.06 -9.83 17.58
N GLY B 34 65.19 -9.83 16.58
CA GLY B 34 65.10 -10.93 15.64
C GLY B 34 64.16 -12.05 16.02
N GLU B 35 63.61 -12.02 17.23
CA GLU B 35 62.69 -13.06 17.68
C GLU B 35 61.26 -12.55 17.66
N LEU B 36 60.34 -13.40 17.24
CA LEU B 36 58.91 -13.12 17.30
C LEU B 36 58.34 -13.81 18.53
N VAL B 37 57.66 -13.04 19.38
CA VAL B 37 57.14 -13.57 20.64
C VAL B 37 55.75 -13.00 20.87
N PRO B 38 54.92 -13.72 21.64
CA PRO B 38 53.62 -13.15 22.04
C PRO B 38 53.80 -11.82 22.75
N LEU B 39 52.90 -10.88 22.44
CA LEU B 39 53.04 -9.52 22.96
C LEU B 39 53.08 -9.50 24.48
N ALA B 40 52.31 -10.38 25.12
CA ALA B 40 52.31 -10.43 26.58
C ALA B 40 53.66 -10.87 27.13
N GLU B 41 54.40 -11.69 26.39
CA GLU B 41 55.71 -12.19 26.82
C GLU B 41 56.85 -11.42 26.16
N ALA B 42 56.62 -10.17 25.77
CA ALA B 42 57.63 -9.37 25.10
C ALA B 42 58.41 -8.58 26.15
N ARG B 43 59.73 -8.74 26.13
CA ARG B 43 60.62 -8.10 27.10
C ARG B 43 61.73 -7.35 26.39
N ILE B 44 62.03 -6.16 26.89
CA ILE B 44 63.12 -5.34 26.36
C ILE B 44 64.15 -5.19 27.47
N PRO B 45 65.41 -4.92 27.11
CA PRO B 45 66.42 -4.69 28.15
C PRO B 45 66.05 -3.49 29.00
N LEU B 46 66.19 -3.64 30.32
CA LEU B 46 65.89 -2.54 31.23
C LEU B 46 66.78 -1.34 30.96
N MET B 47 68.04 -1.57 30.59
CA MET B 47 68.97 -0.48 30.36
C MET B 47 68.84 0.15 28.98
N ASP B 48 67.86 -0.25 28.18
CA ASP B 48 67.65 0.38 26.88
C ASP B 48 67.32 1.85 27.08
N GLN B 49 68.09 2.72 26.40
CA GLN B 49 67.90 4.16 26.55
C GLN B 49 66.54 4.63 26.06
N GLY B 50 65.76 3.77 25.41
CA GLY B 50 64.38 4.12 25.11
C GLY B 50 63.47 4.05 26.31
N PHE B 51 63.85 3.27 27.32
CA PHE B 51 63.18 3.26 28.62
C PHE B 51 63.85 4.18 29.61
N MET B 52 65.19 4.21 29.61
CA MET B 52 65.93 5.02 30.58
C MET B 52 65.64 6.50 30.41
N HIS B 53 65.80 7.05 29.20
CA HIS B 53 65.58 8.47 29.02
C HIS B 53 64.64 8.77 27.86
N SER B 54 63.79 7.82 27.47
CA SER B 54 62.87 7.97 26.35
C SER B 54 63.58 8.58 25.14
N ASP B 55 64.76 8.04 24.86
CA ASP B 55 65.60 8.54 23.77
C ASP B 55 65.29 7.73 22.53
N LEU B 56 64.17 8.07 21.91
CA LEU B 56 63.63 7.27 20.81
C LEU B 56 62.69 8.12 19.97
N THR B 57 62.23 7.52 18.88
CA THR B 57 61.08 7.98 18.13
C THR B 57 60.23 6.75 17.82
N TYR B 58 58.99 6.98 17.38
CA TYR B 58 58.11 5.88 17.06
C TYR B 58 57.15 6.33 15.96
N ASP B 59 56.39 5.37 15.44
CA ASP B 59 55.39 5.67 14.44
C ASP B 59 54.41 4.51 14.37
N VAL B 60 53.17 4.82 13.97
CA VAL B 60 52.07 3.86 14.05
C VAL B 60 51.37 3.74 12.70
N PRO B 61 51.66 2.70 11.91
CA PRO B 61 50.81 2.38 10.78
C PRO B 61 49.59 1.58 11.24
N SER B 62 48.70 1.33 10.29
CA SER B 62 47.46 0.62 10.58
C SER B 62 47.17 -0.39 9.50
N VAL B 63 46.43 -1.44 9.87
CA VAL B 63 45.94 -2.45 8.95
C VAL B 63 44.45 -2.55 9.16
N TRP B 64 43.68 -2.30 8.09
CA TRP B 64 42.23 -2.40 8.16
C TRP B 64 41.76 -3.43 7.16
N ASP B 65 40.76 -4.23 7.55
CA ASP B 65 40.22 -5.32 6.74
C ASP B 65 41.31 -6.07 5.98
N GLY B 66 42.44 -6.30 6.62
CA GLY B 66 43.56 -6.98 5.99
C GLY B 66 44.35 -6.15 5.00
N ARG B 67 44.31 -4.83 5.11
CA ARG B 67 45.02 -3.93 4.19
C ARG B 67 45.85 -2.94 4.97
N PHE B 68 47.17 -2.95 4.74
CA PHE B 68 48.05 -1.95 5.30
C PHE B 68 47.73 -0.58 4.71
N PHE B 69 47.51 0.40 5.58
CA PHE B 69 47.08 1.74 5.16
C PHE B 69 48.27 2.70 5.22
N ARG B 70 48.72 3.15 4.06
CA ARG B 70 49.79 4.16 3.93
C ARG B 70 51.03 3.76 4.74
N LEU B 71 51.54 2.56 4.47
CA LEU B 71 52.72 2.09 5.20
C LEU B 71 53.97 2.85 4.79
N ASP B 72 54.14 3.11 3.48
CA ASP B 72 55.29 3.86 3.02
C ASP B 72 55.34 5.25 3.65
N ASP B 73 54.18 5.91 3.77
CA ASP B 73 54.15 7.24 4.36
C ASP B 73 54.61 7.21 5.82
N HIS B 74 54.18 6.19 6.57
CA HIS B 74 54.56 6.12 7.98
C HIS B 74 56.05 5.81 8.15
N ILE B 75 56.57 4.87 7.36
CA ILE B 75 57.98 4.53 7.46
C ILE B 75 58.85 5.70 7.02
N ALA B 76 58.40 6.46 6.02
CA ALA B 76 59.14 7.64 5.62
C ALA B 76 59.20 8.67 6.74
N ARG B 77 58.08 8.87 7.45
CA ARG B 77 58.06 9.78 8.58
C ARG B 77 58.95 9.25 9.71
N LEU B 78 58.96 7.94 9.92
CA LEU B 78 59.84 7.35 10.93
C LEU B 78 61.31 7.61 10.60
N GLU B 79 61.68 7.47 9.33
CA GLU B 79 63.05 7.73 8.93
C GLU B 79 63.40 9.20 9.08
N ALA B 80 62.47 10.09 8.73
CA ALA B 80 62.70 11.52 8.93
C ALA B 80 62.83 11.86 10.40
N SER B 81 62.00 11.26 11.25
CA SER B 81 62.09 11.48 12.68
C SER B 81 63.42 10.99 13.24
N CYS B 82 63.88 9.81 12.78
CA CYS B 82 65.18 9.31 13.21
C CYS B 82 66.31 10.24 12.81
N ALA B 83 66.27 10.74 11.57
CA ALA B 83 67.32 11.64 11.09
C ALA B 83 67.39 12.92 11.92
N LYS B 84 66.23 13.47 12.31
CA LYS B 84 66.23 14.74 13.03
C LYS B 84 66.87 14.61 14.40
N MET B 85 66.68 13.48 15.07
CA MET B 85 67.26 13.24 16.39
C MET B 85 68.51 12.37 16.32
N ARG B 86 69.19 12.34 15.17
CA ARG B 86 70.47 11.65 15.00
C ARG B 86 70.36 10.14 15.24
N LEU B 87 69.24 9.54 14.84
CA LEU B 87 69.08 8.10 14.91
C LEU B 87 69.02 7.51 13.51
N GLN B 88 69.33 6.21 13.44
CA GLN B 88 69.28 5.45 12.20
C GLN B 88 68.39 4.25 12.38
N LEU B 89 67.56 3.97 11.38
CA LEU B 89 66.72 2.78 11.37
C LEU B 89 67.62 1.55 11.35
N PRO B 90 67.60 0.73 12.40
CA PRO B 90 68.61 -0.34 12.53
C PRO B 90 68.52 -1.42 11.46
N LEU B 91 67.51 -1.38 10.61
CA LEU B 91 67.34 -2.34 9.52
C LEU B 91 66.90 -1.57 8.29
N PRO B 92 67.20 -2.09 7.09
CA PRO B 92 66.77 -1.39 5.88
C PRO B 92 65.25 -1.27 5.81
N ARG B 93 64.79 -0.12 5.30
CA ARG B 93 63.36 0.15 5.25
C ARG B 93 62.60 -0.91 4.45
N GLU B 94 63.22 -1.46 3.41
CA GLU B 94 62.52 -2.46 2.61
C GLU B 94 62.32 -3.75 3.38
N GLU B 95 63.29 -4.14 4.22
CA GLU B 95 63.13 -5.36 5.01
C GLU B 95 62.09 -5.20 6.12
N VAL B 96 62.07 -4.05 6.80
CA VAL B 96 61.13 -3.84 7.89
C VAL B 96 59.68 -3.97 7.40
N LYS B 97 59.40 -3.48 6.18
CA LYS B 97 58.06 -3.65 5.64
C LYS B 97 57.69 -5.14 5.54
N GLN B 98 58.64 -5.97 5.12
CA GLN B 98 58.37 -7.40 5.00
C GLN B 98 58.12 -8.03 6.36
N ILE B 99 58.88 -7.62 7.38
CA ILE B 99 58.67 -8.16 8.72
C ILE B 99 57.33 -7.70 9.28
N LEU B 100 56.92 -6.47 8.98
CA LEU B 100 55.65 -5.97 9.49
C LEU B 100 54.46 -6.75 8.93
N VAL B 101 54.46 -6.99 7.61
CA VAL B 101 53.38 -7.78 7.02
C VAL B 101 53.42 -9.21 7.53
N ASP B 102 54.61 -9.77 7.72
CA ASP B 102 54.71 -11.14 8.23
C ASP B 102 54.17 -11.22 9.65
N MET B 103 54.45 -10.20 10.48
CA MET B 103 53.92 -10.19 11.84
C MET B 103 52.41 -10.13 11.84
N VAL B 104 51.83 -9.28 11.00
CA VAL B 104 50.37 -9.18 10.90
C VAL B 104 49.80 -10.51 10.39
N ALA B 105 50.46 -11.11 9.41
CA ALA B 105 49.99 -12.38 8.85
C ALA B 105 50.01 -13.49 9.91
N LYS B 106 51.09 -13.56 10.69
CA LYS B 106 51.16 -14.58 11.73
C LYS B 106 50.10 -14.37 12.81
N SER B 107 49.76 -13.11 13.10
CA SER B 107 48.78 -12.81 14.12
C SER B 107 47.36 -13.07 13.67
N GLU B 108 47.12 -13.23 12.36
CA GLU B 108 45.80 -13.40 11.77
C GLU B 108 44.89 -12.21 12.01
N ILE B 109 45.42 -11.12 12.55
CA ILE B 109 44.61 -9.94 12.85
C ILE B 109 44.30 -9.20 11.56
N LYS B 110 43.02 -8.90 11.33
CA LYS B 110 42.62 -8.17 10.14
C LYS B 110 42.54 -6.67 10.37
N ASP B 111 42.23 -6.25 11.59
CA ASP B 111 42.19 -4.83 11.97
C ASP B 111 43.23 -4.65 13.07
N ALA B 112 44.38 -4.09 12.72
CA ALA B 112 45.56 -4.16 13.57
C ALA B 112 46.13 -2.79 13.87
N PHE B 113 46.65 -2.64 15.09
CA PHE B 113 47.44 -1.50 15.53
C PHE B 113 48.91 -1.91 15.49
N VAL B 114 49.70 -1.23 14.66
CA VAL B 114 51.11 -1.55 14.46
C VAL B 114 51.95 -0.39 14.97
N GLU B 115 52.98 -0.69 15.76
CA GLU B 115 53.88 0.31 16.29
C GLU B 115 55.33 -0.11 16.06
N LEU B 116 56.15 0.83 15.60
CA LEU B 116 57.59 0.65 15.45
C LEU B 116 58.30 1.64 16.36
N ILE B 117 59.32 1.16 17.07
CA ILE B 117 60.05 1.99 18.02
C ILE B 117 61.54 1.87 17.71
N VAL B 118 62.20 3.01 17.50
CA VAL B 118 63.65 3.07 17.27
C VAL B 118 64.24 3.89 18.41
N THR B 119 65.01 3.23 19.27
CA THR B 119 65.59 3.86 20.45
C THR B 119 67.09 4.04 20.27
N ARG B 120 67.66 4.86 21.15
CA ARG B 120 69.08 5.21 21.04
C ARG B 120 69.98 3.99 21.18
N GLY B 121 69.54 2.98 21.93
CA GLY B 121 70.36 1.80 22.14
C GLY B 121 70.73 1.62 23.60
N LEU B 122 71.77 0.84 23.86
CA LEU B 122 72.18 0.61 25.24
C LEU B 122 73.03 1.75 25.77
N LYS B 123 73.74 2.46 24.89
CA LYS B 123 74.59 3.57 25.30
C LYS B 123 73.89 4.90 25.02
N GLY B 124 73.90 5.79 26.02
CA GLY B 124 73.28 7.09 25.88
C GLY B 124 74.22 8.11 25.26
N VAL B 125 73.71 9.33 25.14
CA VAL B 125 74.49 10.42 24.56
C VAL B 125 75.26 11.23 25.61
N ARG B 126 74.97 11.03 26.89
CA ARG B 126 75.54 11.85 27.95
C ARG B 126 77.06 11.77 28.01
N GLY B 127 77.63 10.62 28.35
CA GLY B 127 79.09 10.53 28.31
C GLY B 127 79.55 9.85 27.05
N HIS B 128 79.46 10.55 25.92
CA HIS B 128 79.80 9.97 24.62
C HIS B 128 80.74 10.88 23.85
N THR B 129 81.85 10.31 23.38
CA THR B 129 82.76 11.05 22.51
C THR B 129 82.14 11.28 21.15
N PRO B 130 81.95 12.53 20.71
CA PRO B 130 81.36 12.75 19.38
C PRO B 130 82.26 12.16 18.31
N GLY B 131 81.65 11.77 17.20
CA GLY B 131 82.37 11.06 16.15
C GLY B 131 82.22 9.56 16.25
N GLU B 132 81.79 9.04 17.40
CA GLU B 132 81.53 7.63 17.59
C GLU B 132 80.03 7.43 17.44
N THR B 133 79.62 6.28 16.91
CA THR B 133 78.20 6.04 16.68
C THR B 133 77.59 5.12 17.72
N PHE B 134 76.25 5.10 17.71
CA PHE B 134 75.44 4.31 18.62
C PHE B 134 74.96 3.03 17.94
N LYS B 135 74.70 2.01 18.75
CA LYS B 135 74.08 0.77 18.28
C LYS B 135 72.58 0.88 18.58
N ASN B 136 71.86 1.55 17.68
CA ASN B 136 70.44 1.78 17.90
C ASN B 136 69.67 0.47 17.88
N HIS B 137 68.55 0.46 18.61
CA HIS B 137 67.71 -0.72 18.74
C HIS B 137 66.37 -0.50 18.04
N LEU B 138 65.76 -1.60 17.61
CA LEU B 138 64.47 -1.57 16.92
C LEU B 138 63.51 -2.51 17.62
N TYR B 139 62.32 -2.01 17.94
CA TYR B 139 61.24 -2.83 18.49
C TYR B 139 59.98 -2.59 17.67
N MET B 140 59.24 -3.67 17.42
CA MET B 140 58.02 -3.62 16.63
C MET B 140 57.02 -4.62 17.20
N PHE B 141 55.74 -4.29 17.07
CA PHE B 141 54.71 -5.22 17.52
C PHE B 141 53.40 -4.90 16.81
N VAL B 142 52.57 -5.93 16.68
CA VAL B 142 51.24 -5.83 16.11
C VAL B 142 50.24 -6.16 17.21
N GLN B 143 49.13 -5.43 17.23
CA GLN B 143 48.16 -5.50 18.31
C GLN B 143 46.79 -5.26 17.71
N PRO B 144 45.73 -5.86 18.28
CA PRO B 144 44.37 -5.58 17.78
C PRO B 144 44.10 -4.08 17.74
N TYR B 145 43.32 -3.67 16.75
CA TYR B 145 43.07 -2.26 16.50
C TYR B 145 42.58 -1.57 17.76
N VAL B 146 43.28 -0.51 18.14
CA VAL B 146 42.97 0.25 19.35
C VAL B 146 42.08 1.41 18.95
N TRP B 147 41.05 1.70 19.75
CA TRP B 147 40.10 2.76 19.47
C TRP B 147 40.28 3.89 20.46
N VAL B 148 40.80 5.04 19.99
CA VAL B 148 40.77 6.24 20.81
C VAL B 148 39.33 6.69 20.99
N MET B 149 38.46 6.35 20.04
CA MET B 149 37.03 6.60 20.13
C MET B 149 36.30 5.35 19.69
N ASP B 150 35.49 4.79 20.58
CA ASP B 150 34.75 3.58 20.24
C ASP B 150 33.77 3.85 19.11
N PRO B 151 33.49 2.84 18.28
CA PRO B 151 32.57 3.07 17.14
C PRO B 151 31.22 3.63 17.52
N ASP B 152 30.61 3.15 18.61
CA ASP B 152 29.31 3.66 19.03
C ASP B 152 29.37 5.15 19.37
N ILE B 153 30.49 5.60 19.93
CA ILE B 153 30.61 7.02 20.28
C ILE B 153 30.84 7.86 19.03
N GLN B 154 31.50 7.31 18.01
CA GLN B 154 31.72 8.07 16.78
C GLN B 154 30.41 8.44 16.09
N LYS B 155 29.37 7.63 16.26
CA LYS B 155 28.07 7.97 15.69
C LYS B 155 27.52 9.26 16.28
N THR B 156 27.75 9.49 17.57
CA THR B 156 27.18 10.63 18.27
C THR B 156 28.21 11.70 18.64
N GLY B 157 29.51 11.42 18.55
CA GLY B 157 30.51 12.38 18.94
C GLY B 157 30.84 12.30 20.42
N GLY B 158 32.02 12.83 20.76
CA GLY B 158 32.54 12.78 22.10
C GLY B 158 32.60 14.13 22.81
N LYS B 159 33.10 14.07 24.04
CA LYS B 159 33.22 15.24 24.91
C LYS B 159 34.68 15.66 24.98
N ALA B 160 34.94 16.93 24.72
CA ALA B 160 36.30 17.46 24.75
C ALA B 160 36.35 18.73 25.59
N ILE B 161 37.53 19.00 26.14
CA ILE B 161 37.80 20.24 26.85
C ILE B 161 39.10 20.82 26.30
N ILE B 162 39.21 22.14 26.39
CA ILE B 162 40.46 22.83 26.10
C ILE B 162 41.21 22.97 27.42
N ALA B 163 42.31 22.23 27.56
CA ALA B 163 43.02 22.13 28.82
C ALA B 163 43.46 23.49 29.34
N ARG B 164 43.13 23.77 30.60
CA ARG B 164 43.55 25.00 31.26
C ARG B 164 44.77 24.82 32.15
N THR B 165 44.98 23.61 32.68
CA THR B 165 46.02 23.36 33.67
C THR B 165 47.34 22.92 33.05
N VAL B 166 47.39 22.67 31.75
CA VAL B 166 48.60 22.18 31.09
C VAL B 166 48.67 22.80 29.71
N ARG B 167 49.90 23.08 29.26
CA ARG B 167 50.16 23.58 27.93
C ARG B 167 50.96 22.56 27.14
N ARG B 168 50.94 22.72 25.82
CA ARG B 168 51.70 21.82 24.96
C ARG B 168 53.18 22.15 25.05
N ILE B 169 54.02 21.11 25.05
CA ILE B 169 55.46 21.28 25.07
C ILE B 169 55.88 22.07 23.83
N PRO B 170 56.52 23.23 24.00
CA PRO B 170 56.83 24.09 22.86
C PRO B 170 57.85 23.45 21.94
N PRO B 171 57.87 23.83 20.66
CA PRO B 171 58.86 23.26 19.74
C PRO B 171 60.29 23.55 20.14
N GLY B 172 60.56 24.69 20.78
CA GLY B 172 61.89 25.01 21.23
C GLY B 172 62.45 24.05 22.27
N SER B 173 61.58 23.28 22.91
CA SER B 173 61.99 22.24 23.85
C SER B 173 61.99 20.86 23.20
N ILE B 174 60.90 20.48 22.54
CA ILE B 174 60.79 19.20 21.86
C ILE B 174 60.07 19.44 20.55
N ASP B 175 60.69 19.05 19.44
CA ASP B 175 60.11 19.27 18.12
C ASP B 175 58.88 18.37 17.96
N PRO B 176 57.67 18.93 17.88
CA PRO B 176 56.47 18.08 17.80
C PRO B 176 56.36 17.30 16.50
N THR B 177 57.05 17.72 15.44
CA THR B 177 57.04 16.97 14.19
C THR B 177 57.75 15.63 14.31
N VAL B 178 58.54 15.42 15.36
CA VAL B 178 59.19 14.15 15.62
C VAL B 178 58.32 13.38 16.61
N LYS B 179 57.64 12.34 16.10
CA LYS B 179 56.73 11.56 16.92
C LYS B 179 57.46 10.92 18.10
N ASN B 180 57.21 11.44 19.30
CA ASN B 180 57.90 10.98 20.51
C ASN B 180 56.88 10.45 21.51
N LEU B 181 57.37 9.66 22.46
CA LEU B 181 56.56 9.04 23.50
C LEU B 181 56.67 9.76 24.83
N GLN B 182 57.22 10.96 24.86
CA GLN B 182 57.34 11.75 26.08
C GLN B 182 56.02 12.49 26.26
N TRP B 183 55.07 11.83 26.91
CA TRP B 183 53.69 12.31 27.04
C TRP B 183 53.42 12.98 28.38
N GLY B 184 54.37 13.74 28.90
CA GLY B 184 54.14 14.43 30.16
C GLY B 184 52.95 15.36 30.10
N ASP B 185 52.96 16.28 29.12
CA ASP B 185 51.85 17.21 28.98
C ASP B 185 50.57 16.50 28.55
N LEU B 186 50.69 15.50 27.68
CA LEU B 186 49.50 14.82 27.18
C LEU B 186 48.82 14.00 28.28
N THR B 187 49.60 13.28 29.09
CA THR B 187 49.02 12.55 30.20
C THR B 187 48.35 13.49 31.19
N ARG B 188 48.97 14.65 31.44
CA ARG B 188 48.34 15.67 32.29
C ARG B 188 47.03 16.13 31.69
N GLY B 189 46.96 16.28 30.36
CA GLY B 189 45.71 16.66 29.73
C GLY B 189 44.63 15.60 29.87
N LEU B 190 45.02 14.32 29.77
CA LEU B 190 44.06 13.25 29.97
C LEU B 190 43.49 13.26 31.38
N PHE B 191 44.34 13.46 32.39
CA PHE B 191 43.86 13.53 33.77
C PHE B 191 42.91 14.71 33.95
N GLU B 192 43.23 15.86 33.35
CA GLU B 192 42.36 17.03 33.48
C GLU B 192 41.01 16.77 32.82
N ALA B 193 41.02 16.12 31.65
CA ALA B 193 39.75 15.78 30.99
C ALA B 193 38.91 14.86 31.86
N ALA B 194 39.54 13.88 32.50
CA ALA B 194 38.80 13.00 33.41
C ALA B 194 38.24 13.79 34.59
N ASP B 195 39.01 14.75 35.11
CA ASP B 195 38.55 15.54 36.23
C ASP B 195 37.40 16.47 35.84
N ARG B 196 37.35 16.91 34.58
CA ARG B 196 36.33 17.85 34.12
C ARG B 196 35.18 17.15 33.40
N GLY B 197 35.01 15.84 33.60
CA GLY B 197 33.90 15.14 33.00
C GLY B 197 33.94 15.04 31.50
N ALA B 198 35.13 15.01 30.91
CA ALA B 198 35.31 14.90 29.47
C ALA B 198 36.21 13.71 29.16
N THR B 199 36.47 13.51 27.86
CA THR B 199 37.27 12.38 27.42
C THR B 199 38.46 12.77 26.56
N TYR B 200 38.51 13.98 25.99
CA TYR B 200 39.56 14.37 25.07
C TYR B 200 40.07 15.76 25.43
N PRO B 201 41.37 15.94 25.67
CA PRO B 201 41.89 17.28 25.96
C PRO B 201 42.44 17.99 24.73
N PHE B 202 42.18 19.28 24.60
CA PHE B 202 42.80 20.12 23.59
C PHE B 202 43.79 21.04 24.28
N LEU B 203 45.06 20.91 23.91
CA LEU B 203 46.13 21.66 24.56
C LEU B 203 46.43 22.95 23.81
N THR B 204 46.69 24.01 24.58
CA THR B 204 47.09 25.29 24.02
C THR B 204 48.61 25.33 23.88
N ASP B 205 49.09 26.13 22.93
CA ASP B 205 50.54 26.30 22.75
C ASP B 205 51.17 27.15 23.84
N GLY B 206 50.39 27.64 24.80
CA GLY B 206 50.86 28.62 25.76
C GLY B 206 50.83 30.04 25.26
N ASP B 207 50.37 30.27 24.03
CA ASP B 207 50.29 31.61 23.45
C ASP B 207 48.91 31.88 22.85
N ALA B 208 47.88 31.26 23.43
CA ALA B 208 46.48 31.43 23.03
C ALA B 208 46.21 30.89 21.62
N ASN B 209 46.85 29.78 21.27
CA ASN B 209 46.61 29.12 19.99
C ASN B 209 46.32 27.63 20.23
N LEU B 210 45.55 27.05 19.32
CA LEU B 210 45.22 25.64 19.40
C LEU B 210 46.36 24.81 18.83
N THR B 211 46.54 23.61 19.39
CA THR B 211 47.57 22.70 18.88
C THR B 211 46.97 21.32 18.60
N GLU B 212 47.03 20.43 19.59
CA GLU B 212 46.55 19.06 19.43
C GLU B 212 46.22 18.47 20.79
N GLY B 213 45.91 17.18 20.82
CA GLY B 213 45.53 16.52 22.05
C GLY B 213 46.38 15.31 22.38
N SER B 214 45.81 14.40 23.18
CA SER B 214 46.52 13.21 23.66
C SER B 214 46.60 12.18 22.54
N GLY B 215 47.48 12.46 21.58
CA GLY B 215 47.74 11.54 20.50
C GLY B 215 46.86 11.70 19.28
N PHE B 216 46.36 12.92 19.03
CA PHE B 216 45.48 13.15 17.90
C PHE B 216 45.58 14.62 17.48
N ASN B 217 45.35 14.86 16.20
CA ASN B 217 45.28 16.21 15.68
C ASN B 217 43.84 16.72 15.78
N VAL B 218 43.71 18.04 15.91
CA VAL B 218 42.40 18.69 16.03
C VAL B 218 42.14 19.47 14.75
N LEU B 219 40.92 19.32 14.21
CA LEU B 219 40.52 20.02 13.00
C LEU B 219 39.19 20.71 13.25
N LEU B 220 39.15 22.01 12.98
CA LEU B 220 37.93 22.79 13.09
C LEU B 220 37.32 23.01 11.71
N VAL B 221 36.00 23.09 11.67
CA VAL B 221 35.25 23.38 10.46
C VAL B 221 34.45 24.64 10.71
N LYS B 222 34.68 25.68 9.91
CA LYS B 222 34.04 26.98 10.10
C LYS B 222 33.70 27.59 8.75
N ASP B 223 32.41 27.83 8.52
CA ASP B 223 31.92 28.47 7.30
C ASP B 223 32.44 27.77 6.05
N GLY B 224 32.33 26.45 6.04
CA GLY B 224 32.68 25.66 4.88
C GLY B 224 34.15 25.46 4.65
N VAL B 225 35.02 25.95 5.54
CA VAL B 225 36.47 25.83 5.40
C VAL B 225 37.00 25.10 6.61
N ILE B 226 37.99 24.22 6.38
CA ILE B 226 38.62 23.44 7.44
C ILE B 226 39.88 24.15 7.91
N TYR B 227 40.06 24.23 9.22
CA TYR B 227 41.24 24.82 9.82
C TYR B 227 41.89 23.83 10.77
N THR B 228 43.22 23.78 10.77
CA THR B 228 43.96 22.92 11.66
C THR B 228 45.30 23.59 11.95
N PRO B 229 45.82 23.47 13.17
CA PRO B 229 47.09 24.12 13.49
C PRO B 229 48.24 23.56 12.67
N ASP B 230 49.14 24.46 12.25
CA ASP B 230 50.29 24.09 11.45
C ASP B 230 51.51 23.78 12.32
N ARG B 231 51.94 24.74 13.12
CA ARG B 231 53.13 24.60 13.95
C ARG B 231 52.73 24.17 15.37
N GLY B 232 53.68 23.55 16.07
CA GLY B 232 53.43 23.07 17.41
C GLY B 232 52.74 21.72 17.47
N VAL B 233 52.54 21.07 16.33
CA VAL B 233 51.78 19.83 16.25
C VAL B 233 52.59 18.79 15.49
N LEU B 234 52.18 17.54 15.64
CA LEU B 234 52.69 16.49 14.76
C LEU B 234 51.88 16.45 13.48
N GLN B 235 52.58 16.35 12.35
CA GLN B 235 51.92 16.26 11.05
C GLN B 235 51.38 14.85 10.88
N GLY B 236 50.14 14.65 11.31
CA GLY B 236 49.57 13.31 11.30
C GLY B 236 49.27 12.82 9.90
N VAL B 237 49.40 11.51 9.72
CA VAL B 237 49.07 10.90 8.44
C VAL B 237 47.58 10.94 8.19
N THR B 238 46.78 10.77 9.26
CA THR B 238 45.33 10.91 9.13
C THR B 238 44.95 12.34 8.78
N ARG B 239 45.66 13.32 9.34
CA ARG B 239 45.45 14.70 8.94
C ARG B 239 45.79 14.91 7.47
N LYS B 240 46.87 14.29 7.00
CA LYS B 240 47.20 14.34 5.58
C LYS B 240 46.13 13.63 4.75
N SER B 241 45.57 12.55 5.29
CA SER B 241 44.47 11.89 4.60
C SER B 241 43.24 12.78 4.57
N CYS B 242 43.01 13.54 5.63
CA CYS B 242 41.91 14.51 5.64
C CYS B 242 42.11 15.57 4.56
N ILE B 243 43.35 16.05 4.39
CA ILE B 243 43.62 17.06 3.37
C ILE B 243 43.42 16.48 1.97
N ASP B 244 43.84 15.22 1.77
CA ASP B 244 43.63 14.58 0.47
C ASP B 244 42.15 14.43 0.15
N VAL B 245 41.37 13.93 1.12
CA VAL B 245 39.94 13.73 0.90
C VAL B 245 39.24 15.06 0.64
N ALA B 246 39.57 16.07 1.45
CA ALA B 246 38.93 17.38 1.29
C ALA B 246 39.26 17.99 -0.07
N LYS B 247 40.51 17.90 -0.50
CA LYS B 247 40.89 18.41 -1.82
C LYS B 247 40.10 17.71 -2.92
N SER B 248 39.88 16.41 -2.78
CA SER B 248 39.07 15.69 -3.76
C SER B 248 37.61 16.07 -3.69
N LEU B 249 37.14 16.53 -2.52
CA LEU B 249 35.76 16.94 -2.34
C LEU B 249 35.53 18.42 -2.62
N GLY B 250 36.56 19.16 -2.98
CA GLY B 250 36.42 20.59 -3.18
C GLY B 250 36.39 21.40 -1.90
N ILE B 251 36.70 20.81 -0.76
CA ILE B 251 36.75 21.50 0.52
C ILE B 251 38.15 22.02 0.75
N GLU B 252 38.25 23.26 1.23
CA GLU B 252 39.55 23.91 1.44
C GLU B 252 40.02 23.68 2.87
N VAL B 253 41.26 23.22 3.01
CA VAL B 253 41.90 23.02 4.30
C VAL B 253 43.03 24.02 4.45
N ARG B 254 43.12 24.65 5.61
CA ARG B 254 44.13 25.66 5.90
C ARG B 254 44.98 25.19 7.08
N VAL B 255 46.20 24.74 6.78
CA VAL B 255 47.17 24.44 7.82
C VAL B 255 47.84 25.74 8.24
N GLN B 256 47.28 26.39 9.25
CA GLN B 256 47.72 27.71 9.67
C GLN B 256 47.64 27.80 11.20
N PHE B 257 48.00 28.95 11.73
CA PHE B 257 47.87 29.20 13.16
C PHE B 257 46.41 29.44 13.50
N VAL B 258 45.89 28.67 14.47
CA VAL B 258 44.49 28.68 14.83
C VAL B 258 44.36 29.28 16.23
N PRO B 259 43.91 30.53 16.36
CA PRO B 259 43.62 31.07 17.70
C PRO B 259 42.59 30.21 18.42
N ILE B 260 42.77 30.06 19.72
CA ILE B 260 41.94 29.13 20.50
C ILE B 260 40.47 29.51 20.46
N GLN B 261 40.15 30.78 20.22
CA GLN B 261 38.77 31.21 20.14
C GLN B 261 38.02 30.52 19.00
N MET B 262 38.73 30.14 17.93
CA MET B 262 38.08 29.49 16.80
C MET B 262 37.47 28.16 17.19
N ALA B 263 38.01 27.50 18.22
CA ALA B 263 37.44 26.23 18.68
C ALA B 263 36.05 26.42 19.28
N TYR B 264 35.80 27.56 19.90
CA TYR B 264 34.49 27.82 20.49
C TYR B 264 33.49 28.37 19.49
N ASP B 265 33.96 28.93 18.37
CA ASP B 265 33.10 29.49 17.34
C ASP B 265 32.97 28.58 16.12
N ALA B 266 33.53 27.38 16.17
CA ALA B 266 33.54 26.50 15.01
C ALA B 266 32.17 25.87 14.80
N ASP B 267 31.89 25.51 13.54
CA ASP B 267 30.64 24.82 13.21
C ASP B 267 30.72 23.34 13.54
N GLU B 268 31.86 22.70 13.23
CA GLU B 268 32.09 21.30 13.54
C GLU B 268 33.52 21.13 14.04
N ILE B 269 33.72 20.08 14.83
CA ILE B 269 35.04 19.73 15.36
C ILE B 269 35.19 18.22 15.27
N PHE B 270 36.36 17.77 14.82
CA PHE B 270 36.66 16.35 14.81
C PHE B 270 38.16 16.15 14.95
N MET B 271 38.54 15.06 15.60
CA MET B 271 39.93 14.69 15.81
C MET B 271 40.37 13.69 14.75
N ALA B 272 41.69 13.57 14.61
CA ALA B 272 42.26 12.66 13.61
C ALA B 272 43.49 11.97 14.20
N THR B 273 43.52 10.64 14.09
CA THR B 273 44.67 9.86 14.50
C THR B 273 44.55 8.48 13.85
N THR B 274 45.69 7.80 13.74
CA THR B 274 45.67 6.47 13.14
C THR B 274 44.90 5.48 13.99
N ALA B 275 44.93 5.64 15.31
CA ALA B 275 44.23 4.69 16.17
C ALA B 275 42.71 4.83 16.06
N GLY B 276 42.20 5.95 15.58
CA GLY B 276 40.74 6.08 15.55
C GLY B 276 40.17 6.51 14.21
N GLY B 277 40.97 7.24 13.45
CA GLY B 277 40.49 7.80 12.19
C GLY B 277 39.91 9.17 12.43
N ILE B 278 38.72 9.41 11.90
CA ILE B 278 38.00 10.65 12.14
C ILE B 278 37.10 10.45 13.34
N MET B 279 37.26 11.31 14.35
CA MET B 279 36.58 11.18 15.63
C MET B 279 35.87 12.50 15.91
N PRO B 280 34.57 12.60 15.62
CA PRO B 280 33.87 13.88 15.78
C PRO B 280 33.69 14.25 17.25
N ILE B 281 33.77 15.55 17.52
CA ILE B 281 33.52 16.11 18.83
C ILE B 281 32.25 16.94 18.77
N THR B 282 31.26 16.58 19.60
CA THR B 282 29.99 17.26 19.60
C THR B 282 29.71 18.03 20.89
N THR B 283 30.54 17.86 21.92
CA THR B 283 30.40 18.59 23.17
C THR B 283 31.77 19.12 23.57
N LEU B 284 31.87 20.44 23.71
CA LEU B 284 33.11 21.11 24.11
C LEU B 284 32.83 21.95 25.34
N ASP B 285 33.57 21.70 26.42
CA ASP B 285 33.41 22.40 27.68
C ASP B 285 31.96 22.30 28.18
N ASP B 286 31.44 21.08 28.18
CA ASP B 286 30.10 20.78 28.68
C ASP B 286 29.02 21.60 27.99
N LYS B 287 29.22 21.91 26.71
CA LYS B 287 28.25 22.65 25.91
C LYS B 287 28.28 22.10 24.50
N PRO B 288 27.10 21.87 23.90
CA PRO B 288 27.07 21.35 22.52
C PRO B 288 27.69 22.33 21.54
N ILE B 289 28.29 21.78 20.48
CA ILE B 289 28.95 22.61 19.48
C ILE B 289 27.93 23.44 18.72
N GLN B 290 27.04 22.77 17.99
CA GLN B 290 25.97 23.45 17.27
C GLN B 290 24.65 22.74 17.52
N SER B 291 24.47 21.59 16.89
CA SER B 291 23.28 20.77 17.09
C SER B 291 23.53 19.60 18.04
N GLY B 292 24.74 19.44 18.55
CA GLY B 292 25.08 18.31 19.39
C GLY B 292 25.28 17.00 18.65
N LYS B 293 25.11 16.98 17.33
CA LYS B 293 25.28 15.79 16.52
C LYS B 293 26.43 15.99 15.54
N VAL B 294 26.90 14.88 14.97
CA VAL B 294 28.02 14.94 14.03
C VAL B 294 27.65 15.80 12.82
N GLY B 295 28.58 16.65 12.42
CA GLY B 295 28.34 17.62 11.38
C GLY B 295 28.39 17.01 10.00
N PRO B 296 27.95 17.79 9.00
CA PRO B 296 27.92 17.29 7.62
C PRO B 296 29.31 17.13 7.01
N ILE B 297 30.14 18.18 7.13
CA ILE B 297 31.50 18.10 6.60
C ILE B 297 32.28 16.99 7.29
N THR B 298 32.05 16.81 8.59
CA THR B 298 32.67 15.72 9.32
C THR B 298 32.26 14.37 8.73
N LYS B 299 30.99 14.24 8.34
CA LYS B 299 30.51 12.98 7.78
C LYS B 299 31.14 12.68 6.43
N LYS B 300 31.26 13.69 5.56
CA LYS B 300 31.88 13.47 4.25
C LYS B 300 33.35 13.06 4.40
N ILE B 301 34.07 13.69 5.33
CA ILE B 301 35.47 13.34 5.54
C ILE B 301 35.59 11.95 6.16
N TRP B 302 34.67 11.62 7.08
CA TRP B 302 34.67 10.29 7.66
C TRP B 302 34.50 9.22 6.59
N ASP B 303 33.52 9.40 5.70
CA ASP B 303 33.29 8.44 4.63
C ASP B 303 34.49 8.38 3.67
N GLY B 304 35.02 9.55 3.30
CA GLY B 304 36.15 9.57 2.36
C GLY B 304 37.41 8.94 2.93
N TYR B 305 37.66 9.15 4.22
CA TYR B 305 38.85 8.55 4.85
C TYR B 305 38.80 7.03 4.80
N TRP B 306 37.69 6.44 5.23
CA TRP B 306 37.56 4.99 5.18
C TRP B 306 37.33 4.48 3.76
N ALA B 307 37.02 5.36 2.81
CA ALA B 307 36.91 4.95 1.42
C ALA B 307 38.29 4.66 0.83
N ILE B 308 39.24 5.57 1.02
CA ILE B 308 40.59 5.38 0.50
C ILE B 308 41.35 4.28 1.23
N HIS B 309 40.77 3.73 2.31
CA HIS B 309 41.35 2.56 2.95
C HIS B 309 41.29 1.34 2.05
N TYR B 310 40.43 1.35 1.04
CA TYR B 310 40.33 0.28 0.06
C TYR B 310 40.90 0.69 -1.30
N ASP B 311 41.55 1.85 -1.37
CA ASP B 311 42.18 2.31 -2.59
C ASP B 311 43.61 1.77 -2.67
N ASP B 312 43.94 1.14 -3.81
CA ASP B 312 45.28 0.61 -4.00
C ASP B 312 46.35 1.70 -3.99
N ALA B 313 45.98 2.96 -4.23
CA ALA B 313 46.95 4.05 -4.17
C ALA B 313 47.36 4.35 -2.73
N TYR B 314 46.52 4.02 -1.75
CA TYR B 314 46.81 4.29 -0.36
C TYR B 314 46.98 3.03 0.49
N SER B 315 46.77 1.85 -0.08
CA SER B 315 46.79 0.63 0.71
C SER B 315 47.10 -0.56 -0.17
N PHE B 316 47.44 -1.68 0.47
CA PHE B 316 47.68 -2.93 -0.21
C PHE B 316 47.22 -4.08 0.68
N GLU B 317 46.79 -5.17 0.05
CA GLU B 317 46.21 -6.31 0.75
C GLU B 317 47.28 -7.26 1.22
N ILE B 318 47.06 -7.83 2.41
CA ILE B 318 47.98 -8.78 3.04
C ILE B 318 47.52 -10.20 2.68
N GLN B 319 48.50 -11.09 2.47
CA GLN B 319 48.18 -12.44 1.99
C GLN B 319 47.92 -13.46 3.08
N TYR B 320 48.47 -13.26 4.29
CA TYR B 320 48.20 -14.17 5.41
C TYR B 320 48.54 -15.62 5.09
N MET C 4 -44.58 7.12 -24.54
CA MET C 4 -44.31 8.05 -23.43
C MET C 4 -45.36 7.93 -22.34
N ASP C 5 -46.63 7.95 -22.72
CA ASP C 5 -47.71 7.90 -21.74
C ASP C 5 -47.62 6.64 -20.89
N GLU C 6 -47.22 5.52 -21.50
CA GLU C 6 -47.09 4.27 -20.75
C GLU C 6 -46.12 4.41 -19.59
N ILE C 7 -44.91 4.92 -19.88
CA ILE C 7 -43.91 5.09 -18.83
C ILE C 7 -44.35 6.13 -17.81
N PHE C 8 -44.91 7.25 -18.29
CA PHE C 8 -45.30 8.33 -17.40
C PHE C 8 -46.48 7.95 -16.52
N ALA C 9 -47.46 7.22 -17.06
CA ALA C 9 -48.63 6.84 -16.28
C ALA C 9 -48.25 5.95 -15.10
N ALA C 10 -47.42 4.93 -15.35
CA ALA C 10 -46.98 4.05 -14.28
C ALA C 10 -46.18 4.82 -13.24
N TYR C 11 -45.39 5.80 -13.68
CA TYR C 11 -44.60 6.60 -12.75
C TYR C 11 -45.50 7.42 -11.84
N GLU C 12 -46.51 8.09 -12.40
CA GLU C 12 -47.39 8.94 -11.59
C GLU C 12 -48.16 8.14 -10.56
N LYS C 13 -48.50 6.89 -10.86
CA LYS C 13 -49.13 6.04 -9.86
C LYS C 13 -48.16 5.67 -8.75
N ARG C 14 -46.95 5.25 -9.13
CA ARG C 14 -45.92 4.93 -8.16
C ARG C 14 -45.53 6.16 -7.34
N GLN C 15 -45.51 7.34 -7.98
CA GLN C 15 -45.20 8.56 -7.23
C GLN C 15 -46.31 8.92 -6.25
N ALA C 16 -47.57 8.64 -6.62
CA ALA C 16 -48.68 8.88 -5.69
C ALA C 16 -48.54 8.02 -4.43
N VAL C 17 -48.11 6.77 -4.60
CA VAL C 17 -47.88 5.90 -3.45
C VAL C 17 -46.76 6.46 -2.57
N LEU C 18 -45.71 6.99 -3.20
CA LEU C 18 -44.58 7.51 -2.44
C LEU C 18 -44.96 8.78 -1.69
N GLU C 19 -45.82 9.61 -2.28
CA GLU C 19 -46.19 10.88 -1.66
C GLU C 19 -47.09 10.69 -0.45
N GLU C 20 -47.73 9.53 -0.31
CA GLU C 20 -48.58 9.24 0.84
C GLU C 20 -47.95 8.19 1.75
N SER C 21 -46.62 8.15 1.80
CA SER C 21 -45.90 7.20 2.64
C SER C 21 -45.62 7.81 4.00
N SER C 22 -45.55 6.93 5.01
CA SER C 22 -45.24 7.35 6.37
C SER C 22 -43.76 7.29 6.71
N ASN C 23 -42.98 6.50 5.95
CA ASN C 23 -41.56 6.39 6.17
C ASN C 23 -40.88 7.75 6.05
N PRO C 24 -40.17 8.22 7.08
CA PRO C 24 -39.46 9.50 6.96
C PRO C 24 -38.32 9.46 5.95
N LEU C 25 -37.80 8.28 5.62
CA LEU C 25 -36.73 8.16 4.65
C LEU C 25 -37.23 8.22 3.21
N SER C 26 -38.54 8.18 2.99
CA SER C 26 -39.09 8.29 1.65
C SER C 26 -38.80 9.64 1.01
N LYS C 27 -38.47 10.65 1.80
CA LYS C 27 -38.07 11.95 1.26
C LYS C 27 -36.62 11.97 0.83
N GLY C 28 -35.82 11.03 1.29
CA GLY C 28 -34.40 10.95 0.94
C GLY C 28 -33.61 10.33 2.08
N ILE C 29 -32.49 9.72 1.72
CA ILE C 29 -31.59 9.08 2.66
C ILE C 29 -30.16 9.33 2.21
N ALA C 30 -29.26 9.53 3.16
CA ALA C 30 -27.88 9.87 2.86
C ALA C 30 -26.92 8.97 3.64
N TRP C 31 -25.75 8.74 3.05
CA TRP C 31 -24.70 7.92 3.64
C TRP C 31 -23.52 8.83 3.95
N VAL C 32 -23.24 9.04 5.24
CA VAL C 32 -22.13 9.88 5.68
C VAL C 32 -21.28 9.07 6.65
N PHE C 33 -20.07 8.72 6.20
CA PHE C 33 -19.06 8.06 7.05
C PHE C 33 -19.63 6.83 7.74
N GLY C 34 -20.38 6.02 6.99
CA GLY C 34 -20.92 4.77 7.48
C GLY C 34 -22.27 4.86 8.15
N GLU C 35 -22.79 6.06 8.39
CA GLU C 35 -24.08 6.23 9.03
C GLU C 35 -25.14 6.64 8.01
N LEU C 36 -26.34 6.10 8.17
CA LEU C 36 -27.48 6.46 7.33
C LEU C 36 -28.36 7.47 8.07
N VAL C 37 -28.64 8.58 7.41
CA VAL C 37 -29.41 9.68 8.01
C VAL C 37 -30.40 10.20 6.98
N PRO C 38 -31.50 10.81 7.44
CA PRO C 38 -32.41 11.48 6.51
C PRO C 38 -31.69 12.55 5.70
N LEU C 39 -32.03 12.63 4.42
CA LEU C 39 -31.31 13.51 3.50
C LEU C 39 -31.33 14.95 3.96
N ALA C 40 -32.45 15.40 4.54
CA ALA C 40 -32.53 16.76 5.03
C ALA C 40 -31.60 17.00 6.22
N GLU C 41 -31.32 15.96 6.99
CA GLU C 41 -30.47 16.06 8.17
C GLU C 41 -29.04 15.58 7.90
N ALA C 42 -28.59 15.65 6.65
CA ALA C 42 -27.26 15.23 6.27
C ALA C 42 -26.30 16.41 6.35
N ARG C 43 -25.21 16.23 7.09
CA ARG C 43 -24.23 17.30 7.32
C ARG C 43 -22.85 16.81 6.95
N ILE C 44 -22.09 17.67 6.29
CA ILE C 44 -20.71 17.37 5.92
C ILE C 44 -19.80 18.35 6.65
N PRO C 45 -18.54 17.98 6.86
CA PRO C 45 -17.60 18.91 7.51
C PRO C 45 -17.41 20.18 6.68
N LEU C 46 -17.40 21.31 7.38
CA LEU C 46 -17.21 22.60 6.70
C LEU C 46 -15.85 22.66 6.00
N MET C 47 -14.83 22.04 6.60
CA MET C 47 -13.47 22.08 6.06
C MET C 47 -13.24 21.06 4.96
N ASP C 48 -14.25 20.30 4.56
CA ASP C 48 -14.09 19.33 3.48
C ASP C 48 -13.72 20.06 2.19
N GLN C 49 -12.62 19.62 1.57
CA GLN C 49 -12.14 20.26 0.35
C GLN C 49 -13.11 20.11 -0.83
N GLY C 50 -14.16 19.31 -0.69
CA GLY C 50 -15.21 19.32 -1.70
C GLY C 50 -16.11 20.52 -1.62
N PHE C 51 -16.20 21.14 -0.45
CA PHE C 51 -16.86 22.43 -0.27
C PHE C 51 -15.89 23.59 -0.29
N MET C 52 -14.70 23.40 0.30
CA MET C 52 -13.72 24.48 0.39
C MET C 52 -13.26 24.94 -1.00
N HIS C 53 -12.80 24.00 -1.83
CA HIS C 53 -12.34 24.35 -3.17
C HIS C 53 -12.97 23.48 -4.25
N SER C 54 -14.13 22.86 -3.97
CA SER C 54 -14.82 21.98 -4.92
C SER C 54 -13.86 20.99 -5.57
N ASP C 55 -13.03 20.37 -4.75
CA ASP C 55 -12.00 19.43 -5.22
C ASP C 55 -12.57 18.02 -5.13
N LEU C 56 -13.38 17.65 -6.12
CA LEU C 56 -14.10 16.39 -6.06
C LEU C 56 -14.50 15.96 -7.47
N THR C 57 -15.04 14.76 -7.56
CA THR C 57 -15.79 14.28 -8.72
C THR C 57 -17.07 13.63 -8.20
N TYR C 58 -18.01 13.39 -9.11
CA TYR C 58 -19.27 12.78 -8.73
C TYR C 58 -19.82 11.98 -9.90
N ASP C 59 -20.88 11.23 -9.63
CA ASP C 59 -21.57 10.49 -10.68
C ASP C 59 -22.96 10.11 -10.20
N VAL C 60 -23.88 9.97 -11.14
CA VAL C 60 -25.30 9.81 -10.84
C VAL C 60 -25.88 8.58 -11.54
N PRO C 61 -26.05 7.45 -10.85
CA PRO C 61 -26.86 6.36 -11.36
C PRO C 61 -28.34 6.64 -11.12
N SER C 62 -29.19 5.76 -11.63
CA SER C 62 -30.63 5.96 -11.54
C SER C 62 -31.35 4.67 -11.19
N VAL C 63 -32.51 4.82 -10.57
CA VAL C 63 -33.44 3.74 -10.26
C VAL C 63 -34.81 4.15 -10.80
N TRP C 64 -35.44 3.29 -11.59
CA TRP C 64 -36.72 3.65 -12.18
C TRP C 64 -37.88 2.79 -11.68
N ASP C 65 -38.06 1.59 -12.21
CA ASP C 65 -39.16 0.76 -11.74
C ASP C 65 -38.68 -0.19 -10.64
N GLY C 66 -37.87 0.32 -9.72
CA GLY C 66 -37.25 -0.52 -8.73
C GLY C 66 -36.07 -1.27 -9.29
N ARG C 67 -35.49 -0.77 -10.38
CA ARG C 67 -34.38 -1.40 -11.08
C ARG C 67 -33.25 -0.38 -11.24
N PHE C 68 -32.08 -0.70 -10.70
CA PHE C 68 -30.90 0.12 -10.93
C PHE C 68 -30.53 0.07 -12.40
N PHE C 69 -30.37 1.24 -13.02
CA PHE C 69 -30.12 1.34 -14.45
C PHE C 69 -28.65 1.61 -14.70
N ARG C 70 -27.95 0.62 -15.27
CA ARG C 70 -26.55 0.73 -15.66
C ARG C 70 -25.69 1.23 -14.51
N LEU C 71 -25.78 0.54 -13.37
CA LEU C 71 -24.99 0.92 -12.21
C LEU C 71 -23.51 0.64 -12.43
N ASP C 72 -23.19 -0.51 -13.03
CA ASP C 72 -21.79 -0.85 -13.29
C ASP C 72 -21.12 0.21 -14.15
N ASP C 73 -21.82 0.71 -15.17
CA ASP C 73 -21.25 1.74 -16.02
C ASP C 73 -20.96 3.01 -15.24
N HIS C 74 -21.87 3.40 -14.34
CA HIS C 74 -21.67 4.62 -13.57
C HIS C 74 -20.53 4.46 -12.56
N ILE C 75 -20.45 3.30 -11.90
CA ILE C 75 -19.37 3.08 -10.94
C ILE C 75 -18.03 3.05 -11.66
N ALA C 76 -18.00 2.48 -12.87
CA ALA C 76 -16.76 2.47 -13.65
C ALA C 76 -16.33 3.88 -14.04
N ARG C 77 -17.28 4.72 -14.46
CA ARG C 77 -16.95 6.09 -14.81
C ARG C 77 -16.49 6.88 -13.59
N LEU C 78 -17.11 6.61 -12.43
CA LEU C 78 -16.66 7.25 -11.20
C LEU C 78 -15.23 6.89 -10.87
N GLU C 79 -14.85 5.62 -11.07
CA GLU C 79 -13.48 5.20 -10.81
C GLU C 79 -12.52 5.85 -11.80
N ALA C 80 -12.92 5.94 -13.07
CA ALA C 80 -12.09 6.61 -14.07
C ALA C 80 -11.92 8.09 -13.76
N SER C 81 -13.01 8.75 -13.34
CA SER C 81 -12.93 10.15 -12.96
C SER C 81 -12.02 10.35 -11.76
N CYS C 82 -12.13 9.47 -10.76
CA CYS C 82 -11.25 9.54 -9.60
C CYS C 82 -9.79 9.40 -10.01
N ALA C 83 -9.49 8.44 -10.89
CA ALA C 83 -8.11 8.26 -11.34
C ALA C 83 -7.59 9.49 -12.05
N LYS C 84 -8.43 10.13 -12.87
CA LYS C 84 -8.01 11.30 -13.61
C LYS C 84 -7.72 12.48 -12.69
N MET C 85 -8.47 12.62 -11.60
CA MET C 85 -8.30 13.70 -10.64
C MET C 85 -7.49 13.27 -9.42
N ARG C 86 -6.65 12.24 -9.56
CA ARG C 86 -5.72 11.81 -8.51
C ARG C 86 -6.48 11.41 -7.24
N LEU C 87 -7.66 10.83 -7.41
CA LEU C 87 -8.50 10.40 -6.30
C LEU C 87 -8.58 8.88 -6.24
N GLN C 88 -8.99 8.38 -5.08
CA GLN C 88 -9.16 6.96 -4.83
C GLN C 88 -10.59 6.73 -4.38
N LEU C 89 -11.23 5.73 -4.97
CA LEU C 89 -12.57 5.34 -4.55
C LEU C 89 -12.48 4.75 -3.14
N PRO C 90 -13.06 5.40 -2.12
CA PRO C 90 -12.80 4.96 -0.74
C PRO C 90 -13.38 3.59 -0.39
N LEU C 91 -14.16 2.97 -1.27
CA LEU C 91 -14.73 1.66 -0.99
C LEU C 91 -14.69 0.80 -2.24
N PRO C 92 -14.61 -0.52 -2.09
CA PRO C 92 -14.66 -1.41 -3.27
C PRO C 92 -15.99 -1.27 -3.99
N ARG C 93 -15.95 -1.39 -5.33
CA ARG C 93 -17.14 -1.14 -6.13
C ARG C 93 -18.30 -2.03 -5.72
N GLU C 94 -18.03 -3.30 -5.36
CA GLU C 94 -19.12 -4.19 -5.01
C GLU C 94 -19.76 -3.80 -3.68
N GLU C 95 -18.98 -3.30 -2.73
CA GLU C 95 -19.58 -2.84 -1.49
C GLU C 95 -20.41 -1.59 -1.72
N VAL C 96 -19.92 -0.65 -2.55
CA VAL C 96 -20.69 0.53 -2.87
C VAL C 96 -22.02 0.16 -3.53
N LYS C 97 -21.99 -0.84 -4.42
CA LYS C 97 -23.22 -1.31 -5.03
C LYS C 97 -24.18 -1.84 -3.98
N GLN C 98 -23.68 -2.60 -3.01
CA GLN C 98 -24.55 -3.19 -1.99
C GLN C 98 -25.13 -2.13 -1.07
N ILE C 99 -24.34 -1.13 -0.67
CA ILE C 99 -24.86 -0.07 0.19
C ILE C 99 -25.89 0.76 -0.57
N LEU C 100 -25.68 0.98 -1.86
CA LEU C 100 -26.66 1.74 -2.64
C LEU C 100 -27.99 1.00 -2.73
N VAL C 101 -27.94 -0.31 -2.96
CA VAL C 101 -29.17 -1.10 -3.02
C VAL C 101 -29.88 -1.09 -1.66
N ASP C 102 -29.11 -1.16 -0.57
CA ASP C 102 -29.72 -1.14 0.76
C ASP C 102 -30.37 0.21 1.03
N MET C 103 -29.73 1.30 0.62
CA MET C 103 -30.30 2.63 0.84
C MET C 103 -31.61 2.81 0.07
N VAL C 104 -31.66 2.38 -1.18
CA VAL C 104 -32.88 2.48 -1.97
C VAL C 104 -34.00 1.66 -1.34
N ALA C 105 -33.66 0.45 -0.86
CA ALA C 105 -34.67 -0.41 -0.24
C ALA C 105 -35.25 0.23 1.02
N LYS C 106 -34.39 0.80 1.87
CA LYS C 106 -34.87 1.45 3.09
C LYS C 106 -35.72 2.67 2.79
N SER C 107 -35.40 3.40 1.72
CA SER C 107 -36.15 4.60 1.38
C SER C 107 -37.52 4.30 0.78
N GLU C 108 -37.76 3.06 0.36
CA GLU C 108 -38.98 2.64 -0.32
C GLU C 108 -39.20 3.38 -1.64
N ILE C 109 -38.22 4.16 -2.08
CA ILE C 109 -38.35 4.94 -3.30
C ILE C 109 -38.19 4.03 -4.51
N LYS C 110 -39.14 4.10 -5.44
CA LYS C 110 -39.05 3.32 -6.66
C LYS C 110 -38.38 4.08 -7.78
N ASP C 111 -38.55 5.39 -7.82
CA ASP C 111 -37.96 6.27 -8.83
C ASP C 111 -36.96 7.18 -8.11
N ALA C 112 -35.68 6.87 -8.22
CA ALA C 112 -34.69 7.45 -7.33
C ALA C 112 -33.57 8.15 -8.10
N PHE C 113 -33.13 9.28 -7.55
CA PHE C 113 -31.94 9.97 -8.00
C PHE C 113 -30.82 9.66 -7.02
N VAL C 114 -29.76 9.01 -7.50
CA VAL C 114 -28.65 8.57 -6.67
C VAL C 114 -27.41 9.35 -7.06
N GLU C 115 -26.69 9.87 -6.07
CA GLU C 115 -25.48 10.63 -6.31
C GLU C 115 -24.35 10.09 -5.45
N LEU C 116 -23.18 9.95 -6.06
CA LEU C 116 -21.96 9.53 -5.39
C LEU C 116 -20.98 10.69 -5.45
N ILE C 117 -20.32 10.99 -4.33
CA ILE C 117 -19.39 12.11 -4.27
C ILE C 117 -18.08 11.63 -3.66
N VAL C 118 -16.99 11.86 -4.37
CA VAL C 118 -15.65 11.55 -3.89
C VAL C 118 -14.86 12.85 -3.84
N THR C 119 -14.57 13.32 -2.64
CA THR C 119 -13.89 14.59 -2.44
C THR C 119 -12.46 14.37 -1.93
N ARG C 120 -11.66 15.43 -2.03
CA ARG C 120 -10.24 15.34 -1.67
C ARG C 120 -10.05 15.03 -0.19
N GLY C 121 -11.00 15.43 0.66
CA GLY C 121 -10.88 15.21 2.08
C GLY C 121 -10.84 16.50 2.89
N LEU C 122 -10.37 16.42 4.14
CA LEU C 122 -10.33 17.60 4.99
C LEU C 122 -9.09 18.45 4.74
N LYS C 123 -8.00 17.85 4.28
CA LYS C 123 -6.75 18.56 4.01
C LYS C 123 -6.61 18.82 2.52
N GLY C 124 -6.16 20.03 2.17
CA GLY C 124 -6.04 20.42 0.79
C GLY C 124 -4.76 19.96 0.14
N VAL C 125 -4.62 20.36 -1.14
CA VAL C 125 -3.49 19.93 -1.96
C VAL C 125 -2.30 20.89 -1.93
N ARG C 126 -2.49 22.11 -1.42
CA ARG C 126 -1.44 23.12 -1.50
C ARG C 126 -0.16 22.64 -0.83
N GLY C 127 -0.21 22.41 0.48
CA GLY C 127 0.91 21.90 1.23
C GLY C 127 0.84 20.40 1.49
N HIS C 128 1.24 19.58 0.53
CA HIS C 128 1.15 18.13 0.67
C HIS C 128 2.53 17.51 0.53
N THR C 129 2.90 16.72 1.53
CA THR C 129 4.18 16.02 1.53
C THR C 129 4.19 14.91 0.49
N PRO C 130 5.09 14.93 -0.49
CA PRO C 130 5.08 13.88 -1.51
C PRO C 130 5.35 12.50 -0.93
N GLY C 131 4.82 11.49 -1.60
CA GLY C 131 4.92 10.10 -1.19
C GLY C 131 3.75 9.58 -0.38
N GLU C 132 2.97 10.46 0.25
CA GLU C 132 1.77 10.06 0.96
C GLU C 132 0.54 10.47 0.17
N THR C 133 -0.56 9.74 0.37
CA THR C 133 -1.82 10.02 -0.29
C THR C 133 -2.75 10.79 0.64
N PHE C 134 -3.87 11.22 0.08
CA PHE C 134 -4.85 12.03 0.81
C PHE C 134 -5.89 11.12 1.45
N LYS C 135 -6.52 11.63 2.52
CA LYS C 135 -7.63 10.92 3.15
C LYS C 135 -8.93 11.44 2.55
N ASN C 136 -9.23 10.94 1.35
CA ASN C 136 -10.42 11.34 0.62
C ASN C 136 -11.68 10.86 1.32
N HIS C 137 -12.76 11.59 1.10
CA HIS C 137 -14.04 11.29 1.72
C HIS C 137 -15.04 10.82 0.67
N LEU C 138 -16.03 10.03 1.11
CA LEU C 138 -17.06 9.51 0.24
C LEU C 138 -18.42 9.87 0.82
N TYR C 139 -19.28 10.45 -0.01
CA TYR C 139 -20.66 10.78 0.37
C TYR C 139 -21.62 10.20 -0.66
N MET C 140 -22.74 9.68 -0.19
CA MET C 140 -23.74 9.06 -1.04
C MET C 140 -25.13 9.39 -0.51
N PHE C 141 -26.10 9.51 -1.42
CA PHE C 141 -27.47 9.72 -0.99
C PHE C 141 -28.43 9.31 -2.09
N VAL C 142 -29.64 8.93 -1.68
CA VAL C 142 -30.73 8.61 -2.59
C VAL C 142 -31.83 9.62 -2.39
N GLN C 143 -32.48 10.02 -3.49
CA GLN C 143 -33.45 11.10 -3.50
C GLN C 143 -34.47 10.79 -4.58
N PRO C 144 -35.74 11.21 -4.40
CA PRO C 144 -36.74 10.99 -5.45
C PRO C 144 -36.26 11.49 -6.81
N TYR C 145 -36.69 10.79 -7.86
CA TYR C 145 -36.23 11.06 -9.22
C TYR C 145 -36.41 12.52 -9.59
N VAL C 146 -35.32 13.14 -10.02
CA VAL C 146 -35.30 14.56 -10.39
C VAL C 146 -35.52 14.64 -11.88
N TRP C 147 -36.33 15.59 -12.34
CA TRP C 147 -36.64 15.76 -13.76
C TRP C 147 -36.02 17.05 -14.27
N VAL C 148 -35.01 16.94 -15.13
CA VAL C 148 -34.54 18.10 -15.87
C VAL C 148 -35.60 18.56 -16.84
N MET C 149 -36.46 17.64 -17.30
CA MET C 149 -37.60 17.98 -18.13
C MET C 149 -38.81 17.25 -17.61
N ASP C 150 -39.84 17.98 -17.21
CA ASP C 150 -41.04 17.37 -16.68
C ASP C 150 -41.70 16.49 -17.75
N PRO C 151 -42.38 15.42 -17.34
CA PRO C 151 -43.02 14.52 -18.32
C PRO C 151 -43.96 15.22 -19.28
N ASP C 152 -44.78 16.16 -18.79
CA ASP C 152 -45.71 16.87 -19.67
C ASP C 152 -44.97 17.63 -20.76
N ILE C 153 -43.79 18.18 -20.42
CA ILE C 153 -43.03 18.92 -21.42
C ILE C 153 -42.34 17.97 -22.40
N GLN C 154 -41.93 16.77 -21.94
CA GLN C 154 -41.32 15.81 -22.84
C GLN C 154 -42.27 15.38 -23.95
N LYS C 155 -43.57 15.35 -23.66
CA LYS C 155 -44.54 15.00 -24.69
C LYS C 155 -44.53 16.01 -25.83
N THR C 156 -44.33 17.30 -25.50
CA THR C 156 -44.37 18.37 -26.48
C THR C 156 -43.01 18.96 -26.78
N GLY C 157 -41.99 18.64 -25.99
CA GLY C 157 -40.67 19.22 -26.18
C GLY C 157 -40.53 20.56 -25.47
N GLY C 158 -39.28 20.94 -25.25
CA GLY C 158 -38.96 22.14 -24.50
C GLY C 158 -38.34 23.24 -25.36
N LYS C 159 -38.05 24.34 -24.68
CA LYS C 159 -37.49 25.53 -25.29
C LYS C 159 -36.02 25.63 -24.94
N ALA C 160 -35.18 25.79 -25.95
CA ALA C 160 -33.74 25.89 -25.74
C ALA C 160 -33.18 27.08 -26.50
N ILE C 161 -32.06 27.61 -25.99
CA ILE C 161 -31.32 28.66 -26.66
C ILE C 161 -29.86 28.22 -26.71
N ILE C 162 -29.16 28.69 -27.75
CA ILE C 162 -27.71 28.54 -27.82
C ILE C 162 -27.10 29.78 -27.20
N ALA C 163 -26.45 29.59 -26.04
CA ALA C 163 -25.96 30.70 -25.23
C ALA C 163 -25.01 31.59 -26.01
N ARG C 164 -25.28 32.89 -25.97
CA ARG C 164 -24.43 33.88 -26.62
C ARG C 164 -23.46 34.56 -25.65
N THR C 165 -23.81 34.68 -24.38
CA THR C 165 -23.00 35.44 -23.43
C THR C 165 -22.02 34.57 -22.65
N VAL C 166 -22.08 33.25 -22.78
CA VAL C 166 -21.24 32.36 -21.98
C VAL C 166 -20.81 31.17 -22.83
N ARG C 167 -19.58 30.71 -22.61
CA ARG C 167 -19.02 29.54 -23.27
C ARG C 167 -18.75 28.42 -22.27
N ARG C 168 -18.57 27.22 -22.80
CA ARG C 168 -18.22 26.08 -21.97
C ARG C 168 -16.77 26.17 -21.53
N ILE C 169 -16.52 25.82 -20.28
CA ILE C 169 -15.16 25.80 -19.72
C ILE C 169 -14.32 24.83 -20.55
N PRO C 170 -13.23 25.28 -21.15
CA PRO C 170 -12.47 24.43 -22.09
C PRO C 170 -11.79 23.28 -21.36
N PRO C 171 -11.49 22.19 -22.07
CA PRO C 171 -10.81 21.06 -21.43
C PRO C 171 -9.43 21.41 -20.88
N GLY C 172 -8.75 22.38 -21.49
CA GLY C 172 -7.43 22.77 -21.01
C GLY C 172 -7.44 23.35 -19.61
N SER C 173 -8.59 23.76 -19.11
CA SER C 173 -8.74 24.21 -17.73
C SER C 173 -9.30 23.12 -16.82
N ILE C 174 -10.41 22.49 -17.20
CA ILE C 174 -10.99 21.38 -16.45
C ILE C 174 -11.49 20.35 -17.47
N ASP C 175 -11.05 19.11 -17.28
CA ASP C 175 -11.41 18.04 -18.21
C ASP C 175 -12.90 17.72 -18.10
N PRO C 176 -13.70 17.96 -19.14
CA PRO C 176 -15.14 17.71 -19.03
C PRO C 176 -15.50 16.24 -18.91
N THR C 177 -14.61 15.33 -19.30
CA THR C 177 -14.87 13.91 -19.12
C THR C 177 -14.87 13.50 -17.65
N VAL C 178 -14.37 14.35 -16.77
CA VAL C 178 -14.41 14.11 -15.32
C VAL C 178 -15.62 14.86 -14.78
N LYS C 179 -16.67 14.11 -14.42
CA LYS C 179 -17.90 14.70 -13.93
C LYS C 179 -17.66 15.56 -12.70
N ASN C 180 -17.75 16.87 -12.85
CA ASN C 180 -17.46 17.81 -11.78
C ASN C 180 -18.69 18.66 -11.47
N LEU C 181 -18.68 19.27 -10.28
CA LEU C 181 -19.78 20.10 -9.82
C LEU C 181 -19.44 21.59 -9.92
N GLN C 182 -18.40 21.94 -10.67
CA GLN C 182 -18.03 23.33 -10.88
C GLN C 182 -18.88 23.87 -12.03
N TRP C 183 -20.07 24.35 -11.69
CA TRP C 183 -21.08 24.77 -12.67
C TRP C 183 -21.09 26.27 -12.87
N GLY C 184 -19.93 26.92 -12.87
CA GLY C 184 -19.89 28.36 -13.10
C GLY C 184 -20.47 28.74 -14.44
N ASP C 185 -19.95 28.13 -15.51
CA ASP C 185 -20.46 28.40 -16.86
C ASP C 185 -21.89 27.89 -17.03
N LEU C 186 -22.20 26.74 -16.42
CA LEU C 186 -23.52 26.16 -16.59
C LEU C 186 -24.59 26.99 -15.90
N THR C 187 -24.32 27.47 -14.68
CA THR C 187 -25.27 28.33 -14.00
C THR C 187 -25.49 29.62 -14.77
N ARG C 188 -24.42 30.19 -15.34
CA ARG C 188 -24.56 31.36 -16.19
C ARG C 188 -25.44 31.06 -17.40
N GLY C 189 -25.30 29.86 -17.98
CA GLY C 189 -26.16 29.49 -19.10
C GLY C 189 -27.62 29.36 -18.70
N LEU C 190 -27.88 28.81 -17.52
CA LEU C 190 -29.25 28.72 -17.03
C LEU C 190 -29.85 30.10 -16.85
N PHE C 191 -29.10 31.02 -16.26
CA PHE C 191 -29.59 32.39 -16.08
C PHE C 191 -29.88 33.05 -17.43
N GLU C 192 -29.02 32.82 -18.43
CA GLU C 192 -29.25 33.41 -19.74
C GLU C 192 -30.52 32.85 -20.38
N ALA C 193 -30.76 31.54 -20.25
CA ALA C 193 -31.97 30.94 -20.79
C ALA C 193 -33.22 31.53 -20.16
N ALA C 194 -33.19 31.75 -18.84
CA ALA C 194 -34.33 32.37 -18.18
C ALA C 194 -34.56 33.79 -18.67
N ASP C 195 -33.47 34.53 -18.91
CA ASP C 195 -33.61 35.90 -19.41
C ASP C 195 -34.15 35.95 -20.83
N ARG C 196 -33.87 34.92 -21.63
CA ARG C 196 -34.30 34.87 -23.02
C ARG C 196 -35.57 34.07 -23.22
N GLY C 197 -36.33 33.85 -22.15
CA GLY C 197 -37.60 33.14 -22.25
C GLY C 197 -37.47 31.69 -22.64
N ALA C 198 -36.38 31.04 -22.27
CA ALA C 198 -36.16 29.63 -22.56
C ALA C 198 -35.84 28.90 -21.26
N THR C 199 -35.60 27.59 -21.38
CA THR C 199 -35.33 26.76 -20.23
C THR C 199 -34.04 25.95 -20.30
N TYR C 200 -33.43 25.80 -21.48
CA TYR C 200 -32.24 24.97 -21.63
C TYR C 200 -31.18 25.68 -22.45
N PRO C 201 -29.96 25.84 -21.92
CA PRO C 201 -28.90 26.48 -22.69
C PRO C 201 -28.01 25.47 -23.42
N PHE C 202 -27.62 25.80 -24.66
CA PHE C 202 -26.61 25.05 -25.39
C PHE C 202 -25.35 25.89 -25.45
N LEU C 203 -24.27 25.40 -24.85
CA LEU C 203 -23.03 26.16 -24.76
C LEU C 203 -22.07 25.77 -25.88
N THR C 204 -21.40 26.78 -26.43
CA THR C 204 -20.37 26.55 -27.44
C THR C 204 -19.02 26.39 -26.77
N ASP C 205 -18.10 25.71 -27.48
CA ASP C 205 -16.74 25.53 -26.99
C ASP C 205 -15.90 26.80 -27.05
N GLY C 206 -16.46 27.91 -27.52
CA GLY C 206 -15.69 29.10 -27.80
C GLY C 206 -14.99 29.08 -29.15
N ASP C 207 -15.20 28.04 -29.95
CA ASP C 207 -14.59 27.89 -31.27
C ASP C 207 -15.66 27.55 -32.30
N ALA C 208 -16.90 28.02 -32.08
CA ALA C 208 -18.02 27.83 -33.01
C ALA C 208 -18.40 26.36 -33.14
N ASN C 209 -18.33 25.61 -32.04
CA ASN C 209 -18.73 24.21 -32.02
C ASN C 209 -19.71 23.97 -30.89
N LEU C 210 -20.57 22.97 -31.08
CA LEU C 210 -21.54 22.61 -30.06
C LEU C 210 -20.88 21.72 -29.01
N THR C 211 -21.31 21.90 -27.76
CA THR C 211 -20.80 21.06 -26.67
C THR C 211 -21.95 20.38 -25.93
N GLU C 212 -22.41 21.00 -24.85
CA GLU C 212 -23.45 20.43 -24.01
C GLU C 212 -24.11 21.58 -23.25
N GLY C 213 -24.98 21.23 -22.31
CA GLY C 213 -25.71 22.23 -21.55
C GLY C 213 -25.55 22.06 -20.05
N SER C 214 -26.53 22.58 -19.31
CA SER C 214 -26.50 22.56 -17.84
C SER C 214 -26.82 21.15 -17.34
N GLY C 215 -25.86 20.26 -17.48
CA GLY C 215 -26.00 18.91 -16.97
C GLY C 215 -26.59 17.91 -17.93
N PHE C 216 -26.44 18.12 -19.23
CA PHE C 216 -27.00 17.21 -20.23
C PHE C 216 -26.18 17.27 -21.50
N ASN C 217 -26.16 16.16 -22.23
CA ASN C 217 -25.60 16.13 -23.56
C ASN C 217 -26.66 16.54 -24.58
N VAL C 218 -26.20 17.01 -25.74
CA VAL C 218 -27.08 17.44 -26.82
C VAL C 218 -26.85 16.53 -28.02
N LEU C 219 -27.94 16.07 -28.64
CA LEU C 219 -27.86 15.20 -29.80
C LEU C 219 -28.71 15.79 -30.92
N LEU C 220 -28.12 15.98 -32.08
CA LEU C 220 -28.81 16.47 -33.25
C LEU C 220 -29.15 15.31 -34.18
N VAL C 221 -30.28 15.44 -34.88
CA VAL C 221 -30.71 14.48 -35.88
C VAL C 221 -30.84 15.22 -37.20
N LYS C 222 -30.08 14.77 -38.20
CA LYS C 222 -30.06 15.45 -39.50
C LYS C 222 -29.97 14.42 -40.60
N ASP C 223 -30.98 14.41 -41.48
CA ASP C 223 -31.02 13.54 -42.65
C ASP C 223 -30.79 12.08 -42.27
N GLY C 224 -31.52 11.62 -41.26
CA GLY C 224 -31.49 10.24 -40.84
C GLY C 224 -30.28 9.80 -40.05
N VAL C 225 -29.36 10.71 -39.75
CA VAL C 225 -28.14 10.40 -39.01
C VAL C 225 -28.12 11.24 -37.74
N ILE C 226 -27.68 10.65 -36.64
CA ILE C 226 -27.58 11.32 -35.35
C ILE C 226 -26.16 11.86 -35.18
N TYR C 227 -26.05 13.10 -34.73
CA TYR C 227 -24.77 13.74 -34.46
C TYR C 227 -24.73 14.24 -33.03
N THR C 228 -23.58 14.10 -32.38
CA THR C 228 -23.38 14.58 -31.03
C THR C 228 -21.91 14.98 -30.86
N PRO C 229 -21.63 16.04 -30.11
CA PRO C 229 -20.24 16.48 -29.94
C PRO C 229 -19.40 15.41 -29.24
N ASP C 230 -18.15 15.27 -29.70
CA ASP C 230 -17.24 14.28 -29.14
C ASP C 230 -16.38 14.85 -28.00
N ARG C 231 -15.58 15.87 -28.29
CA ARG C 231 -14.67 16.44 -27.32
C ARG C 231 -15.28 17.68 -26.67
N GLY C 232 -14.76 18.02 -25.50
CA GLY C 232 -15.27 19.16 -24.75
C GLY C 232 -16.53 18.87 -23.97
N VAL C 233 -16.96 17.61 -23.94
CA VAL C 233 -18.23 17.22 -23.33
C VAL C 233 -17.96 16.06 -22.38
N LEU C 234 -18.93 15.82 -21.50
CA LEU C 234 -18.91 14.62 -20.69
C LEU C 234 -19.53 13.46 -21.47
N GLN C 235 -18.86 12.31 -21.40
CA GLN C 235 -19.34 11.09 -22.06
C GLN C 235 -20.49 10.55 -21.23
N GLY C 236 -21.70 11.01 -21.54
CA GLY C 236 -22.85 10.65 -20.73
C GLY C 236 -23.26 9.20 -20.91
N VAL C 237 -23.78 8.63 -19.83
CA VAL C 237 -24.30 7.26 -19.89
C VAL C 237 -25.59 7.23 -20.69
N THR C 238 -26.42 8.28 -20.56
CA THR C 238 -27.63 8.36 -21.37
C THR C 238 -27.29 8.53 -22.84
N ARG C 239 -26.22 9.28 -23.14
CA ARG C 239 -25.75 9.37 -24.52
C ARG C 239 -25.25 8.01 -25.00
N LYS C 240 -24.55 7.27 -24.14
CA LYS C 240 -24.11 5.92 -24.50
C LYS C 240 -25.30 5.00 -24.73
N SER C 241 -26.37 5.19 -23.96
CA SER C 241 -27.59 4.41 -24.18
C SER C 241 -28.20 4.74 -25.54
N CYS C 242 -28.13 6.01 -25.95
CA CYS C 242 -28.62 6.39 -27.27
C CYS C 242 -27.86 5.66 -28.37
N ILE C 243 -26.54 5.56 -28.24
CA ILE C 243 -25.73 4.87 -29.24
C ILE C 243 -26.07 3.38 -29.27
N ASP C 244 -26.28 2.78 -28.10
CA ASP C 244 -26.67 1.38 -28.04
C ASP C 244 -28.02 1.15 -28.71
N VAL C 245 -29.00 1.98 -28.40
CA VAL C 245 -30.34 1.82 -28.97
C VAL C 245 -30.31 2.05 -30.47
N ALA C 246 -29.62 3.10 -30.92
CA ALA C 246 -29.61 3.44 -32.34
C ALA C 246 -28.96 2.34 -33.19
N LYS C 247 -27.83 1.80 -32.74
CA LYS C 247 -27.19 0.72 -33.49
C LYS C 247 -28.11 -0.49 -33.59
N SER C 248 -28.87 -0.77 -32.53
CA SER C 248 -29.85 -1.85 -32.59
C SER C 248 -31.00 -1.51 -33.51
N LEU C 249 -31.27 -0.23 -33.72
CA LEU C 249 -32.33 0.24 -34.61
C LEU C 249 -31.83 0.47 -36.03
N GLY C 250 -30.53 0.26 -36.30
CA GLY C 250 -29.97 0.55 -37.59
C GLY C 250 -29.70 2.01 -37.87
N ILE C 251 -29.81 2.87 -36.86
CA ILE C 251 -29.55 4.30 -37.00
C ILE C 251 -28.09 4.57 -36.68
N GLU C 252 -27.45 5.42 -37.47
CA GLU C 252 -26.04 5.72 -37.32
C GLU C 252 -25.85 6.95 -36.44
N VAL C 253 -24.98 6.83 -35.44
CA VAL C 253 -24.63 7.92 -34.55
C VAL C 253 -23.17 8.28 -34.79
N ARG C 254 -22.89 9.58 -34.87
CA ARG C 254 -21.54 10.09 -35.13
C ARG C 254 -21.13 10.98 -33.95
N VAL C 255 -20.28 10.45 -33.08
CA VAL C 255 -19.65 11.26 -32.03
C VAL C 255 -18.46 11.97 -32.65
N GLN C 256 -18.67 13.19 -33.13
CA GLN C 256 -17.67 13.94 -33.86
C GLN C 256 -17.78 15.41 -33.47
N PHE C 257 -16.94 16.24 -34.08
CA PHE C 257 -17.03 17.69 -33.86
C PHE C 257 -18.24 18.24 -34.60
N VAL C 258 -19.09 18.95 -33.86
CA VAL C 258 -20.35 19.45 -34.41
C VAL C 258 -20.30 20.97 -34.50
N PRO C 259 -20.13 21.54 -35.69
CA PRO C 259 -20.25 23.00 -35.83
C PRO C 259 -21.62 23.46 -35.38
N ILE C 260 -21.65 24.63 -34.73
CA ILE C 260 -22.88 25.11 -34.09
C ILE C 260 -23.99 25.32 -35.13
N GLN C 261 -23.63 25.57 -36.39
CA GLN C 261 -24.64 25.77 -37.42
C GLN C 261 -25.51 24.54 -37.62
N MET C 262 -24.97 23.35 -37.32
CA MET C 262 -25.73 22.13 -37.48
C MET C 262 -26.97 22.10 -36.59
N ALA C 263 -26.93 22.80 -35.45
CA ALA C 263 -28.09 22.85 -34.57
C ALA C 263 -29.25 23.60 -35.20
N TYR C 264 -28.96 24.60 -36.03
CA TYR C 264 -30.02 25.37 -36.68
C TYR C 264 -30.55 24.71 -37.94
N ASP C 265 -29.78 23.80 -38.53
CA ASP C 265 -30.19 23.09 -39.74
C ASP C 265 -30.66 21.67 -39.45
N ALA C 266 -30.76 21.29 -38.19
CA ALA C 266 -31.08 19.92 -37.82
C ALA C 266 -32.57 19.64 -38.01
N ASP C 267 -32.89 18.36 -38.23
CA ASP C 267 -34.28 17.95 -38.36
C ASP C 267 -34.93 17.77 -36.99
N GLU C 268 -34.21 17.18 -36.04
CA GLU C 268 -34.70 17.01 -34.67
C GLU C 268 -33.58 17.31 -33.70
N ILE C 269 -33.96 17.69 -32.47
CA ILE C 269 -33.02 17.97 -31.40
C ILE C 269 -33.57 17.38 -30.11
N PHE C 270 -32.72 16.71 -29.35
CA PHE C 270 -33.09 16.20 -28.04
C PHE C 270 -31.87 16.12 -27.14
N MET C 271 -32.09 16.36 -25.84
CA MET C 271 -31.05 16.29 -24.84
C MET C 271 -31.06 14.93 -24.15
N ALA C 272 -29.96 14.60 -23.49
CA ALA C 272 -29.83 13.32 -22.80
C ALA C 272 -29.11 13.49 -21.48
N THR C 273 -29.70 12.96 -20.41
CA THR C 273 -29.08 12.93 -19.09
C THR C 273 -29.85 11.92 -18.24
N THR C 274 -29.20 11.45 -17.19
CA THR C 274 -29.84 10.48 -16.31
C THR C 274 -31.03 11.07 -15.57
N ALA C 275 -31.00 12.37 -15.26
CA ALA C 275 -32.10 12.93 -14.49
C ALA C 275 -33.40 12.96 -15.30
N GLY C 276 -33.33 12.92 -16.62
CA GLY C 276 -34.59 13.01 -17.36
C GLY C 276 -34.73 11.93 -18.40
N GLY C 277 -33.61 11.45 -18.91
CA GLY C 277 -33.63 10.50 -20.00
C GLY C 277 -33.55 11.23 -21.32
N ILE C 278 -34.47 10.90 -22.22
CA ILE C 278 -34.54 11.56 -23.52
C ILE C 278 -35.46 12.76 -23.38
N MET C 279 -34.94 13.93 -23.74
CA MET C 279 -35.63 15.21 -23.55
C MET C 279 -35.66 15.95 -24.88
N PRO C 280 -36.75 15.85 -25.64
CA PRO C 280 -36.78 16.46 -26.98
C PRO C 280 -36.83 17.97 -26.90
N ILE C 281 -36.16 18.62 -27.86
CA ILE C 281 -36.18 20.08 -28.00
C ILE C 281 -36.88 20.41 -29.30
N THR C 282 -37.95 21.19 -29.21
CA THR C 282 -38.74 21.58 -30.37
C THR C 282 -38.68 23.07 -30.68
N THR C 283 -38.11 23.89 -29.80
CA THR C 283 -37.96 25.32 -30.05
C THR C 283 -36.54 25.72 -29.71
N LEU C 284 -35.81 26.25 -30.71
CA LEU C 284 -34.44 26.69 -30.54
C LEU C 284 -34.35 28.15 -30.98
N ASP C 285 -33.88 29.01 -30.08
CA ASP C 285 -33.74 30.44 -30.35
C ASP C 285 -35.06 31.05 -30.81
N ASP C 286 -36.11 30.79 -30.04
CA ASP C 286 -37.45 31.34 -30.29
C ASP C 286 -37.98 30.96 -31.65
N LYS C 287 -37.62 29.76 -32.15
CA LYS C 287 -38.07 29.30 -33.45
C LYS C 287 -38.32 27.79 -33.40
N PRO C 288 -39.44 27.31 -33.95
CA PRO C 288 -39.68 25.86 -34.00
C PRO C 288 -38.66 25.16 -34.88
N ILE C 289 -38.35 23.92 -34.51
CA ILE C 289 -37.36 23.14 -35.26
C ILE C 289 -37.89 22.81 -36.65
N GLN C 290 -38.98 22.05 -36.71
CA GLN C 290 -39.61 21.74 -37.98
C GLN C 290 -41.10 22.02 -37.91
N SER C 291 -41.84 21.13 -37.25
CA SER C 291 -43.26 21.31 -37.01
C SER C 291 -43.56 21.77 -35.59
N GLY C 292 -42.53 21.98 -34.76
CA GLY C 292 -42.72 22.28 -33.37
C GLY C 292 -43.07 21.09 -32.51
N LYS C 293 -43.14 19.90 -33.08
CA LYS C 293 -43.45 18.68 -32.35
C LYS C 293 -42.26 17.73 -32.35
N VAL C 294 -42.31 16.76 -31.43
CA VAL C 294 -41.23 15.79 -31.29
C VAL C 294 -41.08 14.98 -32.57
N GLY C 295 -39.83 14.79 -32.98
CA GLY C 295 -39.53 14.13 -34.23
C GLY C 295 -39.64 12.62 -34.13
N PRO C 296 -39.60 11.96 -35.30
CA PRO C 296 -39.74 10.49 -35.32
C PRO C 296 -38.55 9.75 -34.73
N ILE C 297 -37.35 10.11 -35.15
CA ILE C 297 -36.14 9.46 -34.63
C ILE C 297 -36.01 9.68 -33.14
N THR C 298 -36.36 10.89 -32.67
CA THR C 298 -36.33 11.15 -31.23
C THR C 298 -37.26 10.23 -30.46
N LYS C 299 -38.45 9.96 -31.01
CA LYS C 299 -39.41 9.09 -30.32
C LYS C 299 -38.91 7.65 -30.26
N LYS C 300 -38.32 7.16 -31.35
CA LYS C 300 -37.80 5.81 -31.37
C LYS C 300 -36.66 5.63 -30.37
N ILE C 301 -35.79 6.63 -30.26
CA ILE C 301 -34.73 6.58 -29.26
C ILE C 301 -35.33 6.71 -27.87
N TRP C 302 -36.38 7.54 -27.74
CA TRP C 302 -37.10 7.66 -26.48
C TRP C 302 -37.66 6.31 -26.03
N ASP C 303 -38.36 5.63 -26.94
CA ASP C 303 -38.94 4.32 -26.60
C ASP C 303 -37.86 3.31 -26.29
N GLY C 304 -36.81 3.26 -27.12
CA GLY C 304 -35.74 2.28 -26.90
C GLY C 304 -34.98 2.53 -25.61
N TYR C 305 -34.78 3.80 -25.25
CA TYR C 305 -34.06 4.13 -24.02
C TYR C 305 -34.80 3.59 -22.80
N TRP C 306 -36.10 3.91 -22.70
CA TRP C 306 -36.88 3.39 -21.57
C TRP C 306 -37.22 1.91 -21.71
N ALA C 307 -37.04 1.33 -22.89
CA ALA C 307 -37.25 -0.11 -23.05
C ALA C 307 -36.14 -0.90 -22.37
N ILE C 308 -34.88 -0.52 -22.62
CA ILE C 308 -33.76 -1.23 -22.01
C ILE C 308 -33.66 -0.97 -20.50
N HIS C 309 -34.49 -0.07 -19.96
CA HIS C 309 -34.56 0.10 -18.52
C HIS C 309 -35.10 -1.14 -17.82
N TYR C 310 -35.78 -2.02 -18.55
CA TYR C 310 -36.29 -3.28 -18.03
C TYR C 310 -35.52 -4.47 -18.57
N ASP C 311 -34.40 -4.23 -19.25
CA ASP C 311 -33.56 -5.29 -19.79
C ASP C 311 -32.57 -5.73 -18.71
N ASP C 312 -32.50 -7.04 -18.47
CA ASP C 312 -31.58 -7.57 -17.46
C ASP C 312 -30.12 -7.29 -17.81
N ALA C 313 -29.82 -7.05 -19.09
CA ALA C 313 -28.46 -6.72 -19.49
C ALA C 313 -28.06 -5.31 -19.07
N TYR C 314 -29.04 -4.42 -18.88
CA TYR C 314 -28.77 -3.03 -18.53
C TYR C 314 -29.25 -2.66 -17.14
N SER C 315 -29.91 -3.57 -16.43
CA SER C 315 -30.52 -3.24 -15.14
C SER C 315 -30.66 -4.51 -14.32
N PHE C 316 -30.93 -4.33 -13.04
CA PHE C 316 -31.21 -5.43 -12.13
C PHE C 316 -32.24 -4.98 -11.10
N GLU C 317 -33.03 -5.94 -10.62
CA GLU C 317 -34.16 -5.65 -9.76
C GLU C 317 -33.72 -5.50 -8.31
N ILE C 318 -34.29 -4.53 -7.61
CA ILE C 318 -34.02 -4.26 -6.21
C ILE C 318 -35.08 -4.92 -5.35
N GLN C 319 -34.67 -5.55 -4.26
CA GLN C 319 -35.59 -6.22 -3.35
C GLN C 319 -35.93 -5.28 -2.21
N TYR C 320 -37.22 -5.16 -1.91
CA TYR C 320 -37.70 -4.33 -0.82
C TYR C 320 -38.28 -5.19 0.29
N GLY C 321 -38.60 -4.55 1.41
CA GLY C 321 -39.17 -5.23 2.54
C GLY C 321 -40.66 -5.49 2.39
N ALA D 2 -12.52 -6.98 38.80
CA ALA D 2 -13.39 -6.77 39.94
C ALA D 2 -14.78 -6.31 39.49
N THR D 3 -14.94 -5.00 39.38
CA THR D 3 -16.16 -4.39 38.87
C THR D 3 -15.84 -3.68 37.56
N MET D 4 -16.63 -3.97 36.53
CA MET D 4 -16.37 -3.41 35.20
C MET D 4 -16.42 -1.88 35.24
N ASP D 5 -17.49 -1.32 35.82
CA ASP D 5 -17.62 0.12 35.88
C ASP D 5 -16.49 0.74 36.69
N GLU D 6 -16.10 0.09 37.81
CA GLU D 6 -15.02 0.59 38.65
C GLU D 6 -13.70 0.65 37.88
N ILE D 7 -13.34 -0.45 37.21
CA ILE D 7 -12.06 -0.51 36.51
C ILE D 7 -12.01 0.52 35.40
N PHE D 8 -13.09 0.66 34.63
CA PHE D 8 -13.09 1.62 33.53
C PHE D 8 -13.06 3.06 34.06
N ALA D 9 -13.77 3.33 35.16
CA ALA D 9 -13.77 4.67 35.73
C ALA D 9 -12.37 5.06 36.20
N ALA D 10 -11.70 4.17 36.92
CA ALA D 10 -10.34 4.45 37.37
C ALA D 10 -9.39 4.63 36.20
N TYR D 11 -9.58 3.85 35.12
CA TYR D 11 -8.74 3.99 33.95
C TYR D 11 -8.93 5.36 33.28
N GLU D 12 -10.18 5.75 33.05
CA GLU D 12 -10.45 7.01 32.38
C GLU D 12 -9.99 8.21 33.22
N LYS D 13 -10.00 8.07 34.55
CA LYS D 13 -9.45 9.13 35.39
C LYS D 13 -7.94 9.26 35.18
N ARG D 14 -7.23 8.13 35.18
CA ARG D 14 -5.80 8.16 34.91
C ARG D 14 -5.53 8.66 33.50
N GLN D 15 -6.39 8.29 32.54
CA GLN D 15 -6.22 8.75 31.16
C GLN D 15 -6.46 10.25 31.03
N ALA D 16 -7.37 10.80 31.83
CA ALA D 16 -7.57 12.25 31.83
C ALA D 16 -6.31 12.98 32.28
N VAL D 17 -5.61 12.44 33.28
CA VAL D 17 -4.36 13.04 33.72
C VAL D 17 -3.32 12.99 32.60
N LEU D 18 -3.26 11.87 31.88
CA LEU D 18 -2.27 11.71 30.82
C LEU D 18 -2.57 12.60 29.61
N GLU D 19 -3.85 12.82 29.31
CA GLU D 19 -4.20 13.55 28.10
C GLU D 19 -3.86 15.04 28.16
N GLU D 20 -3.72 15.60 29.37
CA GLU D 20 -3.33 16.99 29.53
C GLU D 20 -1.95 17.15 30.14
N SER D 21 -1.05 16.21 29.86
CA SER D 21 0.30 16.26 30.40
C SER D 21 1.21 17.04 29.46
N SER D 22 2.25 17.64 30.04
CA SER D 22 3.22 18.42 29.27
C SER D 22 4.39 17.59 28.77
N ASN D 23 4.64 16.43 29.38
CA ASN D 23 5.71 15.56 28.96
C ASN D 23 5.50 15.16 27.49
N PRO D 24 6.46 15.46 26.60
CA PRO D 24 6.29 15.03 25.20
C PRO D 24 6.35 13.53 25.02
N LEU D 25 6.93 12.81 25.97
CA LEU D 25 6.99 11.35 25.90
C LEU D 25 5.72 10.67 26.38
N SER D 26 4.78 11.42 26.98
CA SER D 26 3.54 10.81 27.44
C SER D 26 2.70 10.27 26.30
N LYS D 27 2.94 10.72 25.08
CA LYS D 27 2.26 10.16 23.92
C LYS D 27 2.91 8.87 23.45
N GLY D 28 4.14 8.61 23.86
CA GLY D 28 4.86 7.40 23.51
C GLY D 28 6.35 7.67 23.44
N ILE D 29 7.12 6.61 23.67
CA ILE D 29 8.58 6.67 23.64
C ILE D 29 9.10 5.37 23.06
N ALA D 30 10.18 5.46 22.29
CA ALA D 30 10.72 4.30 21.58
C ALA D 30 12.22 4.19 21.82
N TRP D 31 12.71 2.95 21.77
CA TRP D 31 14.13 2.64 21.94
C TRP D 31 14.65 2.12 20.60
N VAL D 32 15.53 2.89 19.97
CA VAL D 32 16.10 2.55 18.68
C VAL D 32 17.62 2.62 18.79
N PHE D 33 18.28 1.47 18.72
CA PHE D 33 19.75 1.39 18.70
C PHE D 33 20.36 2.17 19.85
N GLY D 34 19.79 2.03 21.04
CA GLY D 34 20.33 2.65 22.24
C GLY D 34 19.83 4.06 22.50
N GLU D 35 19.07 4.66 21.58
CA GLU D 35 18.57 6.01 21.74
C GLU D 35 17.10 6.00 22.12
N LEU D 36 16.71 6.89 23.02
CA LEU D 36 15.33 7.08 23.41
C LEU D 36 14.76 8.29 22.66
N VAL D 37 13.65 8.08 21.97
CA VAL D 37 13.05 9.13 21.15
C VAL D 37 11.54 9.11 21.32
N PRO D 38 10.90 10.26 21.10
CA PRO D 38 9.43 10.29 21.05
C PRO D 38 8.90 9.35 19.98
N LEU D 39 7.80 8.67 20.32
CA LEU D 39 7.27 7.62 19.46
C LEU D 39 6.96 8.11 18.05
N ALA D 40 6.48 9.35 17.92
CA ALA D 40 6.12 9.87 16.60
C ALA D 40 7.32 10.04 15.68
N GLU D 41 8.49 10.37 16.23
CA GLU D 41 9.69 10.57 15.41
C GLU D 41 10.66 9.39 15.47
N ALA D 42 10.15 8.19 15.69
CA ALA D 42 11.00 7.00 15.74
C ALA D 42 11.15 6.43 14.35
N ARG D 43 12.40 6.26 13.91
CA ARG D 43 12.71 5.82 12.55
C ARG D 43 13.65 4.63 12.59
N ILE D 44 13.38 3.66 11.70
CA ILE D 44 14.21 2.47 11.56
C ILE D 44 14.86 2.49 10.19
N PRO D 45 15.98 1.81 9.98
CA PRO D 45 16.58 1.76 8.64
C PRO D 45 15.64 1.08 7.65
N LEU D 46 15.52 1.69 6.46
CA LEU D 46 14.68 1.12 5.42
C LEU D 46 15.17 -0.27 5.00
N MET D 47 16.48 -0.49 5.01
CA MET D 47 17.06 -1.75 4.56
C MET D 47 17.00 -2.83 5.63
N ASP D 48 16.39 -2.56 6.78
CA ASP D 48 16.25 -3.56 7.83
C ASP D 48 15.41 -4.73 7.33
N GLN D 49 15.95 -5.95 7.45
CA GLN D 49 15.25 -7.13 6.97
C GLN D 49 13.96 -7.40 7.72
N GLY D 50 13.68 -6.68 8.80
CA GLY D 50 12.37 -6.75 9.41
C GLY D 50 11.31 -6.00 8.63
N PHE D 51 11.72 -5.03 7.83
CA PHE D 51 10.88 -4.35 6.86
C PHE D 51 11.00 -4.96 5.47
N MET D 52 12.22 -5.34 5.07
CA MET D 52 12.45 -5.88 3.74
C MET D 52 11.67 -7.18 3.53
N HIS D 53 11.81 -8.15 4.43
CA HIS D 53 11.08 -9.40 4.30
C HIS D 53 10.31 -9.80 5.55
N SER D 54 10.04 -8.85 6.44
CA SER D 54 9.31 -9.11 7.69
C SER D 54 9.80 -10.38 8.38
N ASP D 55 11.12 -10.50 8.46
CA ASP D 55 11.77 -11.68 9.04
C ASP D 55 12.09 -11.35 10.49
N LEU D 56 11.08 -11.48 11.34
CA LEU D 56 11.18 -10.99 12.71
C LEU D 56 10.17 -11.72 13.59
N THR D 57 10.24 -11.42 14.89
CA THR D 57 9.21 -11.75 15.86
C THR D 57 8.91 -10.50 16.68
N TYR D 58 7.80 -10.56 17.41
CA TYR D 58 7.42 -9.47 18.29
C TYR D 58 6.62 -10.05 19.44
N ASP D 59 6.38 -9.21 20.45
CA ASP D 59 5.55 -9.61 21.57
C ASP D 59 5.10 -8.36 22.31
N VAL D 60 3.96 -8.46 22.98
CA VAL D 60 3.32 -7.29 23.57
C VAL D 60 3.02 -7.53 25.05
N PRO D 61 3.85 -7.02 25.95
CA PRO D 61 3.46 -6.96 27.36
C PRO D 61 2.56 -5.75 27.60
N SER D 62 2.06 -5.66 28.83
CA SER D 62 1.13 -4.60 29.18
C SER D 62 1.48 -4.03 30.54
N VAL D 63 1.12 -2.77 30.75
CA VAL D 63 1.23 -2.12 32.04
C VAL D 63 -0.14 -1.53 32.36
N TRP D 64 -0.72 -1.96 33.49
CA TRP D 64 -2.02 -1.47 33.93
C TRP D 64 -1.87 -0.83 35.29
N ASP D 65 -2.41 0.38 35.44
CA ASP D 65 -2.35 1.15 36.69
C ASP D 65 -0.93 1.16 37.26
N GLY D 66 0.06 1.29 36.39
CA GLY D 66 1.45 1.29 36.80
C GLY D 66 2.02 -0.05 37.16
N ARG D 67 1.45 -1.15 36.67
CA ARG D 67 1.93 -2.49 37.00
C ARG D 67 2.14 -3.30 35.73
N PHE D 68 3.37 -3.75 35.50
CA PHE D 68 3.66 -4.65 34.40
C PHE D 68 2.95 -5.99 34.64
N PHE D 69 2.20 -6.45 33.65
CA PHE D 69 1.38 -7.64 33.78
C PHE D 69 2.05 -8.80 33.05
N ARG D 70 2.53 -9.79 33.82
CA ARG D 70 3.12 -11.01 33.29
C ARG D 70 4.23 -10.71 32.28
N LEU D 71 5.21 -9.91 32.72
CA LEU D 71 6.32 -9.56 31.83
C LEU D 71 7.23 -10.75 31.57
N ASP D 72 7.52 -11.54 32.61
CA ASP D 72 8.37 -12.71 32.43
C ASP D 72 7.78 -13.69 31.41
N ASP D 73 6.47 -13.90 31.46
CA ASP D 73 5.83 -14.81 30.51
C ASP D 73 5.98 -14.31 29.08
N HIS D 74 5.83 -13.00 28.87
CA HIS D 74 5.95 -12.45 27.53
C HIS D 74 7.39 -12.49 27.03
N ILE D 75 8.36 -12.15 27.90
CA ILE D 75 9.76 -12.17 27.50
C ILE D 75 10.20 -13.59 27.19
N ALA D 76 9.70 -14.57 27.94
CA ALA D 76 10.03 -15.97 27.66
C ALA D 76 9.49 -16.40 26.31
N ARG D 77 8.26 -15.99 25.98
CA ARG D 77 7.68 -16.33 24.68
C ARG D 77 8.45 -15.66 23.54
N LEU D 78 8.92 -14.44 23.76
CA LEU D 78 9.72 -13.76 22.74
C LEU D 78 11.01 -14.53 22.47
N GLU D 79 11.67 -15.02 23.52
CA GLU D 79 12.89 -15.80 23.33
C GLU D 79 12.60 -17.13 22.64
N ALA D 80 11.49 -17.77 23.01
CA ALA D 80 11.11 -19.02 22.34
C ALA D 80 10.82 -18.80 20.86
N SER D 81 10.12 -17.71 20.54
CA SER D 81 9.85 -17.38 19.15
C SER D 81 11.13 -17.09 18.39
N CYS D 82 12.06 -16.36 19.01
CA CYS D 82 13.35 -16.10 18.37
C CYS D 82 14.10 -17.40 18.10
N ALA D 83 14.11 -18.31 19.07
CA ALA D 83 14.80 -19.59 18.90
C ALA D 83 14.21 -20.40 17.75
N LYS D 84 12.87 -20.35 17.59
CA LYS D 84 12.24 -21.18 16.56
C LYS D 84 12.62 -20.72 15.15
N MET D 85 12.75 -19.41 14.94
CA MET D 85 13.16 -18.88 13.64
C MET D 85 14.64 -18.49 13.61
N ARG D 86 15.44 -19.11 14.48
CA ARG D 86 16.90 -18.95 14.49
C ARG D 86 17.34 -17.51 14.77
N LEU D 87 16.61 -16.83 15.65
CA LEU D 87 16.99 -15.50 16.09
C LEU D 87 17.37 -15.55 17.57
N GLN D 88 18.16 -14.56 17.99
CA GLN D 88 18.58 -14.43 19.38
C GLN D 88 18.29 -13.02 19.87
N LEU D 89 17.82 -12.92 21.11
CA LEU D 89 17.58 -11.63 21.73
C LEU D 89 18.90 -10.87 21.87
N PRO D 90 19.06 -9.74 21.18
CA PRO D 90 20.39 -9.09 21.10
C PRO D 90 20.90 -8.53 22.42
N LEU D 91 20.12 -8.55 23.50
CA LEU D 91 20.55 -8.02 24.78
C LEU D 91 20.14 -8.97 25.90
N PRO D 92 20.85 -8.94 27.03
CA PRO D 92 20.48 -9.82 28.15
C PRO D 92 19.06 -9.57 28.63
N ARG D 93 18.42 -10.66 29.07
CA ARG D 93 17.00 -10.61 29.42
C ARG D 93 16.70 -9.56 30.50
N GLU D 94 17.57 -9.45 31.51
CA GLU D 94 17.33 -8.47 32.56
C GLU D 94 17.55 -7.04 32.10
N GLU D 95 18.50 -6.79 31.21
CA GLU D 95 18.68 -5.44 30.70
C GLU D 95 17.46 -5.02 29.88
N VAL D 96 16.90 -5.95 29.10
CA VAL D 96 15.68 -5.66 28.36
C VAL D 96 14.56 -5.28 29.32
N LYS D 97 14.43 -6.01 30.43
CA LYS D 97 13.45 -5.64 31.45
C LYS D 97 13.75 -4.26 32.03
N GLN D 98 15.03 -3.97 32.27
CA GLN D 98 15.40 -2.72 32.93
C GLN D 98 15.07 -1.50 32.08
N ILE D 99 15.33 -1.57 30.78
CA ILE D 99 14.99 -0.45 29.91
C ILE D 99 13.48 -0.30 29.76
N LEU D 100 12.73 -1.40 29.77
CA LEU D 100 11.28 -1.30 29.63
C LEU D 100 10.65 -0.57 30.81
N VAL D 101 11.06 -0.89 32.03
CA VAL D 101 10.56 -0.16 33.20
C VAL D 101 11.00 1.29 33.15
N ASP D 102 12.23 1.54 32.69
CA ASP D 102 12.72 2.90 32.58
C ASP D 102 11.94 3.69 31.54
N MET D 103 11.63 3.06 30.41
CA MET D 103 10.85 3.74 29.37
C MET D 103 9.45 4.10 29.85
N VAL D 104 8.78 3.15 30.52
CA VAL D 104 7.45 3.41 31.05
C VAL D 104 7.50 4.52 32.09
N ALA D 105 8.51 4.50 32.96
CA ALA D 105 8.64 5.53 33.98
C ALA D 105 8.85 6.91 33.36
N LYS D 106 9.72 6.99 32.35
CA LYS D 106 9.97 8.27 31.69
C LYS D 106 8.72 8.77 30.95
N SER D 107 7.93 7.86 30.40
CA SER D 107 6.74 8.26 29.65
C SER D 107 5.60 8.72 30.55
N GLU D 108 5.67 8.43 31.85
CA GLU D 108 4.62 8.73 32.83
C GLU D 108 3.31 8.02 32.53
N ILE D 109 3.29 7.11 31.56
CA ILE D 109 2.08 6.41 31.18
C ILE D 109 1.76 5.35 32.22
N LYS D 110 0.53 5.35 32.71
CA LYS D 110 0.10 4.36 33.69
C LYS D 110 -0.54 3.15 33.05
N ASP D 111 -1.20 3.31 31.91
CA ASP D 111 -1.82 2.23 31.15
C ASP D 111 -1.16 2.20 29.77
N ALA D 112 -0.25 1.26 29.56
CA ALA D 112 0.67 1.32 28.43
C ALA D 112 0.61 0.06 27.58
N PHE D 113 0.77 0.26 26.27
CA PHE D 113 0.96 -0.81 25.30
C PHE D 113 2.44 -0.90 24.98
N VAL D 114 3.06 -2.02 25.30
CA VAL D 114 4.50 -2.21 25.13
C VAL D 114 4.73 -3.27 24.07
N GLU D 115 5.61 -2.98 23.12
CA GLU D 115 5.93 -3.90 22.04
C GLU D 115 7.44 -4.03 21.89
N LEU D 116 7.92 -5.26 21.74
CA LEU D 116 9.31 -5.56 21.46
C LEU D 116 9.41 -6.25 20.11
N ILE D 117 10.38 -5.85 19.30
CA ILE D 117 10.56 -6.40 17.96
C ILE D 117 12.02 -6.83 17.80
N VAL D 118 12.22 -8.07 17.40
CA VAL D 118 13.55 -8.62 17.13
C VAL D 118 13.60 -9.02 15.66
N THR D 119 14.40 -8.31 14.87
CA THR D 119 14.49 -8.52 13.44
C THR D 119 15.82 -9.16 13.07
N ARG D 120 15.87 -9.69 11.85
CA ARG D 120 17.04 -10.44 11.38
C ARG D 120 18.28 -9.56 11.31
N GLY D 121 18.12 -8.26 11.08
CA GLY D 121 19.26 -7.39 10.94
C GLY D 121 19.34 -6.75 9.56
N LEU D 122 20.52 -6.25 9.19
CA LEU D 122 20.66 -5.60 7.89
C LEU D 122 20.89 -6.59 6.76
N LYS D 123 21.43 -7.77 7.06
CA LYS D 123 21.72 -8.78 6.05
C LYS D 123 20.64 -9.85 6.07
N GLY D 124 20.17 -10.23 4.88
CA GLY D 124 19.11 -11.21 4.75
C GLY D 124 19.60 -12.63 4.78
N VAL D 125 18.65 -13.56 4.64
CA VAL D 125 18.96 -14.98 4.71
C VAL D 125 19.24 -15.58 3.34
N ARG D 126 18.82 -14.92 2.25
CA ARG D 126 18.93 -15.50 0.92
C ARG D 126 20.39 -15.75 0.54
N GLY D 127 21.17 -14.67 0.43
CA GLY D 127 22.60 -14.77 0.12
C GLY D 127 23.44 -14.66 1.38
N HIS D 128 23.38 -15.68 2.25
CA HIS D 128 24.10 -15.66 3.50
C HIS D 128 24.83 -16.99 3.68
N THR D 129 26.09 -16.94 4.07
CA THR D 129 26.86 -18.16 4.30
C THR D 129 26.24 -18.93 5.46
N PRO D 130 25.83 -20.19 5.25
CA PRO D 130 25.13 -20.94 6.31
C PRO D 130 25.92 -21.13 7.59
N GLY D 131 27.20 -20.72 7.62
CA GLY D 131 28.05 -20.95 8.77
C GLY D 131 28.16 -19.76 9.70
N GLU D 132 27.76 -18.59 9.24
CA GLU D 132 27.84 -17.35 9.99
C GLU D 132 26.51 -17.00 10.63
N THR D 133 26.57 -16.24 11.72
CA THR D 133 25.39 -15.76 12.41
C THR D 133 25.09 -14.31 12.01
N PHE D 134 23.89 -13.86 12.35
CA PHE D 134 23.41 -12.54 12.00
C PHE D 134 23.56 -11.56 13.16
N LYS D 135 23.66 -10.28 12.81
CA LYS D 135 23.64 -9.20 13.79
C LYS D 135 22.21 -8.69 13.87
N ASN D 136 21.39 -9.40 14.64
CA ASN D 136 19.97 -9.09 14.76
C ASN D 136 19.77 -7.74 15.44
N HIS D 137 18.64 -7.11 15.14
CA HIS D 137 18.30 -5.80 15.65
C HIS D 137 17.15 -5.91 16.65
N LEU D 138 17.11 -4.95 17.57
CA LEU D 138 16.07 -4.90 18.60
C LEU D 138 15.41 -3.53 18.58
N TYR D 139 14.08 -3.53 18.50
CA TYR D 139 13.29 -2.31 18.60
C TYR D 139 12.19 -2.52 19.64
N MET D 140 11.97 -1.50 20.47
CA MET D 140 10.95 -1.57 21.50
C MET D 140 10.38 -0.18 21.73
N PHE D 141 9.10 -0.13 22.11
CA PHE D 141 8.45 1.13 22.41
C PHE D 141 7.26 0.89 23.32
N VAL D 142 6.92 1.91 24.10
CA VAL D 142 5.74 1.91 24.95
C VAL D 142 4.79 2.98 24.44
N GLN D 143 3.50 2.69 24.51
CA GLN D 143 2.46 3.51 23.89
C GLN D 143 1.22 3.43 24.77
N PRO D 144 0.39 4.48 24.79
CA PRO D 144 -0.85 4.42 25.57
C PRO D 144 -1.65 3.17 25.24
N TYR D 145 -2.32 2.64 26.28
CA TYR D 145 -3.01 1.36 26.17
C TYR D 145 -3.96 1.34 24.99
N VAL D 146 -3.81 0.32 24.14
CA VAL D 146 -4.60 0.16 22.94
C VAL D 146 -5.79 -0.74 23.25
N TRP D 147 -6.97 -0.36 22.75
CA TRP D 147 -8.20 -1.11 22.97
C TRP D 147 -8.65 -1.70 21.63
N VAL D 148 -8.54 -3.03 21.49
CA VAL D 148 -9.19 -3.68 20.36
C VAL D 148 -10.70 -3.59 20.51
N MET D 149 -11.19 -3.47 21.75
CA MET D 149 -12.59 -3.22 22.04
C MET D 149 -12.68 -2.12 23.08
N ASP D 150 -13.34 -1.03 22.73
CA ASP D 150 -13.48 0.10 23.64
C ASP D 150 -14.26 -0.33 24.89
N PRO D 151 -14.00 0.30 26.03
CA PRO D 151 -14.69 -0.09 27.27
C PRO D 151 -16.21 -0.07 27.16
N ASP D 152 -16.77 0.95 26.51
CA ASP D 152 -18.23 1.03 26.37
C ASP D 152 -18.78 -0.17 25.59
N ILE D 153 -18.03 -0.64 24.60
CA ILE D 153 -18.48 -1.78 23.81
C ILE D 153 -18.33 -3.08 24.59
N GLN D 154 -17.31 -3.18 25.46
CA GLN D 154 -17.13 -4.39 26.25
C GLN D 154 -18.31 -4.64 27.18
N LYS D 155 -18.99 -3.57 27.62
CA LYS D 155 -20.17 -3.76 28.47
C LYS D 155 -21.26 -4.52 27.73
N THR D 156 -21.40 -4.28 26.43
CA THR D 156 -22.46 -4.88 25.64
C THR D 156 -21.97 -5.92 24.64
N GLY D 157 -20.67 -6.01 24.40
CA GLY D 157 -20.13 -6.96 23.45
C GLY D 157 -20.12 -6.42 22.03
N GLY D 158 -19.28 -7.05 21.20
CA GLY D 158 -19.07 -6.64 19.83
C GLY D 158 -19.65 -7.62 18.82
N LYS D 159 -19.45 -7.29 17.55
CA LYS D 159 -19.94 -8.07 16.43
C LYS D 159 -18.80 -8.83 15.77
N ALA D 160 -19.01 -10.12 15.56
CA ALA D 160 -18.00 -10.98 14.94
C ALA D 160 -18.62 -11.75 13.79
N ILE D 161 -17.79 -12.13 12.83
CA ILE D 161 -18.20 -12.97 11.71
C ILE D 161 -17.22 -14.13 11.57
N ILE D 162 -17.71 -15.23 11.01
CA ILE D 162 -16.85 -16.34 10.62
C ILE D 162 -16.40 -16.06 9.19
N ALA D 163 -15.12 -15.74 9.04
CA ALA D 163 -14.59 -15.29 7.76
C ALA D 163 -14.82 -16.32 6.66
N ARG D 164 -15.40 -15.88 5.55
CA ARG D 164 -15.62 -16.73 4.38
C ARG D 164 -14.58 -16.53 3.29
N THR D 165 -13.97 -15.35 3.20
CA THR D 165 -13.08 -15.02 2.10
C THR D 165 -11.62 -15.35 2.37
N VAL D 166 -11.27 -15.71 3.61
CA VAL D 166 -9.88 -15.93 3.95
C VAL D 166 -9.79 -17.07 4.97
N ARG D 167 -8.71 -17.84 4.88
CA ARG D 167 -8.39 -18.90 5.82
C ARG D 167 -7.15 -18.52 6.61
N ARG D 168 -6.95 -19.18 7.73
CA ARG D 168 -5.76 -18.94 8.54
C ARG D 168 -4.54 -19.58 7.87
N ILE D 169 -3.42 -18.87 7.92
CA ILE D 169 -2.17 -19.40 7.38
C ILE D 169 -1.83 -20.68 8.12
N PRO D 170 -1.69 -21.80 7.43
CA PRO D 170 -1.50 -23.09 8.12
C PRO D 170 -0.14 -23.13 8.80
N PRO D 171 0.01 -23.95 9.84
CA PRO D 171 1.31 -24.06 10.51
C PRO D 171 2.42 -24.55 9.61
N GLY D 172 2.10 -25.37 8.60
CA GLY D 172 3.11 -25.84 7.67
C GLY D 172 3.75 -24.75 6.84
N SER D 173 3.11 -23.58 6.77
CA SER D 173 3.68 -22.41 6.11
C SER D 173 4.33 -21.45 7.10
N ILE D 174 3.60 -21.06 8.14
CA ILE D 174 4.10 -20.18 9.19
C ILE D 174 3.58 -20.70 10.51
N ASP D 175 4.49 -20.98 11.44
CA ASP D 175 4.10 -21.51 12.74
C ASP D 175 3.37 -20.43 13.53
N PRO D 176 2.07 -20.58 13.81
CA PRO D 176 1.35 -19.51 14.51
C PRO D 176 1.81 -19.31 15.93
N THR D 177 2.47 -20.30 16.54
CA THR D 177 3.02 -20.13 17.87
C THR D 177 4.19 -19.15 17.89
N VAL D 178 4.73 -18.80 16.72
CA VAL D 178 5.78 -17.80 16.60
C VAL D 178 5.07 -16.50 16.27
N LYS D 179 4.99 -15.61 17.27
CA LYS D 179 4.29 -14.34 17.09
C LYS D 179 4.95 -13.53 15.99
N ASN D 180 4.28 -13.42 14.83
CA ASN D 180 4.81 -12.76 13.66
C ASN D 180 3.90 -11.62 13.25
N LEU D 181 4.45 -10.70 12.46
CA LEU D 181 3.73 -9.55 11.96
C LEU D 181 3.30 -9.70 10.51
N GLN D 182 3.35 -10.92 9.97
CA GLN D 182 2.91 -11.18 8.61
C GLN D 182 1.39 -11.39 8.64
N TRP D 183 0.65 -10.29 8.56
CA TRP D 183 -0.79 -10.26 8.75
C TRP D 183 -1.56 -10.24 7.44
N GLY D 184 -1.07 -10.98 6.43
CA GLY D 184 -1.78 -11.02 5.16
C GLY D 184 -3.21 -11.53 5.30
N ASP D 185 -3.37 -12.71 5.90
CA ASP D 185 -4.70 -13.27 6.10
C ASP D 185 -5.51 -12.45 7.10
N LEU D 186 -4.86 -11.94 8.14
CA LEU D 186 -5.57 -11.20 9.18
C LEU D 186 -6.10 -9.86 8.64
N THR D 187 -5.28 -9.15 7.87
CA THR D 187 -5.75 -7.90 7.27
C THR D 187 -6.91 -8.17 6.31
N ARG D 188 -6.84 -9.26 5.56
CA ARG D 188 -7.96 -9.66 4.71
C ARG D 188 -9.20 -9.94 5.55
N GLY D 189 -9.02 -10.56 6.71
CA GLY D 189 -10.16 -10.80 7.60
C GLY D 189 -10.76 -9.53 8.14
N LEU D 190 -9.92 -8.55 8.48
CA LEU D 190 -10.43 -7.26 8.92
C LEU D 190 -11.25 -6.57 7.84
N PHE D 191 -10.76 -6.61 6.60
CA PHE D 191 -11.50 -6.02 5.49
C PHE D 191 -12.84 -6.71 5.29
N GLU D 192 -12.87 -8.04 5.38
CA GLU D 192 -14.13 -8.77 5.22
C GLU D 192 -15.12 -8.44 6.34
N ALA D 193 -14.63 -8.35 7.57
CA ALA D 193 -15.50 -7.99 8.68
C ALA D 193 -16.10 -6.60 8.48
N ALA D 194 -15.29 -5.65 8.00
CA ALA D 194 -15.81 -4.32 7.71
C ALA D 194 -16.84 -4.36 6.58
N ASP D 195 -16.60 -5.19 5.57
CA ASP D 195 -17.55 -5.28 4.45
C ASP D 195 -18.85 -5.92 4.88
N ARG D 196 -18.83 -6.80 5.89
CA ARG D 196 -20.02 -7.51 6.33
C ARG D 196 -20.67 -6.88 7.55
N GLY D 197 -20.37 -5.61 7.82
CA GLY D 197 -20.99 -4.91 8.93
C GLY D 197 -20.61 -5.43 10.29
N ALA D 198 -19.40 -5.96 10.43
CA ALA D 198 -18.91 -6.48 11.70
C ALA D 198 -17.58 -5.80 12.05
N THR D 199 -17.00 -6.21 13.18
CA THR D 199 -15.78 -5.60 13.68
C THR D 199 -14.66 -6.61 13.93
N TYR D 200 -14.97 -7.91 14.04
CA TYR D 200 -13.98 -8.91 14.40
C TYR D 200 -14.12 -10.13 13.50
N PRO D 201 -13.07 -10.55 12.82
CA PRO D 201 -13.14 -11.76 11.99
C PRO D 201 -12.65 -12.98 12.74
N PHE D 202 -13.37 -14.09 12.55
CA PHE D 202 -12.95 -15.41 13.02
C PHE D 202 -12.54 -16.22 11.80
N LEU D 203 -11.27 -16.61 11.74
CA LEU D 203 -10.74 -17.33 10.58
C LEU D 203 -10.76 -18.83 10.82
N THR D 204 -11.09 -19.58 9.77
CA THR D 204 -11.05 -21.03 9.82
C THR D 204 -9.67 -21.54 9.40
N ASP D 205 -9.33 -22.74 9.87
CA ASP D 205 -8.06 -23.37 9.51
C ASP D 205 -8.04 -23.90 8.08
N GLY D 206 -9.12 -23.75 7.32
CA GLY D 206 -9.24 -24.40 6.03
C GLY D 206 -9.69 -25.84 6.11
N ASP D 207 -9.98 -26.35 7.30
CA ASP D 207 -10.42 -27.73 7.51
C ASP D 207 -11.68 -27.77 8.37
N ALA D 208 -12.50 -26.70 8.29
CA ALA D 208 -13.77 -26.61 9.01
C ALA D 208 -13.56 -26.57 10.53
N ASN D 209 -12.48 -25.92 10.96
CA ASN D 209 -12.17 -25.76 12.37
C ASN D 209 -11.91 -24.29 12.68
N LEU D 210 -12.19 -23.90 13.92
CA LEU D 210 -11.94 -22.53 14.35
C LEU D 210 -10.48 -22.40 14.78
N THR D 211 -9.92 -21.21 14.60
CA THR D 211 -8.50 -20.92 14.97
C THR D 211 -8.42 -19.65 15.83
N GLU D 212 -8.33 -18.49 15.19
CA GLU D 212 -8.20 -17.19 15.84
C GLU D 212 -8.61 -16.04 14.94
N GLY D 213 -8.39 -14.82 15.41
CA GLY D 213 -8.77 -13.64 14.65
C GLY D 213 -7.61 -12.68 14.42
N SER D 214 -7.94 -11.41 14.17
CA SER D 214 -6.95 -10.40 13.87
C SER D 214 -6.22 -9.98 15.15
N GLY D 215 -5.36 -10.87 15.63
CA GLY D 215 -4.55 -10.57 16.78
C GLY D 215 -5.16 -10.93 18.11
N PHE D 216 -6.06 -11.93 18.15
CA PHE D 216 -6.72 -12.30 19.39
C PHE D 216 -7.11 -13.77 19.33
N ASN D 217 -7.16 -14.40 20.49
CA ASN D 217 -7.65 -15.77 20.62
C ASN D 217 -9.16 -15.75 20.83
N VAL D 218 -9.82 -16.77 20.30
CA VAL D 218 -11.27 -16.93 20.42
C VAL D 218 -11.52 -18.06 21.41
N LEU D 219 -12.44 -17.82 22.35
CA LEU D 219 -12.82 -18.82 23.34
C LEU D 219 -14.33 -18.97 23.35
N LEU D 220 -14.80 -20.19 23.18
CA LEU D 220 -16.21 -20.51 23.24
C LEU D 220 -16.54 -21.14 24.58
N VAL D 221 -17.76 -20.87 25.07
CA VAL D 221 -18.27 -21.51 26.27
C VAL D 221 -19.57 -22.22 25.90
N LYS D 222 -19.64 -23.50 26.21
CA LYS D 222 -20.78 -24.33 25.83
C LYS D 222 -21.09 -25.26 27.00
N ASP D 223 -22.30 -25.14 27.54
CA ASP D 223 -22.75 -25.97 28.65
C ASP D 223 -21.77 -25.92 29.80
N GLY D 224 -21.39 -24.70 30.18
CA GLY D 224 -20.54 -24.49 31.35
C GLY D 224 -19.08 -24.79 31.17
N VAL D 225 -18.64 -25.16 29.97
CA VAL D 225 -17.25 -25.52 29.70
C VAL D 225 -16.69 -24.58 28.65
N ILE D 226 -15.44 -24.17 28.82
CA ILE D 226 -14.76 -23.28 27.89
C ILE D 226 -13.96 -24.12 26.90
N TYR D 227 -14.05 -23.77 25.62
CA TYR D 227 -13.32 -24.43 24.56
C TYR D 227 -12.53 -23.40 23.77
N THR D 228 -11.31 -23.75 23.38
CA THR D 228 -10.47 -22.88 22.58
C THR D 228 -9.60 -23.72 21.66
N PRO D 229 -9.35 -23.26 20.44
CA PRO D 229 -8.54 -24.05 19.50
C PRO D 229 -7.11 -24.24 20.00
N ASP D 230 -6.57 -25.43 19.76
CA ASP D 230 -5.21 -25.76 20.18
C ASP D 230 -4.20 -25.41 19.08
N ARG D 231 -4.35 -25.99 17.90
CA ARG D 231 -3.42 -25.80 16.81
C ARG D 231 -3.90 -24.70 15.86
N GLY D 232 -2.94 -24.15 15.12
CA GLY D 232 -3.22 -23.07 14.19
C GLY D 232 -3.35 -21.70 14.79
N VAL D 233 -3.09 -21.55 16.10
CA VAL D 233 -3.29 -20.30 16.81
C VAL D 233 -2.02 -19.98 17.59
N LEU D 234 -1.90 -18.72 17.98
CA LEU D 234 -0.87 -18.32 18.92
C LEU D 234 -1.32 -18.58 20.34
N GLN D 235 -0.41 -19.15 21.15
CA GLN D 235 -0.69 -19.42 22.56
C GLN D 235 -0.62 -18.10 23.31
N GLY D 236 -1.76 -17.42 23.38
CA GLY D 236 -1.78 -16.09 23.96
C GLY D 236 -1.62 -16.12 25.47
N VAL D 237 -0.98 -15.07 25.98
CA VAL D 237 -0.82 -14.94 27.43
C VAL D 237 -2.16 -14.65 28.09
N THR D 238 -2.99 -13.85 27.43
CA THR D 238 -4.33 -13.58 27.94
C THR D 238 -5.18 -14.85 27.93
N ARG D 239 -5.02 -15.68 26.89
CA ARG D 239 -5.69 -16.98 26.88
C ARG D 239 -5.18 -17.86 28.02
N LYS D 240 -3.86 -17.84 28.26
CA LYS D 240 -3.30 -18.58 29.39
C LYS D 240 -3.80 -18.01 30.71
N SER D 241 -4.00 -16.69 30.77
CA SER D 241 -4.59 -16.09 31.96
C SER D 241 -6.03 -16.53 32.14
N CYS D 242 -6.77 -16.68 31.03
CA CYS D 242 -8.13 -17.19 31.11
C CYS D 242 -8.17 -18.59 31.71
N ILE D 243 -7.23 -19.46 31.31
CA ILE D 243 -7.19 -20.81 31.83
C ILE D 243 -6.85 -20.79 33.32
N ASP D 244 -5.95 -19.91 33.73
CA ASP D 244 -5.63 -19.78 35.15
C ASP D 244 -6.85 -19.31 35.94
N VAL D 245 -7.53 -18.27 35.46
CA VAL D 245 -8.70 -17.74 36.16
C VAL D 245 -9.81 -18.79 36.20
N ALA D 246 -10.09 -19.42 35.05
CA ALA D 246 -11.16 -20.41 35.00
C ALA D 246 -10.85 -21.60 35.91
N LYS D 247 -9.61 -22.07 35.91
CA LYS D 247 -9.23 -23.17 36.80
C LYS D 247 -9.46 -22.80 38.25
N SER D 248 -9.18 -21.54 38.60
CA SER D 248 -9.45 -21.06 39.96
C SER D 248 -10.94 -20.91 40.22
N LEU D 249 -11.75 -20.73 39.18
CA LEU D 249 -13.19 -20.57 39.30
C LEU D 249 -13.95 -21.90 39.21
N GLY D 250 -13.25 -23.01 39.06
CA GLY D 250 -13.91 -24.29 38.89
C GLY D 250 -14.46 -24.53 37.50
N ILE D 251 -14.14 -23.69 36.54
CA ILE D 251 -14.57 -23.86 35.16
C ILE D 251 -13.50 -24.64 34.42
N GLU D 252 -13.94 -25.61 33.60
CA GLU D 252 -13.02 -26.46 32.87
C GLU D 252 -12.76 -25.87 31.49
N VAL D 253 -11.49 -25.77 31.12
CA VAL D 253 -11.07 -25.26 29.81
C VAL D 253 -10.47 -26.41 29.02
N ARG D 254 -10.85 -26.52 27.75
CA ARG D 254 -10.38 -27.57 26.86
C ARG D 254 -9.67 -26.94 25.67
N VAL D 255 -8.33 -26.98 25.68
CA VAL D 255 -7.54 -26.58 24.52
C VAL D 255 -7.49 -27.76 23.56
N GLN D 256 -8.43 -27.81 22.62
CA GLN D 256 -8.59 -28.93 21.72
C GLN D 256 -8.98 -28.40 20.35
N PHE D 257 -9.21 -29.31 19.40
CA PHE D 257 -9.68 -28.91 18.09
C PHE D 257 -11.15 -28.51 18.17
N VAL D 258 -11.46 -27.32 17.68
CA VAL D 258 -12.81 -26.76 17.81
C VAL D 258 -13.45 -26.71 16.42
N PRO D 259 -14.37 -27.62 16.11
CA PRO D 259 -15.12 -27.50 14.86
C PRO D 259 -15.89 -26.20 14.81
N ILE D 260 -15.97 -25.62 13.61
CA ILE D 260 -16.56 -24.29 13.44
C ILE D 260 -18.03 -24.28 13.87
N GLN D 261 -18.68 -25.45 13.87
CA GLN D 261 -20.08 -25.53 14.29
C GLN D 261 -20.25 -25.12 15.75
N MET D 262 -19.23 -25.33 16.58
CA MET D 262 -19.33 -24.97 17.99
C MET D 262 -19.50 -23.47 18.18
N ALA D 263 -18.98 -22.65 17.26
CA ALA D 263 -19.14 -21.21 17.40
C ALA D 263 -20.58 -20.78 17.21
N TYR D 264 -21.34 -21.49 16.38
CA TYR D 264 -22.75 -21.16 16.16
C TYR D 264 -23.66 -21.77 17.21
N ASP D 265 -23.20 -22.81 17.91
CA ASP D 265 -23.97 -23.46 18.95
C ASP D 265 -23.52 -23.07 20.36
N ALA D 266 -22.59 -22.12 20.47
CA ALA D 266 -22.04 -21.76 21.76
C ALA D 266 -23.01 -20.88 22.55
N ASP D 267 -22.89 -20.93 23.87
CA ASP D 267 -23.72 -20.10 24.73
C ASP D 267 -23.17 -18.68 24.84
N GLU D 268 -21.86 -18.53 24.98
CA GLU D 268 -21.21 -17.23 25.03
C GLU D 268 -19.90 -17.31 24.24
N ILE D 269 -19.44 -16.17 23.76
CA ILE D 269 -18.19 -16.06 23.04
C ILE D 269 -17.46 -14.80 23.50
N PHE D 270 -16.16 -14.90 23.70
CA PHE D 270 -15.34 -13.74 24.05
C PHE D 270 -13.93 -13.92 23.50
N MET D 271 -13.32 -12.81 23.12
CA MET D 271 -11.97 -12.78 22.59
C MET D 271 -10.98 -12.41 23.68
N ALA D 272 -9.70 -12.69 23.42
CA ALA D 272 -8.64 -12.42 24.38
C ALA D 272 -7.40 -11.91 23.67
N THR D 273 -6.87 -10.79 24.15
CA THR D 273 -5.62 -10.23 23.66
C THR D 273 -5.13 -9.22 24.69
N THR D 274 -3.83 -8.94 24.66
CA THR D 274 -3.28 -7.99 25.62
C THR D 274 -3.80 -6.58 25.36
N ALA D 275 -3.98 -6.23 24.08
CA ALA D 275 -4.49 -4.91 23.68
C ALA D 275 -5.99 -4.82 23.89
N GLY D 276 -6.40 -4.82 25.16
CA GLY D 276 -7.82 -4.72 25.45
C GLY D 276 -8.32 -5.61 26.58
N GLY D 277 -7.69 -6.75 26.79
CA GLY D 277 -8.12 -7.67 27.83
C GLY D 277 -9.13 -8.68 27.32
N ILE D 278 -10.21 -8.86 28.09
CA ILE D 278 -11.30 -9.75 27.72
C ILE D 278 -12.35 -8.97 26.94
N MET D 279 -12.70 -9.46 25.76
CA MET D 279 -13.56 -8.75 24.82
C MET D 279 -14.73 -9.65 24.43
N PRO D 280 -15.89 -9.50 25.05
CA PRO D 280 -17.01 -10.39 24.76
C PRO D 280 -17.58 -10.14 23.37
N ILE D 281 -18.05 -11.23 22.75
CA ILE D 281 -18.71 -11.18 21.44
C ILE D 281 -20.18 -11.51 21.67
N THR D 282 -21.05 -10.59 21.28
CA THR D 282 -22.48 -10.75 21.49
C THR D 282 -23.28 -10.92 20.20
N THR D 283 -22.68 -10.67 19.05
CA THR D 283 -23.34 -10.85 17.76
C THR D 283 -22.39 -11.57 16.83
N LEU D 284 -22.82 -12.73 16.32
CA LEU D 284 -22.00 -13.53 15.40
C LEU D 284 -22.80 -13.76 14.13
N ASP D 285 -22.21 -13.37 12.99
CA ASP D 285 -22.86 -13.47 11.68
C ASP D 285 -24.21 -12.76 11.68
N ASP D 286 -24.21 -11.51 12.13
CA ASP D 286 -25.39 -10.65 12.12
C ASP D 286 -26.57 -11.27 12.88
N LYS D 287 -26.28 -12.01 13.95
CA LYS D 287 -27.28 -12.68 14.75
C LYS D 287 -26.87 -12.64 16.22
N PRO D 288 -27.81 -12.37 17.14
CA PRO D 288 -27.46 -12.35 18.55
C PRO D 288 -26.96 -13.71 19.01
N ILE D 289 -26.01 -13.69 19.95
CA ILE D 289 -25.37 -14.92 20.41
C ILE D 289 -26.35 -15.77 21.22
N GLN D 290 -26.82 -15.27 22.36
CA GLN D 290 -27.83 -15.93 23.18
C GLN D 290 -28.91 -14.95 23.60
N SER D 291 -28.56 -14.10 24.57
CA SER D 291 -29.46 -13.06 25.07
C SER D 291 -29.12 -11.70 24.48
N GLY D 292 -28.11 -11.60 23.63
CA GLY D 292 -27.64 -10.33 23.12
C GLY D 292 -26.83 -9.53 24.11
N LYS D 293 -26.65 -10.02 25.33
CA LYS D 293 -25.87 -9.35 26.35
C LYS D 293 -24.68 -10.22 26.73
N VAL D 294 -23.71 -9.62 27.42
CA VAL D 294 -22.54 -10.36 27.85
C VAL D 294 -22.97 -11.46 28.82
N GLY D 295 -22.40 -12.65 28.62
CA GLY D 295 -22.81 -13.82 29.37
C GLY D 295 -22.23 -13.84 30.77
N PRO D 296 -22.74 -14.78 31.58
CA PRO D 296 -22.27 -14.90 32.97
C PRO D 296 -20.84 -15.39 33.08
N ILE D 297 -20.52 -16.47 32.36
CA ILE D 297 -19.16 -17.00 32.39
C ILE D 297 -18.16 -15.98 31.88
N THR D 298 -18.53 -15.24 30.83
CA THR D 298 -17.65 -14.19 30.32
C THR D 298 -17.38 -13.13 31.39
N LYS D 299 -18.42 -12.75 32.15
CA LYS D 299 -18.23 -11.75 33.20
C LYS D 299 -17.37 -12.29 34.33
N LYS D 300 -17.58 -13.56 34.72
CA LYS D 300 -16.77 -14.15 35.79
C LYS D 300 -15.30 -14.19 35.38
N ILE D 301 -15.02 -14.55 34.13
CA ILE D 301 -13.63 -14.56 33.65
C ILE D 301 -13.12 -13.14 33.50
N TRP D 302 -13.97 -12.22 33.04
CA TRP D 302 -13.58 -10.81 32.91
C TRP D 302 -13.10 -10.25 34.25
N ASP D 303 -13.88 -10.48 35.32
CA ASP D 303 -13.49 -9.98 36.63
C ASP D 303 -12.19 -10.61 37.11
N GLY D 304 -12.06 -11.93 36.94
CA GLY D 304 -10.86 -12.61 37.38
C GLY D 304 -9.61 -12.17 36.64
N TYR D 305 -9.75 -11.90 35.34
CA TYR D 305 -8.60 -11.45 34.56
C TYR D 305 -8.06 -10.12 35.08
N TRP D 306 -8.94 -9.13 35.26
CA TRP D 306 -8.50 -7.85 35.80
C TRP D 306 -8.22 -7.90 37.29
N ALA D 307 -8.64 -8.97 37.99
CA ALA D 307 -8.29 -9.11 39.40
C ALA D 307 -6.82 -9.45 39.57
N ILE D 308 -6.33 -10.44 38.81
CA ILE D 308 -4.93 -10.84 38.90
C ILE D 308 -3.98 -9.80 38.35
N HIS D 309 -4.50 -8.72 37.76
CA HIS D 309 -3.65 -7.62 37.33
C HIS D 309 -3.00 -6.90 38.51
N TYR D 310 -3.57 -7.04 39.71
CA TYR D 310 -3.00 -6.47 40.92
C TYR D 310 -2.40 -7.53 41.84
N ASP D 311 -2.30 -8.76 41.38
CA ASP D 311 -1.72 -9.85 42.15
C ASP D 311 -0.21 -9.87 41.91
N ASP D 312 0.57 -9.89 43.00
CA ASP D 312 2.02 -9.91 42.88
C ASP D 312 2.54 -11.15 42.16
N ALA D 313 1.76 -12.22 42.12
CA ALA D 313 2.18 -13.42 41.39
C ALA D 313 2.14 -13.20 39.88
N TYR D 314 1.34 -12.26 39.40
CA TYR D 314 1.18 -12.01 37.98
C TYR D 314 1.68 -10.63 37.56
N SER D 315 2.11 -9.79 38.50
CA SER D 315 2.45 -8.41 38.17
C SER D 315 3.42 -7.86 39.20
N PHE D 316 4.03 -6.72 38.86
CA PHE D 316 4.90 -6.00 39.77
C PHE D 316 4.73 -4.50 39.53
N GLU D 317 4.95 -3.73 40.59
CA GLU D 317 4.71 -2.29 40.57
C GLU D 317 5.92 -1.53 40.02
N ILE D 318 5.65 -0.51 39.21
CA ILE D 318 6.72 0.33 38.60
C ILE D 318 6.86 1.63 39.40
N GLN D 319 8.06 1.89 39.93
CA GLN D 319 8.32 3.11 40.73
C GLN D 319 8.49 4.31 39.79
N TYR D 320 7.55 5.25 39.82
CA TYR D 320 7.61 6.46 38.96
C TYR D 320 8.36 7.58 39.68
N GLY D 321 8.62 8.68 38.98
CA GLY D 321 9.34 9.83 39.56
C GLY D 321 8.38 10.85 40.14
N ALA E 2 -39.75 -26.46 -25.60
CA ALA E 2 -38.87 -26.83 -24.50
C ALA E 2 -39.06 -25.90 -23.30
N THR E 3 -40.16 -26.09 -22.57
CA THR E 3 -40.42 -25.37 -21.33
C THR E 3 -40.73 -26.38 -20.23
N MET E 4 -40.82 -25.89 -18.99
CA MET E 4 -40.90 -26.79 -17.85
C MET E 4 -42.18 -27.61 -17.86
N ASP E 5 -43.33 -26.95 -17.98
CA ASP E 5 -44.61 -27.66 -17.94
C ASP E 5 -44.74 -28.64 -19.10
N GLU E 6 -44.27 -28.24 -20.29
CA GLU E 6 -44.34 -29.13 -21.44
C GLU E 6 -43.52 -30.40 -21.22
N ILE E 7 -42.25 -30.24 -20.82
CA ILE E 7 -41.38 -31.40 -20.62
C ILE E 7 -41.90 -32.28 -19.49
N PHE E 8 -42.32 -31.67 -18.39
CA PHE E 8 -42.78 -32.45 -17.24
C PHE E 8 -44.08 -33.18 -17.55
N ALA E 9 -44.98 -32.54 -18.30
CA ALA E 9 -46.25 -33.19 -18.65
C ALA E 9 -46.00 -34.44 -19.49
N ALA E 10 -45.16 -34.33 -20.52
CA ALA E 10 -44.84 -35.49 -21.35
C ALA E 10 -44.18 -36.59 -20.53
N TYR E 11 -43.34 -36.23 -19.57
CA TYR E 11 -42.68 -37.23 -18.74
C TYR E 11 -43.68 -37.98 -17.87
N GLU E 12 -44.58 -37.25 -17.21
CA GLU E 12 -45.54 -37.90 -16.31
C GLU E 12 -46.48 -38.82 -17.08
N LYS E 13 -46.78 -38.50 -18.34
CA LYS E 13 -47.58 -39.40 -19.15
C LYS E 13 -46.83 -40.68 -19.47
N ARG E 14 -45.56 -40.56 -19.89
CA ARG E 14 -44.75 -41.75 -20.13
C ARG E 14 -44.53 -42.53 -18.85
N GLN E 15 -44.39 -41.83 -17.72
CA GLN E 15 -44.19 -42.52 -16.45
C GLN E 15 -45.44 -43.27 -16.01
N ALA E 16 -46.63 -42.74 -16.31
CA ALA E 16 -47.86 -43.46 -16.02
C ALA E 16 -47.94 -44.77 -16.78
N VAL E 17 -47.51 -44.77 -18.04
CA VAL E 17 -47.50 -46.00 -18.83
C VAL E 17 -46.54 -47.02 -18.23
N LEU E 18 -45.37 -46.54 -17.77
CA LEU E 18 -44.37 -47.45 -17.22
C LEU E 18 -44.81 -48.04 -15.88
N GLU E 19 -45.55 -47.28 -15.08
CA GLU E 19 -45.93 -47.75 -13.75
C GLU E 19 -46.95 -48.87 -13.80
N GLU E 20 -47.67 -49.04 -14.91
CA GLU E 20 -48.64 -50.11 -15.07
C GLU E 20 -48.20 -51.15 -16.09
N SER E 21 -46.89 -51.36 -16.20
CA SER E 21 -46.36 -52.32 -17.16
C SER E 21 -46.25 -53.71 -16.54
N SER E 22 -46.37 -54.72 -17.40
CA SER E 22 -46.27 -56.11 -16.97
C SER E 22 -44.85 -56.66 -17.08
N ASN E 23 -44.01 -56.04 -17.91
CA ASN E 23 -42.61 -56.44 -18.05
C ASN E 23 -41.91 -56.37 -16.69
N PRO E 24 -41.35 -57.47 -16.19
CA PRO E 24 -40.61 -57.39 -14.91
C PRO E 24 -39.34 -56.55 -15.01
N LEU E 25 -38.82 -56.32 -16.21
CA LEU E 25 -37.63 -55.50 -16.39
C LEU E 25 -37.93 -54.01 -16.38
N SER E 26 -39.21 -53.61 -16.42
CA SER E 26 -39.55 -52.19 -16.40
C SER E 26 -39.16 -51.51 -15.09
N LYS E 27 -38.94 -52.29 -14.02
CA LYS E 27 -38.44 -51.72 -12.77
C LYS E 27 -36.93 -51.52 -12.79
N GLY E 28 -36.23 -52.17 -13.71
CA GLY E 28 -34.79 -52.04 -13.83
C GLY E 28 -34.19 -53.32 -14.38
N ILE E 29 -33.05 -53.17 -15.04
CA ILE E 29 -32.32 -54.29 -15.63
C ILE E 29 -30.82 -54.04 -15.45
N ALA E 30 -30.07 -55.10 -15.20
CA ALA E 30 -28.64 -55.01 -14.91
C ALA E 30 -27.86 -56.02 -15.75
N TRP E 31 -26.61 -55.66 -16.04
CA TRP E 31 -25.68 -56.50 -16.80
C TRP E 31 -24.55 -56.92 -15.88
N VAL E 32 -24.48 -58.21 -15.55
CA VAL E 32 -23.44 -58.75 -14.67
C VAL E 32 -22.78 -59.93 -15.38
N PHE E 33 -21.52 -59.75 -15.76
CA PHE E 33 -20.70 -60.83 -16.34
C PHE E 33 -21.41 -61.52 -17.50
N GLY E 34 -22.02 -60.72 -18.38
CA GLY E 34 -22.65 -61.24 -19.58
C GLY E 34 -24.11 -61.62 -19.43
N GLU E 35 -24.64 -61.64 -18.22
CA GLU E 35 -26.03 -62.02 -17.98
C GLU E 35 -26.88 -60.78 -17.73
N LEU E 36 -28.10 -60.79 -18.29
CA LEU E 36 -29.08 -59.75 -18.02
C LEU E 36 -30.06 -60.27 -16.99
N VAL E 37 -30.22 -59.51 -15.91
CA VAL E 37 -31.07 -59.91 -14.79
C VAL E 37 -31.86 -58.71 -14.32
N PRO E 38 -33.01 -58.95 -13.68
CA PRO E 38 -33.72 -57.84 -13.04
C PRO E 38 -32.82 -57.11 -12.05
N LEU E 39 -32.92 -55.78 -12.06
CA LEU E 39 -32.01 -54.95 -11.28
C LEU E 39 -32.04 -55.30 -9.81
N ALA E 40 -33.22 -55.65 -9.28
CA ALA E 40 -33.31 -56.01 -7.87
C ALA E 40 -32.55 -57.29 -7.56
N GLU E 41 -32.43 -58.19 -8.54
CA GLU E 41 -31.76 -59.47 -8.36
C GLU E 41 -30.33 -59.46 -8.89
N ALA E 42 -29.70 -58.29 -8.94
CA ALA E 42 -28.34 -58.17 -9.44
C ALA E 42 -27.36 -58.33 -8.27
N ARG E 43 -26.43 -59.27 -8.40
CA ARG E 43 -25.48 -59.58 -7.34
C ARG E 43 -24.07 -59.51 -7.90
N ILE E 44 -23.17 -58.92 -7.12
CA ILE E 44 -21.76 -58.81 -7.50
C ILE E 44 -20.96 -59.60 -6.47
N PRO E 45 -19.75 -60.06 -6.84
CA PRO E 45 -18.91 -60.76 -5.86
C PRO E 45 -18.55 -59.88 -4.69
N LEU E 46 -18.65 -60.45 -3.48
CA LEU E 46 -18.31 -59.72 -2.27
C LEU E 46 -16.86 -59.27 -2.27
N MET E 47 -15.97 -60.09 -2.83
CA MET E 47 -14.54 -59.79 -2.83
C MET E 47 -14.13 -58.83 -3.95
N ASP E 48 -15.08 -58.32 -4.73
CA ASP E 48 -14.76 -57.37 -5.79
C ASP E 48 -14.13 -56.12 -5.19
N GLN E 49 -12.95 -55.75 -5.69
CA GLN E 49 -12.24 -54.59 -5.18
C GLN E 49 -12.97 -53.28 -5.45
N GLY E 50 -14.05 -53.30 -6.24
CA GLY E 50 -14.89 -52.12 -6.33
C GLY E 50 -15.75 -51.88 -5.11
N PHE E 51 -16.03 -52.95 -4.36
CA PHE E 51 -16.67 -52.88 -3.07
C PHE E 51 -15.65 -52.91 -1.93
N MET E 52 -14.60 -53.72 -2.07
CA MET E 52 -13.61 -53.88 -1.00
C MET E 52 -12.92 -52.56 -0.69
N HIS E 53 -12.36 -51.90 -1.70
CA HIS E 53 -11.64 -50.65 -1.47
C HIS E 53 -12.10 -49.55 -2.42
N SER E 54 -13.31 -49.67 -2.97
CA SER E 54 -13.88 -48.71 -3.92
C SER E 54 -12.86 -48.30 -4.98
N ASP E 55 -12.18 -49.31 -5.54
CA ASP E 55 -11.15 -49.08 -6.53
C ASP E 55 -11.78 -49.19 -7.91
N LEU E 56 -12.45 -48.12 -8.31
CA LEU E 56 -13.26 -48.14 -9.52
C LEU E 56 -13.46 -46.71 -10.02
N THR E 57 -14.07 -46.62 -11.20
CA THR E 57 -14.67 -45.40 -11.71
C THR E 57 -16.06 -45.74 -12.25
N TYR E 58 -16.85 -44.70 -12.50
CA TYR E 58 -18.19 -44.92 -13.04
C TYR E 58 -18.58 -43.71 -13.88
N ASP E 59 -19.70 -43.84 -14.56
CA ASP E 59 -20.23 -42.73 -15.34
C ASP E 59 -21.70 -43.00 -15.64
N VAL E 60 -22.46 -41.92 -15.82
CA VAL E 60 -23.91 -42.01 -15.92
C VAL E 60 -24.43 -41.31 -17.16
N PRO E 61 -24.75 -42.03 -18.22
CA PRO E 61 -25.53 -41.46 -19.32
C PRO E 61 -27.02 -41.46 -18.97
N SER E 62 -27.80 -40.85 -19.85
CA SER E 62 -29.23 -40.71 -19.62
C SER E 62 -30.00 -40.98 -20.91
N VAL E 63 -31.25 -41.42 -20.76
CA VAL E 63 -32.17 -41.59 -21.86
C VAL E 63 -33.44 -40.82 -21.54
N TRP E 64 -33.81 -39.88 -22.41
CA TRP E 64 -35.02 -39.08 -22.22
C TRP E 64 -35.92 -39.27 -23.44
N ASP E 65 -37.20 -39.54 -23.18
CA ASP E 65 -38.20 -39.76 -24.22
C ASP E 65 -37.70 -40.76 -25.27
N GLY E 66 -37.02 -41.81 -24.81
CA GLY E 66 -36.48 -42.79 -25.73
C GLY E 66 -35.28 -42.35 -26.51
N ARG E 67 -34.52 -41.36 -26.03
CA ARG E 67 -33.36 -40.85 -26.73
C ARG E 67 -32.16 -40.83 -25.80
N PHE E 68 -31.10 -41.55 -26.18
CA PHE E 68 -29.85 -41.48 -25.44
C PHE E 68 -29.26 -40.08 -25.59
N PHE E 69 -28.94 -39.45 -24.46
CA PHE E 69 -28.46 -38.07 -24.46
C PHE E 69 -26.95 -38.06 -24.25
N ARG E 70 -26.22 -37.66 -25.30
CA ARG E 70 -24.77 -37.51 -25.27
C ARG E 70 -24.10 -38.77 -24.75
N LEU E 71 -24.41 -39.90 -25.39
CA LEU E 71 -23.82 -41.17 -24.98
C LEU E 71 -22.34 -41.22 -25.34
N ASP E 72 -21.97 -40.70 -26.52
CA ASP E 72 -20.58 -40.68 -26.92
C ASP E 72 -19.72 -39.93 -25.91
N ASP E 73 -20.22 -38.80 -25.40
CA ASP E 73 -19.46 -38.02 -24.44
C ASP E 73 -19.24 -38.78 -23.13
N HIS E 74 -20.26 -39.49 -22.66
CA HIS E 74 -20.14 -40.21 -21.39
C HIS E 74 -19.19 -41.40 -21.51
N ILE E 75 -19.28 -42.15 -22.61
CA ILE E 75 -18.39 -43.30 -22.77
C ILE E 75 -16.95 -42.84 -22.90
N ALA E 76 -16.73 -41.69 -23.57
CA ALA E 76 -15.38 -41.15 -23.67
C ALA E 76 -14.83 -40.74 -22.32
N ARG E 77 -15.66 -40.11 -21.48
CA ARG E 77 -15.20 -39.71 -20.15
C ARG E 77 -14.91 -40.94 -19.29
N LEU E 78 -15.72 -41.99 -19.42
CA LEU E 78 -15.46 -43.22 -18.68
C LEU E 78 -14.11 -43.82 -19.08
N GLU E 79 -13.80 -43.82 -20.38
CA GLU E 79 -12.52 -44.34 -20.84
C GLU E 79 -11.36 -43.49 -20.34
N ALA E 80 -11.52 -42.17 -20.34
CA ALA E 80 -10.47 -41.29 -19.83
C ALA E 80 -10.26 -41.51 -18.33
N SER E 81 -11.35 -41.66 -17.58
CA SER E 81 -11.24 -41.94 -16.15
C SER E 81 -10.57 -43.28 -15.91
N CYS E 82 -10.92 -44.30 -16.70
CA CYS E 82 -10.26 -45.60 -16.59
C CYS E 82 -8.75 -45.47 -16.82
N ALA E 83 -8.36 -44.72 -17.84
CA ALA E 83 -6.94 -44.54 -18.11
C ALA E 83 -6.24 -43.85 -16.94
N LYS E 84 -6.90 -42.88 -16.32
CA LYS E 84 -6.29 -42.15 -15.22
C LYS E 84 -6.06 -43.04 -14.01
N MET E 85 -6.96 -44.00 -13.76
CA MET E 85 -6.80 -44.94 -12.65
C MET E 85 -6.22 -46.28 -13.10
N ARG E 86 -5.52 -46.29 -14.24
CA ARG E 86 -4.83 -47.49 -14.71
C ARG E 86 -5.79 -48.65 -14.92
N LEU E 87 -7.00 -48.32 -15.37
CA LEU E 87 -8.03 -49.30 -15.67
C LEU E 87 -8.28 -49.35 -17.18
N GLN E 88 -8.84 -50.48 -17.62
CA GLN E 88 -9.18 -50.68 -19.02
C GLN E 88 -10.64 -51.05 -19.13
N LEU E 89 -11.33 -50.46 -20.10
CA LEU E 89 -12.73 -50.81 -20.35
C LEU E 89 -12.81 -52.26 -20.81
N PRO E 90 -13.43 -53.13 -20.02
CA PRO E 90 -13.35 -54.57 -20.29
C PRO E 90 -14.03 -55.01 -21.59
N LEU E 91 -14.72 -54.11 -22.29
CA LEU E 91 -15.40 -54.47 -23.52
C LEU E 91 -15.18 -53.37 -24.55
N PRO E 92 -15.25 -53.72 -25.85
CA PRO E 92 -15.06 -52.70 -26.89
C PRO E 92 -16.08 -51.57 -26.78
N ARG E 93 -15.62 -50.36 -27.10
CA ARG E 93 -16.45 -49.16 -26.90
C ARG E 93 -17.79 -49.25 -27.62
N GLU E 94 -17.78 -49.75 -28.86
CA GLU E 94 -19.03 -49.86 -29.60
C GLU E 94 -19.92 -50.98 -29.06
N GLU E 95 -19.34 -52.05 -28.54
CA GLU E 95 -20.15 -53.11 -27.96
C GLU E 95 -20.87 -52.64 -26.71
N VAL E 96 -20.19 -51.84 -25.88
CA VAL E 96 -20.84 -51.29 -24.69
C VAL E 96 -22.05 -50.45 -25.08
N LYS E 97 -21.92 -49.65 -26.14
CA LYS E 97 -23.05 -48.83 -26.59
C LYS E 97 -24.23 -49.70 -27.01
N GLN E 98 -23.97 -50.75 -27.79
CA GLN E 98 -25.08 -51.58 -28.28
C GLN E 98 -25.74 -52.37 -27.15
N ILE E 99 -24.95 -52.86 -26.19
CA ILE E 99 -25.54 -53.58 -25.06
C ILE E 99 -26.40 -52.63 -24.22
N LEU E 100 -25.97 -51.37 -24.09
CA LEU E 100 -26.77 -50.40 -23.35
C LEU E 100 -28.09 -50.13 -24.06
N VAL E 101 -28.06 -49.99 -25.38
CA VAL E 101 -29.29 -49.77 -26.14
C VAL E 101 -30.23 -50.96 -26.01
N ASP E 102 -29.66 -52.18 -26.04
CA ASP E 102 -30.49 -53.37 -25.89
C ASP E 102 -31.12 -53.44 -24.51
N MET E 103 -30.37 -53.07 -23.47
CA MET E 103 -30.91 -53.09 -22.12
C MET E 103 -32.07 -52.10 -21.97
N VAL E 104 -31.90 -50.89 -22.50
CA VAL E 104 -32.97 -49.90 -22.44
C VAL E 104 -34.19 -50.41 -23.21
N ALA E 105 -33.96 -51.01 -24.38
CA ALA E 105 -35.07 -51.52 -25.19
C ALA E 105 -35.80 -52.64 -24.46
N LYS E 106 -35.07 -53.57 -23.86
CA LYS E 106 -35.70 -54.66 -23.13
C LYS E 106 -36.46 -54.17 -21.90
N SER E 107 -35.95 -53.12 -21.24
CA SER E 107 -36.60 -52.61 -20.04
C SER E 107 -37.85 -51.82 -20.35
N GLU E 108 -38.06 -51.42 -21.61
CA GLU E 108 -39.17 -50.58 -22.04
C GLU E 108 -39.15 -49.19 -21.40
N ILE E 109 -38.09 -48.85 -20.67
CA ILE E 109 -38.00 -47.56 -19.99
C ILE E 109 -37.70 -46.47 -21.01
N LYS E 110 -38.51 -45.41 -20.99
CA LYS E 110 -38.31 -44.29 -21.89
C LYS E 110 -37.47 -43.19 -21.26
N ASP E 111 -37.58 -43.01 -19.95
CA ASP E 111 -36.79 -42.03 -19.20
C ASP E 111 -35.96 -42.81 -18.20
N ALA E 112 -34.67 -42.98 -18.49
CA ALA E 112 -33.85 -43.97 -17.82
C ALA E 112 -32.60 -43.35 -17.22
N PHE E 113 -32.20 -43.88 -16.06
CA PHE E 113 -30.91 -43.60 -15.44
C PHE E 113 -30.00 -44.78 -15.74
N VAL E 114 -28.92 -44.53 -16.47
CA VAL E 114 -27.99 -45.57 -16.90
C VAL E 114 -26.65 -45.34 -16.21
N GLU E 115 -26.10 -46.40 -15.62
CA GLU E 115 -24.82 -46.30 -14.93
C GLU E 115 -23.92 -47.44 -15.36
N LEU E 116 -22.65 -47.10 -15.63
CA LEU E 116 -21.60 -48.06 -15.95
C LEU E 116 -20.53 -47.98 -14.87
N ILE E 117 -20.08 -49.14 -14.41
CA ILE E 117 -19.08 -49.24 -13.34
C ILE E 117 -17.94 -50.13 -13.82
N VAL E 118 -16.72 -49.62 -13.74
CA VAL E 118 -15.52 -50.36 -14.09
C VAL E 118 -14.67 -50.46 -12.83
N THR E 119 -14.54 -51.68 -12.29
CA THR E 119 -13.84 -51.92 -11.05
C THR E 119 -12.51 -52.63 -11.30
N ARG E 120 -11.65 -52.60 -10.27
CA ARG E 120 -10.31 -53.16 -10.40
C ARG E 120 -10.33 -54.66 -10.67
N GLY E 121 -11.37 -55.35 -10.20
CA GLY E 121 -11.44 -56.79 -10.36
C GLY E 121 -11.42 -57.54 -9.05
N LEU E 122 -11.11 -58.83 -9.08
CA LEU E 122 -11.10 -59.63 -7.87
C LEU E 122 -9.80 -59.47 -7.09
N LYS E 123 -8.71 -59.14 -7.77
CA LYS E 123 -7.41 -58.96 -7.13
C LYS E 123 -7.15 -57.47 -6.95
N GLY E 124 -6.68 -57.09 -5.76
CA GLY E 124 -6.42 -55.70 -5.46
C GLY E 124 -5.05 -55.24 -5.90
N VAL E 125 -4.78 -53.96 -5.59
CA VAL E 125 -3.50 -53.35 -5.97
C VAL E 125 -2.46 -53.48 -4.87
N ARG E 126 -2.87 -53.78 -3.64
CA ARG E 126 -1.96 -53.81 -2.50
C ARG E 126 -0.86 -54.84 -2.74
N GLY E 127 -1.24 -56.11 -2.75
CA GLY E 127 -0.32 -57.20 -3.03
C GLY E 127 -0.47 -57.76 -4.43
N HIS E 128 0.11 -57.09 -5.43
CA HIS E 128 -0.04 -57.51 -6.81
C HIS E 128 1.33 -57.76 -7.41
N THR E 129 1.50 -58.95 -7.99
CA THR E 129 2.75 -59.31 -8.65
C THR E 129 2.90 -58.45 -9.89
N PRO E 130 3.99 -57.68 -10.00
CA PRO E 130 4.12 -56.72 -11.12
C PRO E 130 4.08 -57.33 -12.50
N GLY E 131 4.35 -58.63 -12.66
CA GLY E 131 4.42 -59.20 -14.00
C GLY E 131 3.08 -59.44 -14.65
N GLU E 132 2.00 -59.53 -13.87
CA GLU E 132 0.65 -59.72 -14.39
C GLU E 132 -0.15 -58.44 -14.32
N THR E 133 -1.13 -58.32 -15.22
CA THR E 133 -2.07 -57.21 -15.25
C THR E 133 -3.38 -57.64 -14.59
N PHE E 134 -4.28 -56.68 -14.41
CA PHE E 134 -5.52 -56.95 -13.69
C PHE E 134 -6.63 -57.36 -14.65
N LYS E 135 -7.55 -58.18 -14.14
CA LYS E 135 -8.77 -58.55 -14.85
C LYS E 135 -9.91 -57.67 -14.34
N ASN E 136 -9.99 -56.46 -14.89
CA ASN E 136 -11.00 -55.51 -14.44
C ASN E 136 -12.41 -56.02 -14.76
N HIS E 137 -13.37 -55.58 -13.95
CA HIS E 137 -14.77 -55.99 -14.08
C HIS E 137 -15.62 -54.83 -14.57
N LEU E 138 -16.72 -55.18 -15.23
CA LEU E 138 -17.66 -54.20 -15.75
C LEU E 138 -19.06 -54.52 -15.26
N TYR E 139 -19.74 -53.53 -14.70
CA TYR E 139 -21.13 -53.65 -14.29
C TYR E 139 -21.93 -52.51 -14.90
N MET E 140 -23.13 -52.81 -15.37
CA MET E 140 -24.00 -51.84 -16.00
C MET E 140 -25.44 -52.13 -15.62
N PHE E 141 -26.25 -51.08 -15.53
CA PHE E 141 -27.66 -51.26 -15.24
C PHE E 141 -28.45 -50.04 -15.69
N VAL E 142 -29.71 -50.29 -16.03
CA VAL E 142 -30.66 -49.24 -16.40
C VAL E 142 -31.81 -49.25 -15.40
N GLN E 143 -32.26 -48.06 -15.03
CA GLN E 143 -33.29 -47.89 -14.01
C GLN E 143 -34.08 -46.63 -14.34
N PRO E 144 -35.34 -46.54 -13.93
CA PRO E 144 -36.14 -45.33 -14.20
C PRO E 144 -35.41 -44.06 -13.77
N TYR E 145 -35.67 -42.99 -14.52
CA TYR E 145 -34.97 -41.72 -14.32
C TYR E 145 -35.05 -41.27 -12.88
N VAL E 146 -33.87 -41.01 -12.30
CA VAL E 146 -33.75 -40.61 -10.90
C VAL E 146 -33.70 -39.09 -10.86
N TRP E 147 -34.41 -38.48 -9.91
CA TRP E 147 -34.49 -37.03 -9.78
C TRP E 147 -33.75 -36.59 -8.52
N VAL E 148 -32.60 -35.93 -8.71
CA VAL E 148 -31.98 -35.25 -7.59
C VAL E 148 -32.86 -34.08 -7.14
N MET E 149 -33.65 -33.54 -8.05
CA MET E 149 -34.63 -32.49 -7.74
C MET E 149 -35.93 -32.84 -8.45
N ASP E 150 -37.00 -33.01 -7.68
CA ASP E 150 -38.29 -33.33 -8.26
C ASP E 150 -38.75 -32.20 -9.18
N PRO E 151 -39.52 -32.52 -10.23
CA PRO E 151 -39.98 -31.46 -11.15
C PRO E 151 -40.72 -30.33 -10.47
N ASP E 152 -41.59 -30.63 -9.50
CA ASP E 152 -42.33 -29.58 -8.80
C ASP E 152 -41.38 -28.63 -8.08
N ILE E 153 -40.27 -29.16 -7.55
CA ILE E 153 -39.32 -28.30 -6.85
C ILE E 153 -38.51 -27.48 -7.86
N GLN E 154 -38.24 -28.03 -9.04
CA GLN E 154 -37.53 -27.27 -10.06
C GLN E 154 -38.33 -26.05 -10.50
N LYS E 155 -39.66 -26.14 -10.44
CA LYS E 155 -40.50 -25.01 -10.80
C LYS E 155 -40.27 -23.83 -9.85
N THR E 156 -40.03 -24.12 -8.57
CA THR E 156 -39.88 -23.10 -7.55
C THR E 156 -38.45 -22.97 -7.01
N GLY E 157 -37.58 -23.92 -7.31
CA GLY E 157 -36.23 -23.88 -6.79
C GLY E 157 -36.11 -24.52 -5.42
N GLY E 158 -34.88 -24.91 -5.07
CA GLY E 158 -34.60 -25.62 -3.85
C GLY E 158 -33.78 -24.81 -2.85
N LYS E 159 -33.49 -25.47 -1.73
CA LYS E 159 -32.75 -24.87 -0.62
C LYS E 159 -31.35 -25.45 -0.59
N ALA E 160 -30.35 -24.57 -0.52
CA ALA E 160 -28.95 -24.97 -0.50
C ALA E 160 -28.24 -24.27 0.65
N ILE E 161 -27.17 -24.90 1.13
CA ILE E 161 -26.31 -24.32 2.14
C ILE E 161 -24.86 -24.41 1.69
N ILE E 162 -24.05 -23.48 2.17
CA ILE E 162 -22.61 -23.55 2.00
C ILE E 162 -22.07 -24.36 3.18
N ALA E 163 -21.60 -25.56 2.90
CA ALA E 163 -21.20 -26.47 3.97
C ALA E 163 -20.13 -25.84 4.85
N ARG E 164 -20.39 -25.82 6.16
CA ARG E 164 -19.44 -25.28 7.13
C ARG E 164 -18.65 -26.37 7.84
N THR E 165 -19.21 -27.57 7.98
CA THR E 165 -18.59 -28.63 8.76
C THR E 165 -17.73 -29.57 7.91
N VAL E 166 -17.75 -29.45 6.59
CA VAL E 166 -17.03 -30.38 5.73
C VAL E 166 -16.47 -29.64 4.52
N ARG E 167 -15.30 -30.08 4.07
CA ARG E 167 -14.63 -29.55 2.89
C ARG E 167 -14.56 -30.62 1.81
N ARG E 168 -14.34 -30.17 0.57
CA ARG E 168 -14.21 -31.08 -0.56
C ARG E 168 -12.85 -31.78 -0.55
N ILE E 169 -12.86 -33.05 -0.91
CA ILE E 169 -11.62 -33.83 -1.04
C ILE E 169 -10.73 -33.16 -2.07
N PRO E 170 -9.52 -32.75 -1.70
CA PRO E 170 -8.66 -32.01 -2.62
C PRO E 170 -8.17 -32.91 -3.75
N PRO E 171 -7.81 -32.34 -4.90
CA PRO E 171 -7.31 -33.17 -6.00
C PRO E 171 -6.05 -33.94 -5.67
N GLY E 172 -5.21 -33.41 -4.79
CA GLY E 172 -4.00 -34.12 -4.38
C GLY E 172 -4.27 -35.40 -3.63
N SER E 173 -5.49 -35.57 -3.11
CA SER E 173 -5.91 -36.81 -2.48
C SER E 173 -6.69 -37.71 -3.43
N ILE E 174 -7.71 -37.17 -4.08
CA ILE E 174 -8.53 -37.90 -5.04
C ILE E 174 -8.83 -36.96 -6.19
N ASP E 175 -8.48 -37.37 -7.41
CA ASP E 175 -8.68 -36.52 -8.57
C ASP E 175 -10.17 -36.38 -8.86
N PRO E 176 -10.76 -35.19 -8.70
CA PRO E 176 -12.21 -35.05 -8.93
C PRO E 176 -12.63 -35.21 -10.37
N THR E 177 -11.72 -35.04 -11.33
CA THR E 177 -12.06 -35.27 -12.73
C THR E 177 -12.33 -36.73 -13.04
N VAL E 178 -11.94 -37.64 -12.14
CA VAL E 178 -12.22 -39.07 -12.27
C VAL E 178 -13.48 -39.36 -11.47
N LYS E 179 -14.58 -39.61 -12.17
CA LYS E 179 -15.85 -39.87 -11.51
C LYS E 179 -15.74 -41.08 -10.60
N ASN E 180 -15.72 -40.83 -9.29
CA ASN E 180 -15.54 -41.88 -8.30
C ASN E 180 -16.75 -41.92 -7.37
N LEU E 181 -16.90 -43.06 -6.69
CA LEU E 181 -18.02 -43.31 -5.79
C LEU E 181 -17.62 -43.19 -4.33
N GLN E 182 -16.45 -42.60 -4.04
CA GLN E 182 -16.01 -42.39 -2.66
C GLN E 182 -16.61 -41.08 -2.17
N TRP E 183 -17.82 -41.17 -1.63
CA TRP E 183 -18.62 -40.00 -1.25
C TRP E 183 -18.53 -39.70 0.23
N GLY E 184 -17.35 -39.88 0.82
CA GLY E 184 -17.18 -39.58 2.24
C GLY E 184 -17.48 -38.13 2.58
N ASP E 185 -16.81 -37.20 1.88
CA ASP E 185 -17.03 -35.78 2.15
C ASP E 185 -18.44 -35.36 1.75
N LEU E 186 -18.96 -35.91 0.66
CA LEU E 186 -20.27 -35.50 0.17
C LEU E 186 -21.38 -35.93 1.12
N THR E 187 -21.32 -37.18 1.60
CA THR E 187 -22.34 -37.67 2.52
C THR E 187 -22.37 -36.85 3.80
N ARG E 188 -21.19 -36.44 4.28
CA ARG E 188 -21.16 -35.54 5.43
C ARG E 188 -21.87 -34.23 5.11
N GLY E 189 -21.72 -33.73 3.88
CA GLY E 189 -22.42 -32.52 3.48
C GLY E 189 -23.92 -32.72 3.43
N LEU E 190 -24.36 -33.89 2.95
CA LEU E 190 -25.80 -34.18 2.92
C LEU E 190 -26.37 -34.20 4.32
N PHE E 191 -25.68 -34.85 5.26
CA PHE E 191 -26.13 -34.89 6.64
C PHE E 191 -26.18 -33.48 7.23
N GLU E 192 -25.18 -32.66 6.92
CA GLU E 192 -25.17 -31.28 7.41
C GLU E 192 -26.33 -30.48 6.82
N ALA E 193 -26.61 -30.67 5.53
CA ALA E 193 -27.72 -29.97 4.90
C ALA E 193 -29.05 -30.36 5.54
N ALA E 194 -29.23 -31.64 5.84
CA ALA E 194 -30.45 -32.08 6.53
C ALA E 194 -30.53 -31.49 7.92
N ASP E 195 -29.39 -31.41 8.62
CA ASP E 195 -29.38 -30.84 9.96
C ASP E 195 -29.68 -29.35 9.94
N ARG E 196 -29.33 -28.65 8.85
CA ARG E 196 -29.52 -27.21 8.74
C ARG E 196 -30.78 -26.85 7.97
N GLY E 197 -31.72 -27.78 7.83
CA GLY E 197 -32.97 -27.49 7.18
C GLY E 197 -32.87 -27.21 5.69
N ALA E 198 -31.91 -27.82 5.00
CA ALA E 198 -31.73 -27.65 3.57
C ALA E 198 -31.73 -29.02 2.90
N THR E 199 -31.54 -29.01 1.58
CA THR E 199 -31.54 -30.23 0.79
C THR E 199 -30.29 -30.44 -0.05
N TYR E 200 -29.49 -29.39 -0.29
CA TYR E 200 -28.33 -29.51 -1.15
C TYR E 200 -27.13 -28.83 -0.51
N PRO E 201 -26.02 -29.54 -0.33
CA PRO E 201 -24.82 -28.91 0.23
C PRO E 201 -23.86 -28.42 -0.85
N PHE E 202 -23.28 -27.25 -0.62
CA PHE E 202 -22.20 -26.72 -1.43
C PHE E 202 -20.91 -26.82 -0.64
N LEU E 203 -19.96 -27.58 -1.14
CA LEU E 203 -18.70 -27.80 -0.44
C LEU E 203 -17.67 -26.81 -0.94
N THR E 204 -16.87 -26.28 -0.01
CA THR E 204 -15.81 -25.35 -0.34
C THR E 204 -14.51 -26.08 -0.70
N ASP E 205 -13.66 -25.38 -1.43
CA ASP E 205 -12.36 -25.90 -1.83
C ASP E 205 -11.38 -25.99 -0.66
N GLY E 206 -11.78 -25.54 0.53
CA GLY E 206 -10.86 -25.43 1.64
C GLY E 206 -9.96 -24.21 1.57
N ASP E 207 -10.11 -23.39 0.53
CA ASP E 207 -9.30 -22.21 0.30
C ASP E 207 -10.19 -21.02 -0.02
N ALA E 208 -11.40 -21.00 0.54
CA ALA E 208 -12.38 -19.92 0.34
C ALA E 208 -12.85 -19.85 -1.10
N ASN E 209 -12.99 -21.02 -1.74
CA ASN E 209 -13.47 -21.13 -3.11
C ASN E 209 -14.61 -22.13 -3.17
N LEU E 210 -15.49 -21.92 -4.15
CA LEU E 210 -16.60 -22.83 -4.38
C LEU E 210 -16.16 -24.06 -5.16
N THR E 211 -16.78 -25.20 -4.87
CA THR E 211 -16.46 -26.43 -5.58
C THR E 211 -17.71 -27.02 -6.22
N GLU E 212 -18.36 -27.96 -5.54
CA GLU E 212 -19.54 -28.63 -6.08
C GLU E 212 -20.31 -29.23 -4.91
N GLY E 213 -21.34 -30.01 -5.23
CA GLY E 213 -22.19 -30.59 -4.21
C GLY E 213 -22.32 -32.10 -4.28
N SER E 214 -23.42 -32.62 -3.74
CA SER E 214 -23.64 -34.06 -3.67
C SER E 214 -24.02 -34.63 -5.04
N GLY E 215 -23.05 -34.73 -5.93
CA GLY E 215 -23.28 -35.31 -7.24
C GLY E 215 -23.74 -34.33 -8.29
N PHE E 216 -23.40 -33.05 -8.14
CA PHE E 216 -23.83 -32.03 -9.08
C PHE E 216 -22.83 -30.89 -9.08
N ASN E 217 -22.72 -30.22 -10.23
CA ASN E 217 -21.94 -29.00 -10.34
C ASN E 217 -22.79 -27.80 -9.95
N VAL E 218 -22.12 -26.73 -9.53
CA VAL E 218 -22.78 -25.50 -9.13
C VAL E 218 -22.39 -24.40 -10.11
N LEU E 219 -23.37 -23.65 -10.57
CA LEU E 219 -23.15 -22.55 -11.50
C LEU E 219 -23.81 -21.29 -10.96
N LEU E 220 -23.02 -20.23 -10.85
CA LEU E 220 -23.50 -18.93 -10.41
C LEU E 220 -23.72 -18.03 -11.61
N VAL E 221 -24.71 -17.14 -11.50
CA VAL E 221 -25.01 -16.16 -12.53
C VAL E 221 -24.88 -14.78 -11.88
N LYS E 222 -24.00 -13.94 -12.42
CA LYS E 222 -23.74 -12.63 -11.86
C LYS E 222 -23.51 -11.63 -12.97
N ASP E 223 -24.37 -10.61 -13.03
CA ASP E 223 -24.26 -9.52 -14.00
C ASP E 223 -24.17 -10.06 -15.43
N GLY E 224 -25.08 -10.98 -15.76
CA GLY E 224 -25.18 -11.50 -17.10
C GLY E 224 -24.13 -12.51 -17.50
N VAL E 225 -23.23 -12.89 -16.58
CA VAL E 225 -22.16 -13.83 -16.87
C VAL E 225 -22.30 -15.03 -15.93
N ILE E 226 -22.05 -16.22 -16.47
CA ILE E 226 -22.12 -17.47 -15.71
C ILE E 226 -20.72 -17.82 -15.22
N TYR E 227 -20.64 -18.23 -13.96
CA TYR E 227 -19.38 -18.66 -13.34
C TYR E 227 -19.56 -20.06 -12.77
N THR E 228 -18.53 -20.90 -12.94
CA THR E 228 -18.53 -22.25 -12.41
C THR E 228 -17.10 -22.62 -12.05
N PRO E 229 -16.90 -23.36 -10.97
CA PRO E 229 -15.53 -23.72 -10.56
C PRO E 229 -14.84 -24.58 -11.60
N ASP E 230 -13.53 -24.33 -11.79
CA ASP E 230 -12.72 -25.08 -12.73
C ASP E 230 -12.06 -26.28 -12.07
N ARG E 231 -11.28 -26.04 -11.01
CA ARG E 231 -10.53 -27.08 -10.33
C ARG E 231 -11.31 -27.60 -9.12
N GLY E 232 -10.97 -28.83 -8.73
CA GLY E 232 -11.61 -29.48 -7.60
C GLY E 232 -12.96 -30.07 -7.92
N VAL E 233 -13.38 -30.04 -9.17
CA VAL E 233 -14.73 -30.46 -9.56
C VAL E 233 -14.63 -31.47 -10.68
N LEU E 234 -15.72 -32.20 -10.87
CA LEU E 234 -15.86 -33.05 -12.04
C LEU E 234 -16.38 -32.24 -13.22
N GLN E 235 -15.78 -32.47 -14.38
CA GLN E 235 -16.21 -31.80 -15.60
C GLN E 235 -17.49 -32.48 -16.07
N GLY E 236 -18.62 -31.97 -15.57
CA GLY E 236 -19.89 -32.63 -15.83
C GLY E 236 -20.37 -32.45 -17.26
N VAL E 237 -21.06 -33.47 -17.75
CA VAL E 237 -21.65 -33.39 -19.09
C VAL E 237 -22.81 -32.39 -19.09
N THR E 238 -23.58 -32.34 -18.00
CA THR E 238 -24.64 -31.35 -17.90
C THR E 238 -24.07 -29.94 -17.82
N ARG E 239 -22.94 -29.78 -17.12
CA ARG E 239 -22.24 -28.50 -17.10
C ARG E 239 -21.69 -28.16 -18.50
N LYS E 240 -21.17 -29.17 -19.21
CA LYS E 240 -20.73 -28.96 -20.58
C LYS E 240 -21.91 -28.59 -21.48
N SER E 241 -23.07 -29.17 -21.23
CA SER E 241 -24.26 -28.82 -21.99
C SER E 241 -24.67 -27.38 -21.72
N CYS E 242 -24.50 -26.91 -20.48
CA CYS E 242 -24.78 -25.52 -20.14
C CYS E 242 -23.92 -24.58 -20.95
N ILE E 243 -22.63 -24.91 -21.10
CA ILE E 243 -21.73 -24.06 -21.86
C ILE E 243 -22.14 -24.02 -23.33
N ASP E 244 -22.57 -25.16 -23.86
CA ASP E 244 -23.06 -25.21 -25.25
C ASP E 244 -24.30 -24.33 -25.41
N VAL E 245 -25.27 -24.46 -24.51
CA VAL E 245 -26.50 -23.69 -24.62
C VAL E 245 -26.21 -22.19 -24.51
N ALA E 246 -25.39 -21.81 -23.52
CA ALA E 246 -25.05 -20.41 -23.33
C ALA E 246 -24.32 -19.85 -24.56
N LYS E 247 -23.39 -20.63 -25.11
CA LYS E 247 -22.67 -20.20 -26.30
C LYS E 247 -23.62 -19.92 -27.46
N SER E 248 -24.66 -20.74 -27.60
CA SER E 248 -25.66 -20.49 -28.63
C SER E 248 -26.53 -19.29 -28.28
N LEU E 249 -26.68 -18.98 -27.00
CA LEU E 249 -27.50 -17.86 -26.55
C LEU E 249 -26.72 -16.56 -26.42
N GLY E 250 -25.43 -16.56 -26.69
CA GLY E 250 -24.62 -15.36 -26.51
C GLY E 250 -24.26 -15.05 -25.08
N ILE E 251 -24.49 -15.97 -24.15
CA ILE E 251 -24.13 -15.80 -22.75
C ILE E 251 -22.74 -16.36 -22.52
N GLU E 252 -21.94 -15.63 -21.74
CA GLU E 252 -20.56 -16.01 -21.49
C GLU E 252 -20.47 -16.87 -20.22
N VAL E 253 -19.80 -18.01 -20.34
CA VAL E 253 -19.55 -18.91 -19.21
C VAL E 253 -18.06 -18.88 -18.91
N ARG E 254 -17.71 -18.79 -17.63
CA ARG E 254 -16.31 -18.73 -17.20
C ARG E 254 -16.04 -19.89 -16.26
N VAL E 255 -15.34 -20.91 -16.76
CA VAL E 255 -14.81 -21.98 -15.92
C VAL E 255 -13.52 -21.49 -15.29
N GLN E 256 -13.63 -20.92 -14.09
CA GLN E 256 -12.51 -20.27 -13.42
C GLN E 256 -12.60 -20.58 -11.93
N PHE E 257 -11.67 -20.01 -11.17
CA PHE E 257 -11.71 -20.14 -9.71
C PHE E 257 -12.80 -19.23 -9.17
N VAL E 258 -13.71 -19.81 -8.39
CA VAL E 258 -14.87 -19.06 -7.90
C VAL E 258 -14.76 -18.89 -6.39
N PRO E 259 -14.41 -17.70 -5.90
CA PRO E 259 -14.44 -17.45 -4.45
C PRO E 259 -15.84 -17.68 -3.90
N ILE E 260 -15.91 -18.21 -2.68
CA ILE E 260 -17.19 -18.61 -2.10
C ILE E 260 -18.12 -17.41 -1.93
N GLN E 261 -17.56 -16.20 -1.81
CA GLN E 261 -18.40 -15.01 -1.66
C GLN E 261 -19.29 -14.78 -2.86
N MET E 262 -18.87 -15.24 -4.05
CA MET E 262 -19.67 -15.05 -5.25
C MET E 262 -21.03 -15.73 -5.14
N ALA E 263 -21.11 -16.82 -4.37
CA ALA E 263 -22.39 -17.51 -4.19
C ALA E 263 -23.38 -16.64 -3.43
N TYR E 264 -22.90 -15.81 -2.51
CA TYR E 264 -23.78 -14.94 -1.74
C TYR E 264 -24.11 -13.65 -2.46
N ASP E 265 -23.31 -13.25 -3.44
CA ASP E 265 -23.53 -12.03 -4.22
C ASP E 265 -24.10 -12.32 -5.60
N ALA E 266 -24.42 -13.57 -5.90
CA ALA E 266 -24.87 -13.95 -7.23
C ALA E 266 -26.31 -13.52 -7.48
N ASP E 267 -26.65 -13.32 -8.75
CA ASP E 267 -28.03 -13.00 -9.12
C ASP E 267 -28.89 -14.25 -9.19
N GLU E 268 -28.35 -15.33 -9.76
CA GLU E 268 -29.06 -16.61 -9.82
C GLU E 268 -28.07 -17.74 -9.55
N ILE E 269 -28.60 -18.86 -9.08
CA ILE E 269 -27.82 -20.06 -8.82
C ILE E 269 -28.63 -21.27 -9.29
N PHE E 270 -27.96 -22.21 -9.95
CA PHE E 270 -28.60 -23.46 -10.34
C PHE E 270 -27.56 -24.57 -10.39
N MET E 271 -27.99 -25.78 -10.07
CA MET E 271 -27.14 -26.95 -10.08
C MET E 271 -27.31 -27.71 -11.39
N ALA E 272 -26.35 -28.58 -11.68
CA ALA E 272 -26.35 -29.35 -12.92
C ALA E 272 -25.87 -30.78 -12.66
N THR E 273 -26.64 -31.75 -13.11
CA THR E 273 -26.26 -33.15 -13.05
C THR E 273 -27.15 -33.93 -14.00
N THR E 274 -26.67 -35.11 -14.40
CA THR E 274 -27.44 -35.94 -15.33
C THR E 274 -28.73 -36.45 -14.69
N ALA E 275 -28.72 -36.69 -13.38
CA ALA E 275 -29.92 -37.24 -12.74
C ALA E 275 -31.05 -36.22 -12.71
N GLY E 276 -30.75 -34.96 -12.38
CA GLY E 276 -31.81 -33.99 -12.28
C GLY E 276 -31.94 -33.07 -13.47
N GLY E 277 -30.83 -32.85 -14.18
CA GLY E 277 -30.82 -31.90 -15.27
C GLY E 277 -30.41 -30.53 -14.75
N ILE E 278 -31.17 -29.51 -15.11
CA ILE E 278 -30.96 -28.16 -14.58
C ILE E 278 -31.82 -28.00 -13.34
N MET E 279 -31.19 -27.66 -12.22
CA MET E 279 -31.87 -27.63 -10.92
C MET E 279 -31.64 -26.28 -10.26
N PRO E 280 -32.59 -25.35 -10.36
CA PRO E 280 -32.39 -24.00 -9.82
C PRO E 280 -32.41 -24.00 -8.29
N ILE E 281 -31.59 -23.12 -7.72
CA ILE E 281 -31.53 -22.90 -6.28
C ILE E 281 -32.03 -21.48 -6.00
N THR E 282 -33.07 -21.38 -5.17
CA THR E 282 -33.67 -20.09 -4.85
C THR E 282 -33.48 -19.68 -3.40
N THR E 283 -32.98 -20.57 -2.54
CA THR E 283 -32.74 -20.26 -1.14
C THR E 283 -31.34 -20.75 -0.75
N LEU E 284 -30.50 -19.83 -0.28
CA LEU E 284 -29.14 -20.15 0.14
C LEU E 284 -28.96 -19.70 1.58
N ASP E 285 -28.59 -20.65 2.44
CA ASP E 285 -28.38 -20.38 3.87
C ASP E 285 -29.62 -19.74 4.51
N ASP E 286 -30.78 -20.38 4.27
CA ASP E 286 -32.06 -19.95 4.85
C ASP E 286 -32.39 -18.50 4.50
N LYS E 287 -32.01 -18.06 3.31
CA LYS E 287 -32.29 -16.72 2.83
C LYS E 287 -32.57 -16.81 1.34
N PRO E 288 -33.61 -16.12 0.85
CA PRO E 288 -33.86 -16.13 -0.59
C PRO E 288 -32.69 -15.50 -1.33
N ILE E 289 -32.43 -16.01 -2.54
CA ILE E 289 -31.27 -15.54 -3.29
C ILE E 289 -31.48 -14.10 -3.75
N GLN E 290 -32.49 -13.85 -4.56
CA GLN E 290 -32.83 -12.50 -4.97
C GLN E 290 -34.33 -12.28 -4.86
N SER E 291 -35.09 -12.84 -5.79
CA SER E 291 -36.54 -12.76 -5.77
C SER E 291 -37.20 -14.01 -5.21
N GLY E 292 -36.41 -15.02 -4.82
CA GLY E 292 -36.95 -16.29 -4.36
C GLY E 292 -37.52 -17.17 -5.45
N LYS E 293 -37.52 -16.71 -6.70
CA LYS E 293 -38.04 -17.47 -7.83
C LYS E 293 -36.90 -17.78 -8.79
N VAL E 294 -37.14 -18.74 -9.69
CA VAL E 294 -36.14 -19.11 -10.66
C VAL E 294 -35.82 -17.92 -11.55
N GLY E 295 -34.53 -17.69 -11.79
CA GLY E 295 -34.08 -16.53 -12.50
C GLY E 295 -34.27 -16.66 -14.00
N PRO E 296 -34.08 -15.54 -14.71
CA PRO E 296 -34.25 -15.54 -16.16
C PRO E 296 -33.19 -16.33 -16.89
N ILE E 297 -31.91 -16.09 -16.56
CA ILE E 297 -30.83 -16.84 -17.19
C ILE E 297 -30.95 -18.32 -16.87
N THR E 298 -31.36 -18.64 -15.64
CA THR E 298 -31.60 -20.04 -15.28
C THR E 298 -32.67 -20.66 -16.18
N LYS E 299 -33.72 -19.90 -16.48
CA LYS E 299 -34.79 -20.42 -17.33
C LYS E 299 -34.30 -20.63 -18.77
N LYS E 300 -33.52 -19.69 -19.31
CA LYS E 300 -33.00 -19.86 -20.66
C LYS E 300 -32.10 -21.08 -20.76
N ILE E 301 -31.26 -21.32 -19.75
CA ILE E 301 -30.40 -22.49 -19.76
C ILE E 301 -31.23 -23.76 -19.56
N TRP E 302 -32.22 -23.69 -18.67
CA TRP E 302 -33.11 -24.83 -18.47
C TRP E 302 -33.80 -25.23 -19.76
N ASP E 303 -34.39 -24.24 -20.46
CA ASP E 303 -35.08 -24.51 -21.72
C ASP E 303 -34.12 -25.04 -22.77
N GLY E 304 -32.94 -24.41 -22.90
CA GLY E 304 -31.98 -24.86 -23.90
C GLY E 304 -31.45 -26.25 -23.63
N TYR E 305 -31.23 -26.58 -22.35
CA TYR E 305 -30.73 -27.91 -22.01
C TYR E 305 -31.70 -29.01 -22.46
N TRP E 306 -32.97 -28.86 -22.12
CA TRP E 306 -33.96 -29.85 -22.55
C TRP E 306 -34.33 -29.72 -24.02
N ALA E 307 -33.95 -28.62 -24.67
CA ALA E 307 -34.18 -28.49 -26.11
C ALA E 307 -33.22 -29.38 -26.88
N ILE E 308 -31.93 -29.33 -26.55
CA ILE E 308 -30.93 -30.15 -27.24
C ILE E 308 -31.06 -31.63 -26.92
N HIS E 309 -31.95 -31.99 -25.99
CA HIS E 309 -32.23 -33.40 -25.74
C HIS E 309 -32.93 -34.06 -26.93
N TYR E 310 -33.54 -33.26 -27.81
CA TYR E 310 -34.16 -33.76 -29.03
C TYR E 310 -33.35 -33.38 -30.27
N ASP E 311 -32.15 -32.85 -30.09
CA ASP E 311 -31.27 -32.51 -31.20
C ASP E 311 -30.45 -33.73 -31.59
N ASP E 312 -30.47 -34.06 -32.89
CA ASP E 312 -29.70 -35.20 -33.36
C ASP E 312 -28.21 -35.04 -33.16
N ALA E 313 -27.73 -33.80 -33.01
CA ALA E 313 -26.31 -33.58 -32.73
C ALA E 313 -25.92 -34.01 -31.33
N TYR E 314 -26.88 -34.04 -30.39
CA TYR E 314 -26.59 -34.38 -29.01
C TYR E 314 -27.26 -35.67 -28.56
N SER E 315 -28.09 -36.29 -29.39
CA SER E 315 -28.87 -37.45 -28.95
C SER E 315 -29.24 -38.29 -30.17
N PHE E 316 -29.70 -39.52 -29.88
CA PHE E 316 -30.18 -40.42 -30.90
C PHE E 316 -31.32 -41.27 -30.34
N GLU E 317 -32.23 -41.67 -31.23
CA GLU E 317 -33.44 -42.38 -30.85
C GLU E 317 -33.19 -43.88 -30.76
N ILE E 318 -33.80 -44.52 -29.76
CA ILE E 318 -33.66 -45.95 -29.53
C ILE E 318 -34.82 -46.69 -30.17
N GLN E 319 -34.50 -47.81 -30.83
CA GLN E 319 -35.50 -48.63 -31.52
C GLN E 319 -35.90 -49.80 -30.60
N TYR E 320 -36.83 -49.50 -29.68
CA TYR E 320 -37.41 -50.54 -28.82
C TYR E 320 -37.97 -51.70 -29.63
N THR F 3 10.85 45.75 10.02
CA THR F 3 10.84 45.18 8.68
C THR F 3 10.40 43.72 8.70
N MET F 4 11.11 42.88 7.94
CA MET F 4 10.69 41.49 7.79
C MET F 4 10.93 40.69 9.07
N ASP F 5 12.14 40.74 9.61
CA ASP F 5 12.42 40.02 10.85
C ASP F 5 11.64 40.59 12.03
N GLU F 6 11.33 41.89 11.98
CA GLU F 6 10.59 42.52 13.08
C GLU F 6 9.17 41.97 13.17
N ILE F 7 8.46 41.93 12.04
CA ILE F 7 7.06 41.52 12.06
C ILE F 7 6.94 40.01 12.32
N PHE F 8 7.83 39.22 11.72
CA PHE F 8 7.77 37.77 11.90
C PHE F 8 8.06 37.38 13.35
N ALA F 9 8.99 38.08 14.00
CA ALA F 9 9.32 37.75 15.39
C ALA F 9 8.14 38.04 16.31
N ALA F 10 7.50 39.20 16.15
CA ALA F 10 6.34 39.54 16.97
C ALA F 10 5.17 38.62 16.69
N TYR F 11 5.03 38.14 15.45
CA TYR F 11 3.95 37.22 15.13
C TYR F 11 4.13 35.88 15.82
N GLU F 12 5.33 35.32 15.78
CA GLU F 12 5.58 34.04 16.41
C GLU F 12 5.50 34.13 17.93
N LYS F 13 5.76 35.33 18.48
CA LYS F 13 5.56 35.53 19.92
C LYS F 13 4.08 35.49 20.26
N ARG F 14 3.25 36.21 19.50
CA ARG F 14 1.80 36.15 19.71
C ARG F 14 1.24 34.77 19.35
N GLN F 15 1.86 34.08 18.39
CA GLN F 15 1.43 32.73 18.07
C GLN F 15 1.79 31.75 19.18
N ALA F 16 2.88 32.00 19.91
CA ALA F 16 3.22 31.17 21.05
C ALA F 16 2.20 31.30 22.17
N VAL F 17 1.61 32.48 22.31
CA VAL F 17 0.55 32.67 23.31
C VAL F 17 -0.70 31.90 22.89
N LEU F 18 -1.04 31.94 21.60
CA LEU F 18 -2.24 31.26 21.13
C LEU F 18 -2.06 29.75 21.12
N GLU F 19 -0.84 29.28 20.81
CA GLU F 19 -0.61 27.84 20.71
C GLU F 19 -0.71 27.16 22.07
N GLU F 20 -0.45 27.88 23.15
CA GLU F 20 -0.51 27.34 24.50
C GLU F 20 -1.76 27.79 25.25
N SER F 21 -2.82 28.10 24.52
CA SER F 21 -4.08 28.55 25.11
C SER F 21 -5.00 27.37 25.38
N SER F 22 -5.86 27.53 26.38
CA SER F 22 -6.82 26.51 26.74
C SER F 22 -8.20 26.73 26.13
N ASN F 23 -8.45 27.90 25.56
CA ASN F 23 -9.73 28.19 24.93
C ASN F 23 -9.97 27.23 23.77
N PRO F 24 -11.03 26.43 23.80
CA PRO F 24 -11.29 25.53 22.66
C PRO F 24 -11.59 26.26 21.36
N LEU F 25 -12.06 27.50 21.44
CA LEU F 25 -12.33 28.29 20.24
C LEU F 25 -11.08 28.94 19.66
N SER F 26 -9.94 28.87 20.36
CA SER F 26 -8.72 29.46 19.86
C SER F 26 -8.20 28.76 18.61
N LYS F 27 -8.59 27.51 18.39
CA LYS F 27 -8.22 26.80 17.17
C LYS F 27 -9.09 27.20 15.98
N GLY F 28 -10.20 27.87 16.20
CA GLY F 28 -11.10 28.30 15.15
C GLY F 28 -12.53 28.32 15.65
N ILE F 29 -13.31 29.26 15.11
CA ILE F 29 -14.71 29.42 15.45
C ILE F 29 -15.49 29.66 14.17
N ALA F 30 -16.70 29.09 14.09
CA ALA F 30 -17.52 29.17 12.89
C ALA F 30 -18.91 29.65 13.24
N TRP F 31 -19.54 30.33 12.28
CA TRP F 31 -20.90 30.85 12.41
C TRP F 31 -21.76 30.12 11.38
N VAL F 32 -22.68 29.29 11.86
CA VAL F 32 -23.56 28.51 10.99
C VAL F 32 -25.00 28.70 11.47
N PHE F 33 -25.79 29.43 10.68
CA PHE F 33 -27.22 29.60 10.92
C PHE F 33 -27.51 30.20 12.30
N GLY F 34 -26.67 31.14 12.72
CA GLY F 34 -26.89 31.91 13.93
C GLY F 34 -26.15 31.41 15.15
N GLU F 35 -25.68 30.16 15.16
CA GLU F 35 -25.02 29.58 16.31
C GLU F 35 -23.53 29.47 16.06
N LEU F 36 -22.74 29.72 17.11
CA LEU F 36 -21.29 29.69 17.04
C LEU F 36 -20.79 28.33 17.49
N VAL F 37 -19.99 27.68 16.66
CA VAL F 37 -19.48 26.34 16.90
C VAL F 37 -17.97 26.35 16.72
N PRO F 38 -17.21 25.58 17.51
CA PRO F 38 -15.78 25.39 17.19
C PRO F 38 -15.60 24.94 15.75
N LEU F 39 -14.51 25.40 15.14
CA LEU F 39 -14.32 25.19 13.70
C LEU F 39 -14.24 23.71 13.35
N ALA F 40 -13.64 22.90 14.23
CA ALA F 40 -13.53 21.47 13.95
C ALA F 40 -14.89 20.80 13.92
N GLU F 41 -15.86 21.32 14.67
CA GLU F 41 -17.20 20.75 14.75
C GLU F 41 -18.19 21.46 13.84
N ALA F 42 -17.71 22.14 12.80
CA ALA F 42 -18.57 22.90 11.92
C ALA F 42 -19.19 22.00 10.86
N ARG F 43 -20.50 22.09 10.70
CA ARG F 43 -21.25 21.26 9.76
C ARG F 43 -22.14 22.13 8.88
N ILE F 44 -22.22 21.78 7.61
CA ILE F 44 -23.14 22.44 6.68
C ILE F 44 -24.06 21.37 6.08
N PRO F 45 -25.28 21.71 5.68
CA PRO F 45 -26.15 20.70 5.07
C PRO F 45 -25.57 20.18 3.77
N LEU F 46 -25.64 18.86 3.59
CA LEU F 46 -25.12 18.24 2.37
C LEU F 46 -25.85 18.73 1.13
N MET F 47 -27.14 19.02 1.24
CA MET F 47 -27.95 19.44 0.11
C MET F 47 -27.79 20.92 -0.22
N ASP F 48 -26.88 21.63 0.44
CA ASP F 48 -26.65 23.03 0.12
C ASP F 48 -26.07 23.14 -1.29
N GLN F 49 -26.66 24.03 -2.10
CA GLN F 49 -26.18 24.21 -3.46
C GLN F 49 -24.76 24.77 -3.51
N GLY F 50 -24.29 25.34 -2.41
CA GLY F 50 -22.88 25.72 -2.32
C GLY F 50 -21.94 24.54 -2.34
N PHE F 51 -22.44 23.34 -2.05
CA PHE F 51 -21.66 22.11 -2.15
C PHE F 51 -22.11 21.21 -3.28
N MET F 52 -23.42 21.16 -3.56
CA MET F 52 -23.91 20.31 -4.64
C MET F 52 -23.54 20.86 -6.02
N HIS F 53 -23.35 22.18 -6.13
CA HIS F 53 -22.96 22.76 -7.41
C HIS F 53 -21.99 23.93 -7.25
N SER F 54 -21.47 24.15 -6.05
CA SER F 54 -20.54 25.26 -5.77
C SER F 54 -21.08 26.60 -6.25
N ASP F 55 -22.41 26.73 -6.20
CA ASP F 55 -23.08 27.96 -6.62
C ASP F 55 -23.00 28.97 -5.47
N LEU F 56 -21.84 29.59 -5.35
CA LEU F 56 -21.57 30.49 -4.22
C LEU F 56 -20.52 31.52 -4.63
N THR F 57 -20.27 32.45 -3.71
CA THR F 57 -19.11 33.32 -3.75
C THR F 57 -18.59 33.46 -2.34
N TYR F 58 -17.34 33.92 -2.22
CA TYR F 58 -16.72 34.04 -0.91
C TYR F 58 -15.76 35.22 -0.92
N ASP F 59 -15.27 35.55 0.27
CA ASP F 59 -14.29 36.62 0.42
C ASP F 59 -13.53 36.42 1.73
N VAL F 60 -12.28 36.84 1.74
CA VAL F 60 -11.38 36.56 2.86
C VAL F 60 -10.82 37.84 3.43
N PRO F 61 -11.42 38.40 4.50
CA PRO F 61 -10.76 39.51 5.20
C PRO F 61 -9.59 39.03 6.04
N SER F 62 -8.87 39.95 6.67
CA SER F 62 -7.71 39.60 7.47
C SER F 62 -7.65 40.49 8.70
N VAL F 63 -7.08 39.95 9.77
CA VAL F 63 -6.83 40.70 10.99
C VAL F 63 -5.41 40.36 11.47
N TRP F 64 -4.60 41.40 11.68
CA TRP F 64 -3.22 41.24 12.07
C TRP F 64 -2.95 42.05 13.33
N ASP F 65 -2.38 41.40 14.35
CA ASP F 65 -2.07 42.03 15.63
C ASP F 65 -3.32 42.66 16.24
N GLY F 66 -4.45 42.00 16.07
CA GLY F 66 -5.70 42.50 16.59
C GLY F 66 -6.26 43.68 15.84
N ARG F 67 -6.05 43.76 14.53
CA ARG F 67 -6.52 44.87 13.72
C ARG F 67 -7.10 44.33 12.41
N PHE F 68 -8.41 44.46 12.24
CA PHE F 68 -9.05 44.07 10.98
C PHE F 68 -8.49 44.91 9.84
N PHE F 69 -7.96 44.24 8.82
CA PHE F 69 -7.26 44.89 7.72
C PHE F 69 -8.20 45.02 6.52
N ARG F 70 -8.59 46.26 6.21
CA ARG F 70 -9.41 46.60 5.05
C ARG F 70 -10.67 45.74 4.99
N LEU F 71 -11.47 45.84 6.06
CA LEU F 71 -12.69 45.04 6.13
C LEU F 71 -13.78 45.60 5.23
N ASP F 72 -13.93 46.92 5.19
CA ASP F 72 -14.95 47.52 4.34
C ASP F 72 -14.72 47.18 2.87
N ASP F 73 -13.46 47.12 2.45
CA ASP F 73 -13.16 46.76 1.06
C ASP F 73 -13.58 45.33 0.77
N HIS F 74 -13.38 44.42 1.73
CA HIS F 74 -13.74 43.03 1.50
C HIS F 74 -15.26 42.84 1.50
N ILE F 75 -15.96 43.50 2.41
CA ILE F 75 -17.42 43.39 2.43
C ILE F 75 -18.01 43.98 1.15
N ALA F 76 -17.40 45.05 0.64
CA ALA F 76 -17.87 45.64 -0.60
C ALA F 76 -17.64 44.72 -1.79
N ARG F 77 -16.45 44.12 -1.87
CA ARG F 77 -16.17 43.17 -2.94
C ARG F 77 -17.05 41.93 -2.85
N LEU F 78 -17.38 41.50 -1.62
CA LEU F 78 -18.31 40.38 -1.45
C LEU F 78 -19.70 40.76 -1.94
N GLU F 79 -20.15 41.97 -1.63
CA GLU F 79 -21.45 42.42 -2.11
C GLU F 79 -21.47 42.56 -3.63
N ALA F 80 -20.36 43.02 -4.20
CA ALA F 80 -20.29 43.13 -5.66
C ALA F 80 -20.29 41.75 -6.32
N SER F 81 -19.63 40.77 -5.69
CA SER F 81 -19.62 39.42 -6.26
C SER F 81 -20.98 38.77 -6.15
N CYS F 82 -21.71 39.03 -5.06
CA CYS F 82 -23.06 38.47 -4.91
C CYS F 82 -24.00 39.01 -5.96
N ALA F 83 -23.94 40.32 -6.23
CA ALA F 83 -24.83 40.92 -7.21
C ALA F 83 -24.54 40.43 -8.62
N LYS F 84 -23.27 40.14 -8.92
CA LYS F 84 -22.92 39.70 -10.27
C LYS F 84 -23.49 38.32 -10.58
N MET F 85 -23.57 37.43 -9.59
CA MET F 85 -24.15 36.10 -9.78
C MET F 85 -25.52 35.99 -9.13
N ARG F 86 -26.25 37.10 -9.04
CA ARG F 86 -27.64 37.12 -8.59
C ARG F 86 -27.80 36.54 -7.18
N LEU F 87 -26.91 36.93 -6.28
CA LEU F 87 -26.99 36.54 -4.88
C LEU F 87 -27.20 37.78 -4.02
N GLN F 88 -27.66 37.54 -2.79
CA GLN F 88 -27.93 38.62 -1.84
C GLN F 88 -27.27 38.26 -0.51
N LEU F 89 -26.59 39.23 0.09
CA LEU F 89 -26.01 39.04 1.41
C LEU F 89 -27.15 38.87 2.40
N PRO F 90 -27.29 37.67 3.00
CA PRO F 90 -28.49 37.38 3.80
C PRO F 90 -28.64 38.26 5.04
N LEU F 91 -27.60 38.96 5.46
CA LEU F 91 -27.68 39.83 6.62
C LEU F 91 -27.16 41.21 6.26
N PRO F 92 -27.61 42.25 6.97
CA PRO F 92 -27.08 43.60 6.71
C PRO F 92 -25.58 43.65 6.90
N ARG F 93 -24.93 44.48 6.08
CA ARG F 93 -23.46 44.49 6.04
C ARG F 93 -22.86 44.93 7.37
N GLU F 94 -23.48 45.90 8.04
CA GLU F 94 -22.94 46.36 9.32
C GLU F 94 -23.09 45.29 10.41
N GLU F 95 -24.16 44.49 10.34
CA GLU F 95 -24.31 43.41 11.30
C GLU F 95 -23.27 42.32 11.05
N VAL F 96 -22.92 42.07 9.79
CA VAL F 96 -21.91 41.06 9.47
C VAL F 96 -20.57 41.43 10.09
N LYS F 97 -20.18 42.70 9.97
CA LYS F 97 -18.92 43.14 10.57
C LYS F 97 -18.96 43.01 12.09
N GLN F 98 -20.11 43.30 12.70
CA GLN F 98 -20.23 43.19 14.15
C GLN F 98 -20.11 41.74 14.61
N ILE F 99 -20.68 40.81 13.84
CA ILE F 99 -20.55 39.39 14.17
C ILE F 99 -19.11 38.93 13.95
N LEU F 100 -18.46 39.45 12.91
CA LEU F 100 -17.07 39.07 12.64
C LEU F 100 -16.15 39.53 13.76
N VAL F 101 -16.31 40.78 14.20
CA VAL F 101 -15.51 41.27 15.33
C VAL F 101 -15.79 40.44 16.58
N ASP F 102 -17.05 40.06 16.78
CA ASP F 102 -17.40 39.24 17.94
C ASP F 102 -16.77 37.86 17.86
N MET F 103 -16.73 37.27 16.66
CA MET F 103 -16.15 35.94 16.51
C MET F 103 -14.64 35.96 16.76
N VAL F 104 -13.95 36.98 16.28
CA VAL F 104 -12.51 37.06 16.48
C VAL F 104 -12.19 37.33 17.94
N ALA F 105 -13.00 38.16 18.61
CA ALA F 105 -12.76 38.46 20.01
C ALA F 105 -12.97 37.22 20.88
N LYS F 106 -14.00 36.43 20.58
CA LYS F 106 -14.23 35.20 21.35
C LYS F 106 -13.14 34.16 21.07
N SER F 107 -12.60 34.13 19.86
CA SER F 107 -11.55 33.19 19.51
C SER F 107 -10.19 33.56 20.10
N GLU F 108 -10.03 34.79 20.58
CA GLU F 108 -8.79 35.31 21.14
C GLU F 108 -7.64 35.32 20.14
N ILE F 109 -7.92 35.10 18.85
CA ILE F 109 -6.88 35.04 17.84
C ILE F 109 -6.52 36.46 17.40
N LYS F 110 -5.22 36.77 17.43
CA LYS F 110 -4.73 38.12 17.05
C LYS F 110 -4.44 38.15 15.54
N ASP F 111 -3.96 37.03 14.99
CA ASP F 111 -3.62 36.93 13.57
C ASP F 111 -4.49 35.82 12.99
N ALA F 112 -5.58 36.19 12.31
CA ALA F 112 -6.59 35.23 11.94
C ALA F 112 -6.91 35.29 10.45
N PHE F 113 -7.35 34.15 9.93
CA PHE F 113 -7.86 34.01 8.57
C PHE F 113 -9.37 33.97 8.66
N VAL F 114 -10.03 35.00 8.12
CA VAL F 114 -11.48 35.11 8.16
C VAL F 114 -12.03 34.86 6.77
N GLU F 115 -13.10 34.08 6.69
CA GLU F 115 -13.72 33.76 5.40
C GLU F 115 -15.23 33.83 5.51
N LEU F 116 -15.86 34.53 4.56
CA LEU F 116 -17.31 34.62 4.46
C LEU F 116 -17.75 33.85 3.22
N ILE F 117 -18.84 33.09 3.35
CA ILE F 117 -19.36 32.28 2.26
C ILE F 117 -20.86 32.57 2.11
N VAL F 118 -21.28 32.89 0.88
CA VAL F 118 -22.68 33.14 0.57
C VAL F 118 -23.06 32.18 -0.55
N THR F 119 -23.93 31.22 -0.26
CA THR F 119 -24.33 30.20 -1.20
C THR F 119 -25.74 30.48 -1.74
N ARG F 120 -26.09 29.76 -2.80
CA ARG F 120 -27.39 29.94 -3.42
C ARG F 120 -28.53 29.52 -2.50
N GLY F 121 -28.27 28.58 -1.60
CA GLY F 121 -29.29 28.07 -0.71
C GLY F 121 -29.58 26.60 -0.94
N LEU F 122 -30.70 26.11 -0.41
CA LEU F 122 -31.06 24.72 -0.59
C LEU F 122 -31.71 24.44 -1.93
N LYS F 123 -32.30 25.45 -2.56
CA LYS F 123 -32.97 25.31 -3.85
C LYS F 123 -32.01 25.73 -4.96
N GLY F 124 -31.92 24.90 -6.00
CA GLY F 124 -31.01 25.16 -7.10
C GLY F 124 -31.57 26.12 -8.13
N VAL F 125 -30.72 26.45 -9.08
CA VAL F 125 -31.11 27.37 -10.15
C VAL F 125 -31.66 26.63 -11.37
N ARG F 126 -31.26 25.37 -11.56
CA ARG F 126 -31.71 24.58 -12.70
C ARG F 126 -33.23 24.50 -12.87
N GLY F 127 -33.92 24.10 -11.81
CA GLY F 127 -35.37 24.19 -11.76
C GLY F 127 -35.80 25.16 -10.69
N HIS F 128 -35.85 26.44 -11.00
CA HIS F 128 -36.33 27.47 -10.09
C HIS F 128 -37.65 28.04 -10.56
N THR F 129 -38.57 28.24 -9.62
CA THR F 129 -39.84 28.88 -9.90
C THR F 129 -39.64 30.39 -9.83
N PRO F 130 -39.78 31.11 -10.95
CA PRO F 130 -39.38 32.54 -10.95
C PRO F 130 -40.15 33.40 -9.97
N GLY F 131 -41.39 33.04 -9.64
CA GLY F 131 -42.15 33.83 -8.68
C GLY F 131 -41.51 33.84 -7.31
N GLU F 132 -41.19 32.66 -6.79
CA GLU F 132 -40.50 32.57 -5.51
C GLU F 132 -39.03 32.97 -5.66
N THR F 133 -38.48 33.55 -4.60
CA THR F 133 -37.09 33.98 -4.59
C THR F 133 -36.22 32.92 -3.92
N PHE F 134 -34.93 33.20 -3.85
CA PHE F 134 -33.96 32.29 -3.26
C PHE F 134 -33.80 32.58 -1.77
N LYS F 135 -33.52 31.52 -1.01
CA LYS F 135 -33.19 31.62 0.41
C LYS F 135 -31.69 31.37 0.55
N ASN F 136 -30.91 32.42 0.30
CA ASN F 136 -29.46 32.29 0.30
C ASN F 136 -28.94 32.02 1.72
N HIS F 137 -27.84 31.27 1.78
CA HIS F 137 -27.23 30.88 3.04
C HIS F 137 -25.93 31.63 3.25
N LEU F 138 -25.54 31.75 4.52
CA LEU F 138 -24.33 32.47 4.91
C LEU F 138 -23.54 31.63 5.90
N TYR F 139 -22.26 31.39 5.57
CA TYR F 139 -21.35 30.68 6.46
C TYR F 139 -20.11 31.53 6.66
N MET F 140 -19.72 31.72 7.92
CA MET F 140 -18.55 32.52 8.27
C MET F 140 -17.75 31.78 9.32
N PHE F 141 -16.42 31.91 9.25
CA PHE F 141 -15.57 31.28 10.25
C PHE F 141 -14.26 32.05 10.39
N VAL F 142 -13.69 31.99 11.58
CA VAL F 142 -12.40 32.59 11.89
C VAL F 142 -11.40 31.47 12.17
N GLN F 143 -10.19 31.61 11.63
CA GLN F 143 -9.18 30.56 11.66
C GLN F 143 -7.82 31.21 11.84
N PRO F 144 -6.88 30.54 12.53
CA PRO F 144 -5.51 31.07 12.61
C PRO F 144 -4.94 31.42 11.25
N TYR F 145 -4.07 32.43 11.24
CA TYR F 145 -3.54 33.01 10.00
C TYR F 145 -2.87 31.94 9.15
N VAL F 146 -3.36 31.77 7.92
CA VAL F 146 -2.86 30.76 7.00
C VAL F 146 -1.76 31.39 6.13
N TRP F 147 -0.65 30.68 6.00
CA TRP F 147 0.49 31.15 5.22
C TRP F 147 0.58 30.36 3.93
N VAL F 148 0.26 31.01 2.81
CA VAL F 148 0.55 30.40 1.51
C VAL F 148 2.06 30.27 1.32
N MET F 149 2.82 31.21 1.88
CA MET F 149 4.28 31.11 1.94
C MET F 149 4.71 31.35 3.38
N ASP F 150 5.39 30.35 3.96
CA ASP F 150 5.80 30.45 5.35
C ASP F 150 6.78 31.60 5.54
N PRO F 151 6.84 32.18 6.74
CA PRO F 151 7.76 33.31 6.98
C PRO F 151 9.22 32.97 6.72
N ASP F 152 9.64 31.74 7.03
CA ASP F 152 11.02 31.34 6.77
C ASP F 152 11.32 31.33 5.27
N ILE F 153 10.30 31.08 4.44
CA ILE F 153 10.50 31.07 3.00
C ILE F 153 10.34 32.46 2.39
N GLN F 154 9.55 33.34 3.02
CA GLN F 154 9.41 34.70 2.51
C GLN F 154 10.72 35.48 2.58
N LYS F 155 11.61 35.11 3.50
CA LYS F 155 12.92 35.75 3.57
C LYS F 155 13.74 35.44 2.31
N THR F 156 13.64 34.21 1.81
CA THR F 156 14.42 33.77 0.66
C THR F 156 13.62 33.70 -0.63
N GLY F 157 12.30 33.70 -0.56
CA GLY F 157 11.48 33.56 -1.74
C GLY F 157 11.23 32.10 -2.11
N GLY F 158 10.14 31.89 -2.85
CA GLY F 158 9.72 30.56 -3.24
C GLY F 158 10.05 30.24 -4.70
N LYS F 159 9.72 29.01 -5.08
CA LYS F 159 9.93 28.51 -6.43
C LYS F 159 8.59 28.40 -7.14
N ALA F 160 8.54 28.92 -8.37
CA ALA F 160 7.32 28.92 -9.16
C ALA F 160 7.61 28.38 -10.56
N ILE F 161 6.55 27.97 -11.24
CA ILE F 161 6.63 27.50 -12.62
C ILE F 161 5.51 28.15 -13.43
N ILE F 162 5.75 28.28 -14.74
CA ILE F 162 4.72 28.67 -15.68
C ILE F 162 4.04 27.39 -16.15
N ALA F 163 2.79 27.18 -15.71
CA ALA F 163 2.10 25.93 -15.98
C ALA F 163 1.91 25.72 -17.47
N ARG F 164 2.27 24.53 -17.95
CA ARG F 164 2.12 24.19 -19.35
C ARG F 164 0.94 23.26 -19.63
N THR F 165 0.46 22.54 -18.62
CA THR F 165 -0.56 21.52 -18.82
C THR F 165 -1.98 22.02 -18.58
N VAL F 166 -2.15 23.22 -18.02
CA VAL F 166 -3.47 23.74 -17.68
C VAL F 166 -3.50 25.24 -17.94
N ARG F 167 -4.64 25.74 -18.39
CA ARG F 167 -4.87 27.15 -18.64
C ARG F 167 -5.87 27.71 -17.63
N ARG F 168 -5.89 29.02 -17.50
CA ARG F 168 -6.85 29.68 -16.64
C ARG F 168 -8.24 29.62 -17.25
N ILE F 169 -9.25 29.42 -16.39
CA ILE F 169 -10.64 29.42 -16.83
C ILE F 169 -10.96 30.81 -17.37
N PRO F 170 -11.28 30.94 -18.65
CA PRO F 170 -11.45 32.27 -19.25
C PRO F 170 -12.66 32.99 -18.68
N PRO F 171 -12.69 34.32 -18.76
CA PRO F 171 -13.85 35.06 -18.24
C PRO F 171 -15.15 34.72 -18.94
N GLY F 172 -15.08 34.30 -20.21
CA GLY F 172 -16.29 33.92 -20.94
C GLY F 172 -17.00 32.71 -20.36
N SER F 173 -16.33 31.95 -19.51
CA SER F 173 -16.94 30.83 -18.79
C SER F 173 -17.27 31.22 -17.36
N ILE F 174 -16.27 31.60 -16.58
CA ILE F 174 -16.43 32.05 -15.20
C ILE F 174 -15.72 33.38 -15.06
N ASP F 175 -16.44 34.40 -14.64
CA ASP F 175 -15.85 35.73 -14.45
C ASP F 175 -14.86 35.68 -13.30
N PRO F 176 -13.55 35.86 -13.55
CA PRO F 176 -12.57 35.77 -12.45
C PRO F 176 -12.71 36.90 -11.44
N THR F 177 -13.37 38.00 -11.79
CA THR F 177 -13.60 39.08 -10.85
C THR F 177 -14.60 38.71 -9.76
N VAL F 178 -15.32 37.60 -9.91
CA VAL F 178 -16.22 37.08 -8.89
C VAL F 178 -15.47 35.99 -8.14
N LYS F 179 -15.10 36.26 -6.89
CA LYS F 179 -14.31 35.33 -6.09
C LYS F 179 -15.07 34.03 -5.86
N ASN F 180 -14.71 32.98 -6.59
CA ASN F 180 -15.39 31.69 -6.51
C ASN F 180 -14.42 30.61 -6.04
N LEU F 181 -14.98 29.47 -5.65
CA LEU F 181 -14.21 28.35 -5.13
C LEU F 181 -14.11 27.19 -6.11
N GLN F 182 -14.47 27.40 -7.37
CA GLN F 182 -14.36 26.36 -8.39
C GLN F 182 -12.92 26.35 -8.90
N TRP F 183 -12.07 25.63 -8.17
CA TRP F 183 -10.64 25.59 -8.43
C TRP F 183 -10.25 24.41 -9.31
N GLY F 184 -10.99 24.17 -10.39
CA GLY F 184 -10.64 23.08 -11.29
C GLY F 184 -9.27 23.28 -11.92
N ASP F 185 -9.02 24.47 -12.46
CA ASP F 185 -7.74 24.78 -13.07
C ASP F 185 -6.66 25.02 -12.03
N LEU F 186 -7.01 25.67 -10.92
CA LEU F 186 -6.01 26.01 -9.91
C LEU F 186 -5.49 24.76 -9.20
N THR F 187 -6.37 23.77 -8.98
CA THR F 187 -5.92 22.52 -8.39
C THR F 187 -5.02 21.76 -9.33
N ARG F 188 -5.37 21.72 -10.63
CA ARG F 188 -4.50 21.09 -11.61
C ARG F 188 -3.13 21.77 -11.66
N GLY F 189 -3.11 23.10 -11.53
CA GLY F 189 -1.83 23.80 -11.50
C GLY F 189 -0.99 23.45 -10.29
N LEU F 190 -1.64 23.26 -9.14
CA LEU F 190 -0.91 22.86 -7.94
C LEU F 190 -0.34 21.47 -8.09
N PHE F 191 -1.08 20.55 -8.72
CA PHE F 191 -0.55 19.21 -8.97
C PHE F 191 0.63 19.26 -9.93
N GLU F 192 0.57 20.16 -10.92
CA GLU F 192 1.68 20.25 -11.89
C GLU F 192 2.91 20.85 -11.24
N ALA F 193 2.73 21.83 -10.33
CA ALA F 193 3.87 22.42 -9.63
C ALA F 193 4.59 21.38 -8.80
N ALA F 194 3.84 20.48 -8.15
CA ALA F 194 4.47 19.43 -7.36
C ALA F 194 5.16 18.40 -8.24
N ASP F 195 4.65 18.17 -9.46
CA ASP F 195 5.29 17.23 -10.36
C ASP F 195 6.61 17.78 -10.91
N ARG F 196 6.69 19.09 -11.11
CA ARG F 196 7.87 19.72 -11.68
C ARG F 196 8.80 20.29 -10.60
N GLY F 197 8.67 19.80 -9.36
CA GLY F 197 9.57 20.21 -8.30
C GLY F 197 9.47 21.65 -7.88
N ALA F 198 8.30 22.27 -8.03
CA ALA F 198 8.05 23.64 -7.62
C ALA F 198 6.96 23.67 -6.57
N THR F 199 6.61 24.88 -6.12
CA THR F 199 5.61 25.08 -5.09
C THR F 199 4.41 25.89 -5.54
N TYR F 200 4.54 26.72 -6.59
CA TYR F 200 3.47 27.61 -6.99
C TYR F 200 3.29 27.60 -8.50
N PRO F 201 2.07 27.51 -9.00
CA PRO F 201 1.85 27.57 -10.45
C PRO F 201 1.43 28.94 -10.95
N PHE F 202 1.99 29.37 -12.08
CA PHE F 202 1.51 30.53 -12.81
C PHE F 202 0.72 30.04 -14.02
N LEU F 203 -0.54 30.46 -14.12
CA LEU F 203 -1.42 29.98 -15.18
C LEU F 203 -1.51 30.99 -16.31
N THR F 204 -1.48 30.50 -17.54
CA THR F 204 -1.66 31.31 -18.73
C THR F 204 -3.15 31.43 -19.05
N ASP F 205 -3.52 32.55 -19.67
CA ASP F 205 -4.89 32.74 -20.11
C ASP F 205 -5.24 31.88 -21.32
N GLY F 206 -4.34 31.02 -21.78
CA GLY F 206 -4.54 30.28 -23.00
C GLY F 206 -4.27 31.06 -24.26
N ASP F 207 -3.89 32.34 -24.13
CA ASP F 207 -3.60 33.20 -25.27
C ASP F 207 -2.27 33.92 -25.09
N ALA F 208 -1.31 33.23 -24.46
CA ALA F 208 0.05 33.75 -24.27
C ALA F 208 0.05 35.04 -23.46
N ASN F 209 -0.67 35.04 -22.34
CA ASN F 209 -0.69 36.16 -21.42
C ASN F 209 -0.71 35.64 -19.99
N LEU F 210 0.00 36.34 -19.11
CA LEU F 210 0.01 35.97 -17.70
C LEU F 210 -1.32 36.30 -17.05
N THR F 211 -1.70 35.49 -16.06
CA THR F 211 -2.91 35.74 -15.29
C THR F 211 -2.72 35.75 -13.78
N GLU F 212 -2.89 34.59 -13.14
CA GLU F 212 -2.71 34.47 -11.71
C GLU F 212 -2.42 33.02 -11.37
N GLY F 213 -2.31 32.74 -10.06
CA GLY F 213 -2.01 31.40 -9.59
C GLY F 213 -3.11 30.81 -8.74
N SER F 214 -2.75 29.84 -7.89
CA SER F 214 -3.72 29.14 -7.06
C SER F 214 -4.04 30.00 -5.83
N GLY F 215 -4.94 30.95 -6.02
CA GLY F 215 -5.41 31.79 -4.94
C GLY F 215 -4.61 33.06 -4.72
N PHE F 216 -3.90 33.55 -5.73
CA PHE F 216 -3.08 34.74 -5.57
C PHE F 216 -2.86 35.36 -6.94
N ASN F 217 -2.53 36.64 -6.95
CA ASN F 217 -2.17 37.38 -8.15
CA ASN F 217 -2.18 37.32 -8.18
C ASN F 217 -0.66 37.47 -8.28
N VAL F 218 -0.19 37.60 -9.51
CA VAL F 218 1.24 37.69 -9.80
C VAL F 218 1.57 39.11 -10.23
N LEU F 219 2.66 39.64 -9.69
CA LEU F 219 3.13 40.98 -10.03
C LEU F 219 4.59 40.91 -10.44
N LEU F 220 4.90 41.46 -11.60
CA LEU F 220 6.26 41.49 -12.12
C LEU F 220 6.87 42.87 -11.95
N VAL F 221 8.19 42.89 -11.80
CA VAL F 221 8.95 44.13 -11.70
C VAL F 221 10.00 44.12 -12.81
N LYS F 222 9.89 45.08 -13.72
CA LYS F 222 10.79 45.16 -14.87
C LYS F 222 11.20 46.60 -15.09
N ASP F 223 12.49 46.88 -14.93
CA ASP F 223 13.06 48.21 -15.16
C ASP F 223 12.36 49.27 -14.29
N GLY F 224 12.18 48.94 -13.02
CA GLY F 224 11.63 49.87 -12.06
C GLY F 224 10.14 50.09 -12.13
N VAL F 225 9.42 49.34 -12.97
CA VAL F 225 7.98 49.48 -13.13
C VAL F 225 7.32 48.16 -12.78
N ILE F 226 6.21 48.22 -12.07
CA ILE F 226 5.46 47.04 -11.65
C ILE F 226 4.39 46.74 -12.69
N TYR F 227 4.31 45.47 -13.10
CA TYR F 227 3.31 45.02 -14.05
C TYR F 227 2.49 43.90 -13.43
N THR F 228 1.19 43.90 -13.72
CA THR F 228 0.29 42.86 -13.23
C THR F 228 -0.85 42.70 -14.23
N PRO F 229 -1.33 41.48 -14.44
CA PRO F 229 -2.39 41.27 -15.43
C PRO F 229 -3.68 41.98 -15.04
N ASP F 230 -4.35 42.53 -16.05
CA ASP F 230 -5.61 43.23 -15.87
C ASP F 230 -6.82 42.29 -16.01
N ARG F 231 -6.89 41.57 -17.11
CA ARG F 231 -8.01 40.68 -17.39
C ARG F 231 -7.65 39.24 -17.08
N GLY F 232 -8.67 38.45 -16.73
CA GLY F 232 -8.49 37.04 -16.43
C GLY F 232 -8.13 36.75 -14.98
N VAL F 233 -8.20 37.76 -14.11
CA VAL F 233 -7.78 37.60 -12.72
C VAL F 233 -8.84 38.23 -11.81
N LEU F 234 -8.66 38.02 -10.52
CA LEU F 234 -9.43 38.71 -9.50
C LEU F 234 -8.72 40.01 -9.11
N GLN F 235 -9.51 41.05 -8.85
CA GLN F 235 -8.97 42.31 -8.36
C GLN F 235 -8.65 42.13 -6.88
N GLY F 236 -7.46 41.63 -6.59
CA GLY F 236 -7.09 41.37 -5.22
C GLY F 236 -6.99 42.64 -4.41
N VAL F 237 -7.39 42.56 -3.13
CA VAL F 237 -7.22 43.71 -2.26
C VAL F 237 -5.75 43.88 -1.89
N THR F 238 -4.99 42.78 -1.90
CA THR F 238 -3.55 42.89 -1.66
C THR F 238 -2.84 43.44 -2.89
N ARG F 239 -3.30 43.09 -4.09
CA ARG F 239 -2.77 43.70 -5.29
C ARG F 239 -3.06 45.20 -5.31
N LYS F 240 -4.29 45.58 -4.97
CA LYS F 240 -4.63 46.99 -4.87
C LYS F 240 -3.99 47.64 -3.65
N SER F 241 -3.61 46.86 -2.64
CA SER F 241 -2.79 47.40 -1.56
C SER F 241 -1.36 47.66 -2.04
N CYS F 242 -0.86 46.79 -2.93
CA CYS F 242 0.43 47.05 -3.55
C CYS F 242 0.39 48.31 -4.42
N ILE F 243 -0.74 48.54 -5.09
CA ILE F 243 -0.91 49.75 -5.88
C ILE F 243 -0.93 50.98 -4.99
N ASP F 244 -1.62 50.90 -3.84
CA ASP F 244 -1.64 52.02 -2.91
C ASP F 244 -0.24 52.33 -2.39
N VAL F 245 0.52 51.30 -2.03
CA VAL F 245 1.87 51.52 -1.52
C VAL F 245 2.77 52.06 -2.63
N ALA F 246 2.70 51.47 -3.82
CA ALA F 246 3.57 51.90 -4.92
C ALA F 246 3.30 53.34 -5.30
N LYS F 247 2.02 53.76 -5.29
CA LYS F 247 1.70 55.15 -5.60
C LYS F 247 2.25 56.09 -4.54
N SER F 248 2.30 55.66 -3.28
CA SER F 248 2.88 56.48 -2.22
C SER F 248 4.41 56.49 -2.26
N LEU F 249 5.03 55.47 -2.82
CA LEU F 249 6.48 55.39 -2.94
C LEU F 249 7.02 55.97 -4.24
N GLY F 250 6.14 56.46 -5.12
CA GLY F 250 6.57 56.97 -6.41
C GLY F 250 6.84 55.91 -7.44
N ILE F 251 6.48 54.66 -7.17
CA ILE F 251 6.68 53.57 -8.12
C ILE F 251 5.41 53.43 -8.97
N GLU F 252 5.59 53.33 -10.28
CA GLU F 252 4.46 53.19 -11.19
C GLU F 252 4.04 51.73 -11.29
N VAL F 253 2.73 51.48 -11.22
CA VAL F 253 2.16 50.17 -11.41
C VAL F 253 1.24 50.22 -12.62
N ARG F 254 1.31 49.19 -13.46
CA ARG F 254 0.55 49.13 -14.71
C ARG F 254 -0.35 47.91 -14.69
N VAL F 255 -1.65 48.14 -14.63
CA VAL F 255 -2.64 47.05 -14.62
C VAL F 255 -3.04 46.84 -16.08
N GLN F 256 -2.21 46.09 -16.80
CA GLN F 256 -2.36 45.92 -18.23
C GLN F 256 -2.19 44.45 -18.59
N PHE F 257 -2.32 44.16 -19.88
CA PHE F 257 -2.09 42.81 -20.38
C PHE F 257 -0.61 42.48 -20.34
N VAL F 258 -0.27 41.37 -19.72
CA VAL F 258 1.13 40.96 -19.54
C VAL F 258 1.42 39.73 -20.38
N PRO F 259 2.14 39.87 -21.49
CA PRO F 259 2.59 38.68 -22.23
C PRO F 259 3.47 37.81 -21.35
N ILE F 260 3.36 36.50 -21.56
CA ILE F 260 4.02 35.54 -20.67
C ILE F 260 5.54 35.67 -20.71
N GLN F 261 6.09 36.21 -21.80
CA GLN F 261 7.54 36.38 -21.88
C GLN F 261 8.06 37.38 -20.84
N MET F 262 7.20 38.32 -20.41
CA MET F 262 7.63 39.28 -19.40
C MET F 262 7.98 38.61 -18.08
N ALA F 263 7.37 37.46 -17.78
CA ALA F 263 7.70 36.75 -16.56
C ALA F 263 9.13 36.24 -16.59
N TYR F 264 9.62 35.82 -17.75
CA TYR F 264 10.98 35.34 -17.88
C TYR F 264 12.00 36.47 -18.01
N ASP F 265 11.56 37.64 -18.44
CA ASP F 265 12.44 38.79 -18.58
C ASP F 265 12.31 39.78 -17.44
N ALA F 266 11.50 39.47 -16.44
CA ALA F 266 11.30 40.39 -15.33
C ALA F 266 12.52 40.41 -14.41
N ASP F 267 12.68 41.53 -13.69
CA ASP F 267 13.75 41.67 -12.72
C ASP F 267 13.38 41.11 -11.35
N GLU F 268 12.11 41.23 -10.96
CA GLU F 268 11.61 40.68 -9.70
C GLU F 268 10.21 40.11 -9.94
N ILE F 269 9.85 39.12 -9.13
CA ILE F 269 8.52 38.52 -9.17
C ILE F 269 8.04 38.31 -7.74
N PHE F 270 6.79 38.66 -7.48
CA PHE F 270 6.19 38.43 -6.16
C PHE F 270 4.69 38.27 -6.32
N MET F 271 4.08 37.64 -5.32
CA MET F 271 2.65 37.35 -5.31
C MET F 271 1.93 38.25 -4.31
N ALA F 272 0.61 38.18 -4.34
CA ALA F 272 -0.23 38.99 -3.46
C ALA F 272 -1.52 38.24 -3.16
N THR F 273 -1.77 37.98 -1.88
CA THR F 273 -3.02 37.40 -1.43
C THR F 273 -3.16 37.71 0.05
N THR F 274 -4.41 37.70 0.53
CA THR F 274 -4.65 38.02 1.94
C THR F 274 -4.07 36.96 2.87
N ALA F 275 -3.94 35.72 2.38
CA ALA F 275 -3.44 34.64 3.23
C ALA F 275 -1.96 34.86 3.57
N GLY F 276 -1.09 34.83 2.56
CA GLY F 276 0.33 34.98 2.81
C GLY F 276 0.80 36.41 2.88
N GLY F 277 0.08 37.32 2.24
CA GLY F 277 0.50 38.71 2.15
C GLY F 277 1.27 38.95 0.84
N ILE F 278 2.49 39.44 0.96
CA ILE F 278 3.38 39.60 -0.19
C ILE F 278 4.41 38.47 -0.14
N MET F 279 4.47 37.69 -1.22
CA MET F 279 5.28 36.47 -1.26
C MET F 279 6.25 36.52 -2.42
N PRO F 280 7.52 36.82 -2.18
CA PRO F 280 8.48 36.94 -3.28
C PRO F 280 8.78 35.60 -3.93
N ILE F 281 9.14 35.66 -5.21
CA ILE F 281 9.53 34.48 -5.99
C ILE F 281 10.93 34.73 -6.53
N THR F 282 11.84 33.80 -6.25
CA THR F 282 13.22 33.90 -6.70
C THR F 282 13.63 32.83 -7.68
N THR F 283 12.85 31.76 -7.83
CA THR F 283 13.15 30.68 -8.77
C THR F 283 11.96 30.45 -9.67
N LEU F 284 12.20 30.49 -10.98
CA LEU F 284 11.15 30.30 -11.97
C LEU F 284 11.63 29.27 -12.99
N ASP F 285 10.87 28.17 -13.12
CA ASP F 285 11.22 27.07 -14.01
C ASP F 285 12.60 26.50 -13.69
N ASP F 286 12.81 26.21 -12.40
CA ASP F 286 14.07 25.65 -11.91
C ASP F 286 15.26 26.52 -12.31
N LYS F 287 15.08 27.84 -12.24
CA LYS F 287 16.11 28.77 -12.62
C LYS F 287 15.93 30.04 -11.78
N PRO F 288 17.00 30.60 -11.23
CA PRO F 288 16.87 31.86 -10.50
C PRO F 288 16.36 32.98 -11.41
N ILE F 289 15.63 33.92 -10.80
CA ILE F 289 15.08 35.04 -11.57
C ILE F 289 16.24 35.94 -11.97
N GLN F 290 16.85 36.61 -11.02
CA GLN F 290 18.11 37.33 -11.20
C GLN F 290 19.29 37.15 -10.26
N SER F 291 19.19 37.70 -9.05
CA SER F 291 20.15 37.40 -7.98
C SER F 291 19.76 36.20 -7.13
N GLY F 292 18.56 35.65 -7.31
CA GLY F 292 18.10 34.55 -6.48
C GLY F 292 17.65 34.96 -5.10
N LYS F 293 17.78 36.23 -4.73
CA LYS F 293 17.30 36.76 -3.46
C LYS F 293 16.12 37.68 -3.72
N VAL F 294 15.45 38.08 -2.63
CA VAL F 294 14.30 38.96 -2.73
C VAL F 294 14.74 40.31 -3.28
N GLY F 295 14.05 40.79 -4.30
CA GLY F 295 14.42 42.01 -4.98
C GLY F 295 14.20 43.25 -4.12
N PRO F 296 14.78 44.38 -4.55
CA PRO F 296 14.64 45.62 -3.79
C PRO F 296 13.22 46.17 -3.78
N ILE F 297 12.63 46.29 -4.97
CA ILE F 297 11.26 46.79 -5.06
C ILE F 297 10.30 45.87 -4.32
N THR F 298 10.58 44.56 -4.34
CA THR F 298 9.76 43.61 -3.58
C THR F 298 9.83 43.90 -2.09
N LYS F 299 11.01 44.25 -1.59
CA LYS F 299 11.15 44.53 -0.16
C LYS F 299 10.45 45.83 0.22
N LYS F 300 10.55 46.85 -0.63
CA LYS F 300 9.87 48.12 -0.35
C LYS F 300 8.37 47.93 -0.26
N ILE F 301 7.78 47.24 -1.24
CA ILE F 301 6.35 47.00 -1.23
C ILE F 301 5.97 46.08 -0.07
N TRP F 302 6.86 45.14 0.29
CA TRP F 302 6.60 44.28 1.44
C TRP F 302 6.52 45.09 2.72
N ASP F 303 7.46 46.00 2.92
CA ASP F 303 7.45 46.85 4.11
C ASP F 303 6.23 47.76 4.12
N GLY F 304 5.90 48.36 2.97
CA GLY F 304 4.76 49.26 2.91
C GLY F 304 3.44 48.55 3.10
N TYR F 305 3.35 47.28 2.69
CA TYR F 305 2.12 46.53 2.87
C TYR F 305 1.82 46.28 4.34
N TRP F 306 2.82 45.75 5.08
CA TRP F 306 2.63 45.52 6.51
C TRP F 306 2.68 46.80 7.33
N ALA F 307 3.12 47.91 6.74
CA ALA F 307 3.11 49.18 7.46
C ALA F 307 1.69 49.72 7.59
N ILE F 308 0.92 49.66 6.51
CA ILE F 308 -0.43 50.21 6.49
C ILE F 308 -1.37 49.27 7.23
N HIS F 309 -0.86 48.10 7.63
CA HIS F 309 -1.66 47.20 8.47
C HIS F 309 -1.99 47.82 9.83
N TYR F 310 -1.23 48.83 10.26
CA TYR F 310 -1.49 49.52 11.51
C TYR F 310 -2.07 50.92 11.29
N ASP F 311 -2.39 51.27 10.04
CA ASP F 311 -2.94 52.58 9.73
C ASP F 311 -4.44 52.59 10.00
N ASP F 312 -4.92 53.64 10.66
CA ASP F 312 -6.35 53.76 10.92
C ASP F 312 -7.16 53.91 9.63
N ALA F 313 -6.54 54.40 8.56
CA ALA F 313 -7.25 54.54 7.29
C ALA F 313 -7.51 53.18 6.64
N TYR F 314 -6.66 52.19 6.92
CA TYR F 314 -6.81 50.86 6.34
C TYR F 314 -7.22 49.80 7.34
N SER F 315 -7.30 50.13 8.63
CA SER F 315 -7.57 49.13 9.64
C SER F 315 -8.15 49.79 10.89
N PHE F 316 -8.77 48.96 11.72
CA PHE F 316 -9.23 49.36 13.05
C PHE F 316 -8.90 48.24 14.02
N GLU F 317 -8.49 48.63 15.24
CA GLU F 317 -8.12 47.65 16.30
C GLU F 317 -9.40 47.00 16.85
N ILE F 318 -9.30 45.75 17.32
CA ILE F 318 -10.47 45.02 17.88
C ILE F 318 -10.37 45.02 19.41
N GLN F 319 -11.50 45.29 20.08
CA GLN F 319 -11.54 45.33 21.56
C GLN F 319 -11.86 43.93 22.10
N TYR F 320 -10.82 43.11 22.32
CA TYR F 320 -11.00 41.72 22.82
C TYR F 320 -11.59 41.77 24.24
#